data_1BUN
# 
_entry.id   1BUN 
# 
_audit_conform.dict_name       mmcif_pdbx.dic 
_audit_conform.dict_version    5.398 
_audit_conform.dict_location   http://mmcif.pdb.org/dictionaries/ascii/mmcif_pdbx.dic 
# 
loop_
_database_2.database_id 
_database_2.database_code 
_database_2.pdbx_database_accession 
_database_2.pdbx_DOI 
PDB   1BUN         pdb_00001bun 10.2210/pdb1bun/pdb 
WWPDB D_1000172097 ?            ?                   
# 
loop_
_pdbx_audit_revision_history.ordinal 
_pdbx_audit_revision_history.data_content_type 
_pdbx_audit_revision_history.major_revision 
_pdbx_audit_revision_history.minor_revision 
_pdbx_audit_revision_history.revision_date 
1 'Structure model' 1 0 1996-04-03 
2 'Structure model' 1 1 2008-03-24 
3 'Structure model' 1 2 2011-07-13 
4 'Structure model' 1 3 2024-06-05 
5 'Structure model' 1 4 2024-10-30 
# 
_pdbx_audit_revision_details.ordinal             1 
_pdbx_audit_revision_details.revision_ordinal    1 
_pdbx_audit_revision_details.data_content_type   'Structure model' 
_pdbx_audit_revision_details.provider            repository 
_pdbx_audit_revision_details.type                'Initial release' 
_pdbx_audit_revision_details.description         ? 
_pdbx_audit_revision_details.details             ? 
# 
loop_
_pdbx_audit_revision_group.ordinal 
_pdbx_audit_revision_group.revision_ordinal 
_pdbx_audit_revision_group.data_content_type 
_pdbx_audit_revision_group.group 
1 2 'Structure model' 'Version format compliance' 
2 3 'Structure model' 'Version format compliance' 
3 4 'Structure model' 'Data collection'           
4 4 'Structure model' 'Database references'       
5 4 'Structure model' 'Derived calculations'      
6 4 'Structure model' Other                       
7 5 'Structure model' 'Structure summary'         
# 
loop_
_pdbx_audit_revision_category.ordinal 
_pdbx_audit_revision_category.revision_ordinal 
_pdbx_audit_revision_category.data_content_type 
_pdbx_audit_revision_category.category 
1  4 'Structure model' chem_comp_atom            
2  4 'Structure model' chem_comp_bond            
3  4 'Structure model' database_2                
4  4 'Structure model' pdbx_database_status      
5  4 'Structure model' pdbx_struct_conn_angle    
6  4 'Structure model' struct_conn               
7  4 'Structure model' struct_ref_seq_dif        
8  4 'Structure model' struct_site               
9  5 'Structure model' pdbx_entry_details        
10 5 'Structure model' pdbx_modification_feature 
# 
loop_
_pdbx_audit_revision_item.ordinal 
_pdbx_audit_revision_item.revision_ordinal 
_pdbx_audit_revision_item.data_content_type 
_pdbx_audit_revision_item.item 
1  4 'Structure model' '_database_2.pdbx_DOI'                         
2  4 'Structure model' '_database_2.pdbx_database_accession'          
3  4 'Structure model' '_pdbx_database_status.process_site'           
4  4 'Structure model' '_pdbx_struct_conn_angle.ptnr1_auth_comp_id'   
5  4 'Structure model' '_pdbx_struct_conn_angle.ptnr1_auth_seq_id'    
6  4 'Structure model' '_pdbx_struct_conn_angle.ptnr1_label_atom_id'  
7  4 'Structure model' '_pdbx_struct_conn_angle.ptnr1_label_comp_id'  
8  4 'Structure model' '_pdbx_struct_conn_angle.ptnr1_label_seq_id'   
9  4 'Structure model' '_pdbx_struct_conn_angle.ptnr3_auth_comp_id'   
10 4 'Structure model' '_pdbx_struct_conn_angle.ptnr3_auth_seq_id'    
11 4 'Structure model' '_pdbx_struct_conn_angle.ptnr3_label_atom_id'  
12 4 'Structure model' '_pdbx_struct_conn_angle.ptnr3_label_comp_id'  
13 4 'Structure model' '_pdbx_struct_conn_angle.ptnr3_label_seq_id'   
14 4 'Structure model' '_pdbx_struct_conn_angle.value'                
15 4 'Structure model' '_struct_conn.pdbx_dist_value'                 
16 4 'Structure model' '_struct_conn.ptnr1_auth_comp_id'              
17 4 'Structure model' '_struct_conn.ptnr1_auth_seq_id'               
18 4 'Structure model' '_struct_conn.ptnr1_label_asym_id'             
19 4 'Structure model' '_struct_conn.ptnr1_label_atom_id'             
20 4 'Structure model' '_struct_conn.ptnr1_label_comp_id'             
21 4 'Structure model' '_struct_conn.ptnr1_label_seq_id'              
22 4 'Structure model' '_struct_conn.ptnr2_auth_comp_id'              
23 4 'Structure model' '_struct_conn.ptnr2_auth_seq_id'               
24 4 'Structure model' '_struct_conn.ptnr2_label_asym_id'             
25 4 'Structure model' '_struct_conn.ptnr2_label_atom_id'             
26 4 'Structure model' '_struct_conn.ptnr2_label_comp_id'             
27 4 'Structure model' '_struct_conn.ptnr2_label_seq_id'              
28 4 'Structure model' '_struct_ref_seq_dif.details'                  
29 4 'Structure model' '_struct_site.pdbx_auth_asym_id'               
30 4 'Structure model' '_struct_site.pdbx_auth_comp_id'               
31 4 'Structure model' '_struct_site.pdbx_auth_seq_id'                
32 5 'Structure model' '_pdbx_entry_details.has_protein_modification' 
# 
_pdbx_database_status.status_code                     REL 
_pdbx_database_status.entry_id                        1BUN 
_pdbx_database_status.recvd_initial_deposition_date   1995-10-15 
_pdbx_database_status.deposit_site                    ? 
_pdbx_database_status.process_site                    BNL 
_pdbx_database_status.SG_entry                        . 
_pdbx_database_status.pdb_format_compatible           Y 
_pdbx_database_status.status_code_mr                  ? 
_pdbx_database_status.status_code_sf                  ? 
_pdbx_database_status.status_code_cs                  ? 
_pdbx_database_status.status_code_nmr_data            ? 
_pdbx_database_status.methods_development_category    ? 
# 
loop_
_audit_author.name 
_audit_author.pdbx_ordinal 
'Kwong, P.D.'       1 
'Mcdonald, N.Q.'    2 
'Sigler, P.B.'      3 
'Hendrickson, W.A.' 4 
# 
_citation.id                        primary 
_citation.title                     
'Structure of beta 2-bungarotoxin: potassium channel binding by Kunitz modules and targeted phospholipase action.' 
_citation.journal_abbrev            Structure 
_citation.journal_volume            3 
_citation.page_first                1109 
_citation.page_last                 1119 
_citation.year                      1995 
_citation.journal_id_ASTM           STRUE6 
_citation.country                   UK 
_citation.journal_id_ISSN           0969-2126 
_citation.journal_id_CSD            2005 
_citation.book_publisher            ? 
_citation.pdbx_database_id_PubMed   8590005 
_citation.pdbx_database_id_DOI      '10.1016/S0969-2126(01)00246-5' 
# 
loop_
_citation_author.citation_id 
_citation_author.name 
_citation_author.ordinal 
_citation_author.identifier_ORCID 
primary 'Kwong, P.D.'       1 ? 
primary 'McDonald, N.Q.'    2 ? 
primary 'Sigler, P.B.'      3 ? 
primary 'Hendrickson, W.A.' 4 ? 
# 
loop_
_entity.id 
_entity.type 
_entity.src_method 
_entity.pdbx_description 
_entity.formula_weight 
_entity.pdbx_number_of_molecules 
_entity.pdbx_ec 
_entity.pdbx_mutation 
_entity.pdbx_fragment 
_entity.details 
1 polymer     nat BETA2-BUNGAROTOXIN 13521.376 1  3.1.1.4 ? ? 'NUMEROUS NATURAL ISOFORMS, THIS IS THE BETA2 ISOFORM' 
2 polymer     nat BETA2-BUNGAROTOXIN 7213.304  1  3.1.1.4 ? ? 'NUMEROUS NATURAL ISOFORMS, THIS IS THE BETA2 ISOFORM' 
3 non-polymer syn 'SODIUM ION'       22.990    2  ?       ? ? ?                                                      
4 water       nat water              18.015    81 ?       ? ? ?                                                      
# 
loop_
_entity_name_com.entity_id 
_entity_name_com.name 
1 'PHOSPHATIDE ACYL-HYDROLASE, PHOSPHATIDYLCHOLINE 2-ACYLHYDROLASE' 
2 'PHOSPHATIDE ACYL-HYDROLASE, PHOSPHATIDYLCHOLINE 2-ACYLHYDROLASE' 
# 
loop_
_entity_poly.entity_id 
_entity_poly.type 
_entity_poly.nstd_linkage 
_entity_poly.nstd_monomer 
_entity_poly.pdbx_seq_one_letter_code 
_entity_poly.pdbx_seq_one_letter_code_can 
_entity_poly.pdbx_strand_id 
_entity_poly.pdbx_target_identifier 
1 'polypeptide(L)' no no 
;NLINFMEMIRYTIPCEKTWGEYADYGCYCGAGGSGRPIDALDRCCYVHDNCYGDAEKKHKCNPKTQSYSYKLTKRTIICY
GAAGTCARIVCDCDRTAALCFGNSEYIEGHKNIDTARFCQ
;
;NLINFMEMIRYTIPCEKTWGEYADYGCYCGAGGSGRPIDALDRCCYVHDNCYGDAEKKHKCNPKTQSYSYKLTKRTIICY
GAAGTCARIVCDCDRTAALCFGNSEYIEGHKNIDTARFCQ
;
A ? 
2 'polypeptide(L)' no no RKRHPDCDKPPDTKICQTVVRAFYYKPSAKRCVQFRYGGCNGNGNHFKSDHLCRCECLEYR 
RKRHPDCDKPPDTKICQTVVRAFYYKPSAKRCVQFRYGGCNGNGNHFKSDHLCRCECLEYR                                                               B ? 
# 
loop_
_pdbx_entity_nonpoly.entity_id 
_pdbx_entity_nonpoly.name 
_pdbx_entity_nonpoly.comp_id 
3 'SODIUM ION' NA  
4 water        HOH 
# 
loop_
_entity_poly_seq.entity_id 
_entity_poly_seq.num 
_entity_poly_seq.mon_id 
_entity_poly_seq.hetero 
1 1   ASN n 
1 2   LEU n 
1 3   ILE n 
1 4   ASN n 
1 5   PHE n 
1 6   MET n 
1 7   GLU n 
1 8   MET n 
1 9   ILE n 
1 10  ARG n 
1 11  TYR n 
1 12  THR n 
1 13  ILE n 
1 14  PRO n 
1 15  CYS n 
1 16  GLU n 
1 17  LYS n 
1 18  THR n 
1 19  TRP n 
1 20  GLY n 
1 21  GLU n 
1 22  TYR n 
1 23  ALA n 
1 24  ASP n 
1 25  TYR n 
1 26  GLY n 
1 27  CYS n 
1 28  TYR n 
1 29  CYS n 
1 30  GLY n 
1 31  ALA n 
1 32  GLY n 
1 33  GLY n 
1 34  SER n 
1 35  GLY n 
1 36  ARG n 
1 37  PRO n 
1 38  ILE n 
1 39  ASP n 
1 40  ALA n 
1 41  LEU n 
1 42  ASP n 
1 43  ARG n 
1 44  CYS n 
1 45  CYS n 
1 46  TYR n 
1 47  VAL n 
1 48  HIS n 
1 49  ASP n 
1 50  ASN n 
1 51  CYS n 
1 52  TYR n 
1 53  GLY n 
1 54  ASP n 
1 55  ALA n 
1 56  GLU n 
1 57  LYS n 
1 58  LYS n 
1 59  HIS n 
1 60  LYS n 
1 61  CYS n 
1 62  ASN n 
1 63  PRO n 
1 64  LYS n 
1 65  THR n 
1 66  GLN n 
1 67  SER n 
1 68  TYR n 
1 69  SER n 
1 70  TYR n 
1 71  LYS n 
1 72  LEU n 
1 73  THR n 
1 74  LYS n 
1 75  ARG n 
1 76  THR n 
1 77  ILE n 
1 78  ILE n 
1 79  CYS n 
1 80  TYR n 
1 81  GLY n 
1 82  ALA n 
1 83  ALA n 
1 84  GLY n 
1 85  THR n 
1 86  CYS n 
1 87  ALA n 
1 88  ARG n 
1 89  ILE n 
1 90  VAL n 
1 91  CYS n 
1 92  ASP n 
1 93  CYS n 
1 94  ASP n 
1 95  ARG n 
1 96  THR n 
1 97  ALA n 
1 98  ALA n 
1 99  LEU n 
1 100 CYS n 
1 101 PHE n 
1 102 GLY n 
1 103 ASN n 
1 104 SER n 
1 105 GLU n 
1 106 TYR n 
1 107 ILE n 
1 108 GLU n 
1 109 GLY n 
1 110 HIS n 
1 111 LYS n 
1 112 ASN n 
1 113 ILE n 
1 114 ASP n 
1 115 THR n 
1 116 ALA n 
1 117 ARG n 
1 118 PHE n 
1 119 CYS n 
1 120 GLN n 
2 1   ARG n 
2 2   LYS n 
2 3   ARG n 
2 4   HIS n 
2 5   PRO n 
2 6   ASP n 
2 7   CYS n 
2 8   ASP n 
2 9   LYS n 
2 10  PRO n 
2 11  PRO n 
2 12  ASP n 
2 13  THR n 
2 14  LYS n 
2 15  ILE n 
2 16  CYS n 
2 17  GLN n 
2 18  THR n 
2 19  VAL n 
2 20  VAL n 
2 21  ARG n 
2 22  ALA n 
2 23  PHE n 
2 24  TYR n 
2 25  TYR n 
2 26  LYS n 
2 27  PRO n 
2 28  SER n 
2 29  ALA n 
2 30  LYS n 
2 31  ARG n 
2 32  CYS n 
2 33  VAL n 
2 34  GLN n 
2 35  PHE n 
2 36  ARG n 
2 37  TYR n 
2 38  GLY n 
2 39  GLY n 
2 40  CYS n 
2 41  ASN n 
2 42  GLY n 
2 43  ASN n 
2 44  GLY n 
2 45  ASN n 
2 46  HIS n 
2 47  PHE n 
2 48  LYS n 
2 49  SER n 
2 50  ASP n 
2 51  HIS n 
2 52  LEU n 
2 53  CYS n 
2 54  ARG n 
2 55  CYS n 
2 56  GLU n 
2 57  CYS n 
2 58  LEU n 
2 59  GLU n 
2 60  TYR n 
2 61  ARG n 
# 
loop_
_entity_src_nat.entity_id 
_entity_src_nat.pdbx_src_id 
_entity_src_nat.pdbx_alt_source_flag 
_entity_src_nat.pdbx_beg_seq_num 
_entity_src_nat.pdbx_end_seq_num 
_entity_src_nat.common_name 
_entity_src_nat.pdbx_organism_scientific 
_entity_src_nat.pdbx_ncbi_taxonomy_id 
_entity_src_nat.genus 
_entity_src_nat.species 
_entity_src_nat.strain 
_entity_src_nat.tissue 
_entity_src_nat.tissue_fraction 
_entity_src_nat.pdbx_secretion 
_entity_src_nat.pdbx_fragment 
_entity_src_nat.pdbx_variant 
_entity_src_nat.pdbx_cell_line 
_entity_src_nat.pdbx_atcc 
_entity_src_nat.pdbx_cellular_location 
_entity_src_nat.pdbx_organ 
_entity_src_nat.pdbx_organelle 
_entity_src_nat.pdbx_cell 
_entity_src_nat.pdbx_plasmid_name 
_entity_src_nat.pdbx_plasmid_details 
_entity_src_nat.details 
1 1 sample ? ? 'many-banded krait' 'Bungarus multicinctus' 8616 Bungarus ? ? VENOM ? ? ? ? ? ? ? ? ? ? ? ? ? 
2 1 sample ? ? 'many-banded krait' 'Bungarus multicinctus' 8616 Bungarus ? ? VENOM ? ? ? ? ? ? ? ? ? ? ? ? ? 
# 
loop_
_chem_comp.id 
_chem_comp.type 
_chem_comp.mon_nstd_flag 
_chem_comp.name 
_chem_comp.pdbx_synonyms 
_chem_comp.formula 
_chem_comp.formula_weight 
ALA 'L-peptide linking' y ALANINE         ? 'C3 H7 N O2'     89.093  
ARG 'L-peptide linking' y ARGININE        ? 'C6 H15 N4 O2 1' 175.209 
ASN 'L-peptide linking' y ASPARAGINE      ? 'C4 H8 N2 O3'    132.118 
ASP 'L-peptide linking' y 'ASPARTIC ACID' ? 'C4 H7 N O4'     133.103 
CYS 'L-peptide linking' y CYSTEINE        ? 'C3 H7 N O2 S'   121.158 
GLN 'L-peptide linking' y GLUTAMINE       ? 'C5 H10 N2 O3'   146.144 
GLU 'L-peptide linking' y 'GLUTAMIC ACID' ? 'C5 H9 N O4'     147.129 
GLY 'peptide linking'   y GLYCINE         ? 'C2 H5 N O2'     75.067  
HIS 'L-peptide linking' y HISTIDINE       ? 'C6 H10 N3 O2 1' 156.162 
HOH non-polymer         . WATER           ? 'H2 O'           18.015  
ILE 'L-peptide linking' y ISOLEUCINE      ? 'C6 H13 N O2'    131.173 
LEU 'L-peptide linking' y LEUCINE         ? 'C6 H13 N O2'    131.173 
LYS 'L-peptide linking' y LYSINE          ? 'C6 H15 N2 O2 1' 147.195 
MET 'L-peptide linking' y METHIONINE      ? 'C5 H11 N O2 S'  149.211 
NA  non-polymer         . 'SODIUM ION'    ? 'Na 1'           22.990  
PHE 'L-peptide linking' y PHENYLALANINE   ? 'C9 H11 N O2'    165.189 
PRO 'L-peptide linking' y PROLINE         ? 'C5 H9 N O2'     115.130 
SER 'L-peptide linking' y SERINE          ? 'C3 H7 N O3'     105.093 
THR 'L-peptide linking' y THREONINE       ? 'C4 H9 N O3'     119.119 
TRP 'L-peptide linking' y TRYPTOPHAN      ? 'C11 H12 N2 O2'  204.225 
TYR 'L-peptide linking' y TYROSINE        ? 'C9 H11 N O3'    181.189 
VAL 'L-peptide linking' y VALINE          ? 'C5 H11 N O2'    117.146 
# 
loop_
_pdbx_poly_seq_scheme.asym_id 
_pdbx_poly_seq_scheme.entity_id 
_pdbx_poly_seq_scheme.seq_id 
_pdbx_poly_seq_scheme.mon_id 
_pdbx_poly_seq_scheme.ndb_seq_num 
_pdbx_poly_seq_scheme.pdb_seq_num 
_pdbx_poly_seq_scheme.auth_seq_num 
_pdbx_poly_seq_scheme.pdb_mon_id 
_pdbx_poly_seq_scheme.auth_mon_id 
_pdbx_poly_seq_scheme.pdb_strand_id 
_pdbx_poly_seq_scheme.pdb_ins_code 
_pdbx_poly_seq_scheme.hetero 
A 1 1   ASN 1   1   1   ASN ASN A . n 
A 1 2   LEU 2   2   2   LEU LEU A . n 
A 1 3   ILE 3   3   3   ILE ILE A . n 
A 1 4   ASN 4   4   4   ASN ASN A . n 
A 1 5   PHE 5   5   5   PHE PHE A . n 
A 1 6   MET 6   6   6   MET MET A . n 
A 1 7   GLU 7   7   7   GLU GLU A . n 
A 1 8   MET 8   8   8   MET MET A . n 
A 1 9   ILE 9   9   9   ILE ILE A . n 
A 1 10  ARG 10  10  10  ARG ARG A . n 
A 1 11  TYR 11  11  11  TYR TYR A . n 
A 1 12  THR 12  12  12  THR THR A . n 
A 1 13  ILE 13  13  13  ILE ILE A . n 
A 1 14  PRO 14  14  14  PRO PRO A . n 
A 1 15  CYS 15  15  15  CYS CYS A . n 
A 1 16  GLU 16  16  16  GLU GLU A . n 
A 1 17  LYS 17  17  17  LYS LYS A . n 
A 1 18  THR 18  18  18  THR THR A . n 
A 1 19  TRP 19  19  19  TRP TRP A . n 
A 1 20  GLY 20  20  20  GLY GLY A . n 
A 1 21  GLU 21  21  21  GLU GLU A . n 
A 1 22  TYR 22  22  22  TYR TYR A . n 
A 1 23  ALA 23  23  23  ALA ALA A . n 
A 1 24  ASP 24  24  24  ASP ASP A . n 
A 1 25  TYR 25  25  25  TYR TYR A . n 
A 1 26  GLY 26  26  26  GLY GLY A . n 
A 1 27  CYS 27  27  27  CYS CYS A . n 
A 1 28  TYR 28  28  28  TYR TYR A . n 
A 1 29  CYS 29  29  29  CYS CYS A . n 
A 1 30  GLY 30  30  30  GLY GLY A . n 
A 1 31  ALA 31  31  31  ALA ALA A . n 
A 1 32  GLY 32  32  32  GLY GLY A . n 
A 1 33  GLY 33  33  33  GLY GLY A . n 
A 1 34  SER 34  34  34  SER SER A . n 
A 1 35  GLY 35  35  35  GLY GLY A . n 
A 1 36  ARG 36  36  36  ARG ARG A . n 
A 1 37  PRO 37  37  37  PRO PRO A . n 
A 1 38  ILE 38  38  38  ILE ILE A . n 
A 1 39  ASP 39  39  39  ASP ASP A . n 
A 1 40  ALA 40  40  40  ALA ALA A . n 
A 1 41  LEU 41  41  41  LEU LEU A . n 
A 1 42  ASP 42  42  42  ASP ASP A . n 
A 1 43  ARG 43  43  43  ARG ARG A . n 
A 1 44  CYS 44  44  44  CYS CYS A . n 
A 1 45  CYS 45  45  45  CYS CYS A . n 
A 1 46  TYR 46  46  46  TYR TYR A . n 
A 1 47  VAL 47  47  47  VAL VAL A . n 
A 1 48  HIS 48  48  48  HIS HIS A . n 
A 1 49  ASP 49  49  49  ASP ASP A . n 
A 1 50  ASN 50  50  50  ASN ASN A . n 
A 1 51  CYS 51  51  51  CYS CYS A . n 
A 1 52  TYR 52  52  52  TYR TYR A . n 
A 1 53  GLY 53  53  53  GLY GLY A . n 
A 1 54  ASP 54  54  54  ASP ASP A . n 
A 1 55  ALA 55  55  55  ALA ALA A . n 
A 1 56  GLU 56  56  56  GLU GLU A . n 
A 1 57  LYS 57  57  57  LYS LYS A . n 
A 1 58  LYS 58  58  58  LYS LYS A . n 
A 1 59  HIS 59  59  59  HIS HIS A . n 
A 1 60  LYS 60  60  60  LYS LYS A . n 
A 1 61  CYS 61  61  61  CYS CYS A . n 
A 1 62  ASN 62  62  62  ASN ASN A . n 
A 1 63  PRO 63  63  63  PRO PRO A . n 
A 1 64  LYS 64  64  64  LYS LYS A . n 
A 1 65  THR 65  65  65  THR THR A . n 
A 1 66  GLN 66  66  66  GLN GLN A . n 
A 1 67  SER 67  67  67  SER SER A . n 
A 1 68  TYR 68  68  68  TYR TYR A . n 
A 1 69  SER 69  69  69  SER SER A . n 
A 1 70  TYR 70  70  70  TYR TYR A . n 
A 1 71  LYS 71  71  71  LYS LYS A . n 
A 1 72  LEU 72  72  72  LEU LEU A . n 
A 1 73  THR 73  73  73  THR THR A . n 
A 1 74  LYS 74  74  74  LYS LYS A . n 
A 1 75  ARG 75  75  75  ARG ARG A . n 
A 1 76  THR 76  76  76  THR THR A . n 
A 1 77  ILE 77  77  77  ILE ILE A . n 
A 1 78  ILE 78  78  78  ILE ILE A . n 
A 1 79  CYS 79  79  79  CYS CYS A . n 
A 1 80  TYR 80  80  80  TYR TYR A . n 
A 1 81  GLY 81  81  81  GLY GLY A . n 
A 1 82  ALA 82  82  82  ALA ALA A . n 
A 1 83  ALA 83  83  83  ALA ALA A . n 
A 1 84  GLY 84  84  84  GLY GLY A . n 
A 1 85  THR 85  85  85  THR THR A . n 
A 1 86  CYS 86  86  86  CYS CYS A . n 
A 1 87  ALA 87  87  87  ALA ALA A . n 
A 1 88  ARG 88  88  88  ARG ARG A . n 
A 1 89  ILE 89  89  89  ILE ILE A . n 
A 1 90  VAL 90  90  90  VAL VAL A . n 
A 1 91  CYS 91  91  91  CYS CYS A . n 
A 1 92  ASP 92  92  92  ASP ASP A . n 
A 1 93  CYS 93  93  93  CYS CYS A . n 
A 1 94  ASP 94  94  94  ASP ASP A . n 
A 1 95  ARG 95  95  95  ARG ARG A . n 
A 1 96  THR 96  96  96  THR THR A . n 
A 1 97  ALA 97  97  97  ALA ALA A . n 
A 1 98  ALA 98  98  98  ALA ALA A . n 
A 1 99  LEU 99  99  99  LEU LEU A . n 
A 1 100 CYS 100 100 100 CYS CYS A . n 
A 1 101 PHE 101 101 101 PHE PHE A . n 
A 1 102 GLY 102 102 102 GLY GLY A . n 
A 1 103 ASN 103 103 103 ASN ASN A . n 
A 1 104 SER 104 104 104 SER SER A . n 
A 1 105 GLU 105 105 105 GLU GLU A . n 
A 1 106 TYR 106 106 106 TYR TYR A . n 
A 1 107 ILE 107 107 107 ILE ILE A . n 
A 1 108 GLU 108 108 108 GLU GLU A . n 
A 1 109 GLY 109 109 109 GLY GLY A . n 
A 1 110 HIS 110 110 110 HIS HIS A . n 
A 1 111 LYS 111 111 111 LYS LYS A . n 
A 1 112 ASN 112 112 112 ASN ASN A . n 
A 1 113 ILE 113 113 113 ILE ILE A . n 
A 1 114 ASP 114 114 114 ASP ASP A . n 
A 1 115 THR 115 115 115 THR THR A . n 
A 1 116 ALA 116 116 116 ALA ALA A . n 
A 1 117 ARG 117 117 117 ARG ARG A . n 
A 1 118 PHE 118 118 118 PHE PHE A . n 
A 1 119 CYS 119 119 119 CYS CYS A . n 
A 1 120 GLN 120 120 120 GLN GLN A . n 
B 2 1   ARG 1   1   1   ARG ARG B . n 
B 2 2   LYS 2   2   2   LYS LYS B . n 
B 2 3   ARG 3   3   3   ARG ARG B . n 
B 2 4   HIS 4   4   4   HIS HIS B . n 
B 2 5   PRO 5   5   5   PRO PRO B . n 
B 2 6   ASP 6   6   6   ASP ASP B . n 
B 2 7   CYS 7   7   7   CYS CYS B . n 
B 2 8   ASP 8   8   8   ASP ASP B . n 
B 2 9   LYS 9   9   9   LYS LYS B . n 
B 2 10  PRO 10  10  10  PRO PRO B . n 
B 2 11  PRO 11  11  11  PRO PRO B . n 
B 2 12  ASP 12  12  12  ASP ASP B . n 
B 2 13  THR 13  13  13  THR THR B . n 
B 2 14  LYS 14  14  14  LYS LYS B . n 
B 2 15  ILE 15  15  15  ILE ILE B . n 
B 2 16  CYS 16  16  16  CYS CYS B . n 
B 2 17  GLN 17  17  17  GLN GLN B . n 
B 2 18  THR 18  18  18  THR THR B . n 
B 2 19  VAL 19  19  19  VAL VAL B . n 
B 2 20  VAL 20  20  20  VAL VAL B . n 
B 2 21  ARG 21  21  21  ARG ARG B . n 
B 2 22  ALA 22  22  22  ALA ALA B . n 
B 2 23  PHE 23  23  23  PHE PHE B . n 
B 2 24  TYR 24  24  24  TYR TYR B . n 
B 2 25  TYR 25  25  25  TYR TYR B . n 
B 2 26  LYS 26  26  26  LYS LYS B . n 
B 2 27  PRO 27  27  27  PRO PRO B . n 
B 2 28  SER 28  28  28  SER SER B . n 
B 2 29  ALA 29  29  29  ALA ALA B . n 
B 2 30  LYS 30  30  30  LYS LYS B . n 
B 2 31  ARG 31  31  31  ARG ARG B . n 
B 2 32  CYS 32  32  32  CYS CYS B . n 
B 2 33  VAL 33  33  33  VAL VAL B . n 
B 2 34  GLN 34  34  34  GLN GLN B . n 
B 2 35  PHE 35  35  35  PHE PHE B . n 
B 2 36  ARG 36  36  36  ARG ARG B . n 
B 2 37  TYR 37  37  37  TYR TYR B . n 
B 2 38  GLY 38  38  38  GLY GLY B . n 
B 2 39  GLY 39  39  39  GLY GLY B . n 
B 2 40  CYS 40  40  40  CYS CYS B . n 
B 2 41  ASN 41  41  41  ASN ASN B . n 
B 2 42  GLY 42  42  42  GLY GLY B . n 
B 2 43  ASN 43  43  43  ASN ASN B . n 
B 2 44  GLY 44  44  44  GLY GLY B . n 
B 2 45  ASN 45  45  45  ASN ASN B . n 
B 2 46  HIS 46  46  46  HIS HIS B . n 
B 2 47  PHE 47  47  47  PHE PHE B . n 
B 2 48  LYS 48  48  48  LYS LYS B . n 
B 2 49  SER 49  49  49  SER SER B . n 
B 2 50  ASP 50  50  50  ASP ASP B . n 
B 2 51  HIS 51  51  51  HIS HIS B . n 
B 2 52  LEU 52  52  52  LEU LEU B . n 
B 2 53  CYS 53  53  53  CYS CYS B . n 
B 2 54  ARG 54  54  54  ARG ARG B . n 
B 2 55  CYS 55  55  55  CYS CYS B . n 
B 2 56  GLU 56  56  56  GLU GLU B . n 
B 2 57  CYS 57  57  57  CYS CYS B . n 
B 2 58  LEU 58  58  58  LEU LEU B . n 
B 2 59  GLU 59  59  59  GLU GLU B . n 
B 2 60  TYR 60  60  60  TYR TYR B . n 
B 2 61  ARG 61  61  61  ARG ARG B . n 
# 
loop_
_pdbx_nonpoly_scheme.asym_id 
_pdbx_nonpoly_scheme.entity_id 
_pdbx_nonpoly_scheme.mon_id 
_pdbx_nonpoly_scheme.ndb_seq_num 
_pdbx_nonpoly_scheme.pdb_seq_num 
_pdbx_nonpoly_scheme.auth_seq_num 
_pdbx_nonpoly_scheme.pdb_mon_id 
_pdbx_nonpoly_scheme.auth_mon_id 
_pdbx_nonpoly_scheme.pdb_strand_id 
_pdbx_nonpoly_scheme.pdb_ins_code 
C 3 NA  1  121 87 NA  NA  A . 
D 3 NA  1  122 88 NA  NA  A . 
E 4 HOH 1  123 4  HOH HOH A . 
E 4 HOH 2  124 7  HOH HOH A . 
E 4 HOH 3  125 9  HOH HOH A . 
E 4 HOH 4  126 10 HOH HOH A . 
E 4 HOH 5  127 11 HOH HOH A . 
E 4 HOH 6  128 14 HOH HOH A . 
E 4 HOH 7  129 15 HOH HOH A . 
E 4 HOH 8  130 16 HOH HOH A . 
E 4 HOH 9  131 18 HOH HOH A . 
E 4 HOH 10 132 19 HOH HOH A . 
E 4 HOH 11 133 20 HOH HOH A . 
E 4 HOH 12 134 21 HOH HOH A . 
E 4 HOH 13 135 22 HOH HOH A . 
E 4 HOH 14 136 25 HOH HOH A . 
E 4 HOH 15 137 26 HOH HOH A . 
E 4 HOH 16 138 27 HOH HOH A . 
E 4 HOH 17 139 28 HOH HOH A . 
E 4 HOH 18 140 29 HOH HOH A . 
E 4 HOH 19 141 31 HOH HOH A . 
E 4 HOH 20 142 32 HOH HOH A . 
E 4 HOH 21 143 33 HOH HOH A . 
E 4 HOH 22 144 34 HOH HOH A . 
E 4 HOH 23 145 37 HOH HOH A . 
E 4 HOH 24 146 38 HOH HOH A . 
E 4 HOH 25 147 39 HOH HOH A . 
E 4 HOH 26 148 40 HOH HOH A . 
E 4 HOH 27 149 41 HOH HOH A . 
E 4 HOH 28 150 42 HOH HOH A . 
E 4 HOH 29 151 43 HOH HOH A . 
E 4 HOH 30 152 44 HOH HOH A . 
E 4 HOH 31 153 45 HOH HOH A . 
E 4 HOH 32 154 46 HOH HOH A . 
E 4 HOH 33 155 47 HOH HOH A . 
E 4 HOH 34 156 48 HOH HOH A . 
E 4 HOH 35 157 49 HOH HOH A . 
E 4 HOH 36 158 50 HOH HOH A . 
E 4 HOH 37 159 52 HOH HOH A . 
E 4 HOH 38 160 53 HOH HOH A . 
E 4 HOH 39 161 56 HOH HOH A . 
E 4 HOH 40 162 60 HOH HOH A . 
E 4 HOH 41 163 61 HOH HOH A . 
E 4 HOH 42 164 63 HOH HOH A . 
E 4 HOH 43 165 67 HOH HOH A . 
E 4 HOH 44 166 68 HOH HOH A . 
E 4 HOH 45 167 69 HOH HOH A . 
E 4 HOH 46 168 71 HOH HOH A . 
E 4 HOH 47 169 72 HOH HOH A . 
E 4 HOH 48 170 74 HOH HOH A . 
E 4 HOH 49 171 77 HOH HOH A . 
E 4 HOH 50 172 78 HOH HOH A . 
E 4 HOH 51 173 80 HOH HOH A . 
F 4 HOH 1  62  1  HOH HOH B . 
F 4 HOH 2  63  2  HOH HOH B . 
F 4 HOH 3  64  3  HOH HOH B . 
F 4 HOH 4  65  5  HOH HOH B . 
F 4 HOH 5  66  6  HOH HOH B . 
F 4 HOH 6  67  8  HOH HOH B . 
F 4 HOH 7  68  12 HOH HOH B . 
F 4 HOH 8  69  13 HOH HOH B . 
F 4 HOH 9  70  17 HOH HOH B . 
F 4 HOH 10 71  23 HOH HOH B . 
F 4 HOH 11 72  24 HOH HOH B . 
F 4 HOH 12 73  30 HOH HOH B . 
F 4 HOH 13 74  35 HOH HOH B . 
F 4 HOH 14 75  36 HOH HOH B . 
F 4 HOH 15 76  51 HOH HOH B . 
F 4 HOH 16 77  54 HOH HOH B . 
F 4 HOH 17 78  55 HOH HOH B . 
F 4 HOH 18 79  57 HOH HOH B . 
F 4 HOH 19 80  58 HOH HOH B . 
F 4 HOH 20 81  59 HOH HOH B . 
F 4 HOH 21 82  62 HOH HOH B . 
F 4 HOH 22 83  64 HOH HOH B . 
F 4 HOH 23 84  65 HOH HOH B . 
F 4 HOH 24 85  66 HOH HOH B . 
F 4 HOH 25 86  70 HOH HOH B . 
F 4 HOH 26 87  73 HOH HOH B . 
F 4 HOH 27 88  75 HOH HOH B . 
F 4 HOH 28 89  76 HOH HOH B . 
F 4 HOH 29 90  79 HOH HOH B . 
F 4 HOH 30 91  81 HOH HOH B . 
# 
loop_
_software.name 
_software.classification 
_software.version 
_software.citation_id 
_software.pdbx_ordinal 
X-PLOR 'model building' . ? 1 
X-PLOR refinement       . ? 2 
X-PLOR phasing          . ? 3 
# 
_cell.entry_id           1BUN 
_cell.length_a           52.600 
_cell.length_b           52.600 
_cell.length_c           177.500 
_cell.angle_alpha        90.00 
_cell.angle_beta         90.00 
_cell.angle_gamma        90.00 
_cell.Z_PDB              8 
_cell.pdbx_unique_axis   ? 
# 
_symmetry.entry_id                         1BUN 
_symmetry.space_group_name_H-M             'P 43 2 2' 
_symmetry.pdbx_full_space_group_name_H-M   ? 
_symmetry.cell_setting                     ? 
_symmetry.Int_Tables_number                95 
# 
_exptl.entry_id          1BUN 
_exptl.method            'X-RAY DIFFRACTION' 
_exptl.crystals_number   ? 
# 
_exptl_crystal.id                    1 
_exptl_crystal.density_meas          ? 
_exptl_crystal.density_Matthews      2.96 
_exptl_crystal.density_percent_sol   58.44 
_exptl_crystal.description           ? 
# 
_exptl_crystal_grow.crystal_id      1 
_exptl_crystal_grow.method          ? 
_exptl_crystal_grow.temp            ? 
_exptl_crystal_grow.temp_details    ? 
_exptl_crystal_grow.pH              8.5 
_exptl_crystal_grow.pdbx_pH_range   ? 
_exptl_crystal_grow.pdbx_details    'pH 8.5' 
# 
_diffrn.id                     1 
_diffrn.ambient_temp           293 
_diffrn.ambient_temp_details   ? 
_diffrn.crystal_id             1 
# 
_diffrn_detector.diffrn_id              1 
_diffrn_detector.detector               'AREA DETECTOR' 
_diffrn_detector.type                   'XUONG-HAMLIN MULTIWIRE' 
_diffrn_detector.pdbx_collection_date   1992-06 
_diffrn_detector.details                ? 
# 
_diffrn_radiation.diffrn_id                        1 
_diffrn_radiation.wavelength_id                    1 
_diffrn_radiation.pdbx_monochromatic_or_laue_m_l   M 
_diffrn_radiation.monochromator                    ? 
_diffrn_radiation.pdbx_diffrn_protocol             ? 
_diffrn_radiation.pdbx_scattering_type             x-ray 
# 
_diffrn_radiation_wavelength.id           1 
_diffrn_radiation_wavelength.wavelength   1.54 
_diffrn_radiation_wavelength.wt           1.0 
# 
_diffrn_source.diffrn_id                   1 
_diffrn_source.source                      ? 
_diffrn_source.type                        ? 
_diffrn_source.pdbx_synchrotron_site       ? 
_diffrn_source.pdbx_synchrotron_beamline   ? 
_diffrn_source.pdbx_wavelength             1.54 
_diffrn_source.pdbx_wavelength_list        ? 
# 
_reflns.entry_id                     1BUN 
_reflns.observed_criterion_sigma_I   2. 
_reflns.observed_criterion_sigma_F   ? 
_reflns.d_resolution_low             10.0 
_reflns.d_resolution_high            2.45 
_reflns.number_obs                   9372 
_reflns.number_all                   ? 
_reflns.percent_possible_obs         96.4 
_reflns.pdbx_Rmerge_I_obs            0.069 
_reflns.pdbx_Rsym_value              ? 
_reflns.pdbx_netI_over_sigmaI        ? 
_reflns.B_iso_Wilson_estimate        ? 
_reflns.pdbx_redundancy              3.25 
_reflns.pdbx_diffrn_id               1 
_reflns.pdbx_ordinal                 1 
# 
_refine.entry_id                                 1BUN 
_refine.ls_number_reflns_obs                     7817 
_refine.ls_number_reflns_all                     ? 
_refine.pdbx_ls_sigma_I                          ? 
_refine.pdbx_ls_sigma_F                          2.0 
_refine.pdbx_data_cutoff_high_absF               ? 
_refine.pdbx_data_cutoff_low_absF                ? 
_refine.pdbx_data_cutoff_high_rms_absF           ? 
_refine.ls_d_res_low                             5.0 
_refine.ls_d_res_high                            2.45 
_refine.ls_percent_reflns_obs                    ? 
_refine.ls_R_factor_obs                          0.193 
_refine.ls_R_factor_all                          ? 
_refine.ls_R_factor_R_work                       0.193 
_refine.ls_R_factor_R_free                       0.281 
_refine.ls_R_factor_R_free_error                 ? 
_refine.ls_R_factor_R_free_error_details         ? 
_refine.ls_percent_reflns_R_free                 10.00 
_refine.ls_number_reflns_R_free                  ? 
_refine.ls_number_parameters                     ? 
_refine.ls_number_restraints                     ? 
_refine.occupancy_min                            ? 
_refine.occupancy_max                            ? 
_refine.B_iso_mean                               ? 
_refine.aniso_B[1][1]                            ? 
_refine.aniso_B[2][2]                            ? 
_refine.aniso_B[3][3]                            ? 
_refine.aniso_B[1][2]                            ? 
_refine.aniso_B[1][3]                            ? 
_refine.aniso_B[2][3]                            ? 
_refine.solvent_model_details                    ? 
_refine.solvent_model_param_ksol                 ? 
_refine.solvent_model_param_bsol                 ? 
_refine.pdbx_ls_cross_valid_method               ? 
_refine.details                                  ? 
_refine.pdbx_starting_model                      ? 
_refine.pdbx_method_to_determine_struct          ? 
_refine.pdbx_isotropic_thermal_model             ? 
_refine.pdbx_stereochemistry_target_values       ? 
_refine.pdbx_stereochem_target_val_spec_case     ? 
_refine.pdbx_R_Free_selection_details            ? 
_refine.pdbx_overall_ESU_R                       ? 
_refine.pdbx_overall_ESU_R_Free                  ? 
_refine.overall_SU_ML                            ? 
_refine.overall_SU_B                             ? 
_refine.pdbx_refine_id                           'X-RAY DIFFRACTION' 
_refine.pdbx_diffrn_id                           1 
_refine.pdbx_TLS_residual_ADP_flag               ? 
_refine.correlation_coeff_Fo_to_Fc               ? 
_refine.correlation_coeff_Fo_to_Fc_free          ? 
_refine.pdbx_solvent_vdw_probe_radii             ? 
_refine.pdbx_solvent_ion_probe_radii             ? 
_refine.pdbx_solvent_shrinkage_radii             ? 
_refine.pdbx_overall_phase_error                 ? 
_refine.overall_SU_R_Cruickshank_DPI             ? 
_refine.pdbx_overall_SU_R_free_Cruickshank_DPI   ? 
_refine.pdbx_overall_SU_R_Blow_DPI               ? 
_refine.pdbx_overall_SU_R_free_Blow_DPI          ? 
# 
_refine_hist.pdbx_refine_id                   'X-RAY DIFFRACTION' 
_refine_hist.cycle_id                         LAST 
_refine_hist.pdbx_number_atoms_protein        1440 
_refine_hist.pdbx_number_atoms_nucleic_acid   0 
_refine_hist.pdbx_number_atoms_ligand         2 
_refine_hist.number_atoms_solvent             81 
_refine_hist.number_atoms_total               1523 
_refine_hist.d_res_high                       2.45 
_refine_hist.d_res_low                        5.0 
# 
loop_
_refine_ls_restr.type 
_refine_ls_restr.dev_ideal 
_refine_ls_restr.dev_ideal_target 
_refine_ls_restr.weight 
_refine_ls_restr.number 
_refine_ls_restr.pdbx_refine_id 
_refine_ls_restr.pdbx_restraint_function 
x_bond_d                0.011 ? ? ? 'X-RAY DIFFRACTION' ? 
x_bond_d_na             ?     ? ? ? 'X-RAY DIFFRACTION' ? 
x_bond_d_prot           ?     ? ? ? 'X-RAY DIFFRACTION' ? 
x_angle_d               ?     ? ? ? 'X-RAY DIFFRACTION' ? 
x_angle_d_na            ?     ? ? ? 'X-RAY DIFFRACTION' ? 
x_angle_d_prot          ?     ? ? ? 'X-RAY DIFFRACTION' ? 
x_angle_deg             1.6   ? ? ? 'X-RAY DIFFRACTION' ? 
x_angle_deg_na          ?     ? ? ? 'X-RAY DIFFRACTION' ? 
x_angle_deg_prot        ?     ? ? ? 'X-RAY DIFFRACTION' ? 
x_dihedral_angle_d      ?     ? ? ? 'X-RAY DIFFRACTION' ? 
x_dihedral_angle_d_na   ?     ? ? ? 'X-RAY DIFFRACTION' ? 
x_dihedral_angle_d_prot ?     ? ? ? 'X-RAY DIFFRACTION' ? 
x_improper_angle_d      ?     ? ? ? 'X-RAY DIFFRACTION' ? 
x_improper_angle_d_na   ?     ? ? ? 'X-RAY DIFFRACTION' ? 
x_improper_angle_d_prot ?     ? ? ? 'X-RAY DIFFRACTION' ? 
x_mcbond_it             ?     ? ? ? 'X-RAY DIFFRACTION' ? 
x_mcangle_it            ?     ? ? ? 'X-RAY DIFFRACTION' ? 
x_scbond_it             ?     ? ? ? 'X-RAY DIFFRACTION' ? 
x_scangle_it            ?     ? ? ? 'X-RAY DIFFRACTION' ? 
# 
_struct.entry_id                  1BUN 
_struct.title                     
'STRUCTURE OF BETA2-BUNGAROTOXIN: POTASSIUM CHANNEL BINDING BY KUNITZ MODULES AND TARGETED PHOSPHOLIPASE ACTION' 
_struct.pdbx_model_details        ? 
_struct.pdbx_CASP_flag            ? 
_struct.pdbx_model_type_details   ? 
# 
_struct_keywords.entry_id        1BUN 
_struct_keywords.pdbx_keywords   TOXIN 
_struct_keywords.text            'HYDROLASE, PRESYNAPTIC NEUROTOXIN, TOXIN' 
# 
loop_
_struct_asym.id 
_struct_asym.pdbx_blank_PDB_chainid_flag 
_struct_asym.pdbx_modified 
_struct_asym.entity_id 
_struct_asym.details 
A N N 1 ? 
B N N 2 ? 
C N N 3 ? 
D N N 3 ? 
E N N 4 ? 
F N N 4 ? 
# 
loop_
_struct_ref.id 
_struct_ref.db_name 
_struct_ref.db_code 
_struct_ref.entity_id 
_struct_ref.pdbx_db_accession 
_struct_ref.pdbx_align_begin 
_struct_ref.pdbx_seq_one_letter_code 
_struct_ref.pdbx_db_isoform 
1 UNP PA21B_BUNMU 1 P00617 1 
;NLINFMEMIRYTIPCEKTWGEYADYGCYCGAGGSGRPIDALDRCCYVHDNCYGDAEKKHKCNPKTSQYSYKLTKRTIICY
GAAGTCGRIVCDCDRTAALCFGQSDYIEGHKNIDTARFCQ
;
? 
2 UNP IVB2_BUNMU  2 P00989 1 
;MSSGGLLLLLGLLTLCAELTPVSSRKRHPDCDKPPDTKICQTVVRAFYYKPSAKRCVQFRYGGCNGNGNHFKSDHLCRCE
CLEYR
;
? 
# 
loop_
_struct_ref_seq.align_id 
_struct_ref_seq.ref_id 
_struct_ref_seq.pdbx_PDB_id_code 
_struct_ref_seq.pdbx_strand_id 
_struct_ref_seq.seq_align_beg 
_struct_ref_seq.pdbx_seq_align_beg_ins_code 
_struct_ref_seq.seq_align_end 
_struct_ref_seq.pdbx_seq_align_end_ins_code 
_struct_ref_seq.pdbx_db_accession 
_struct_ref_seq.db_align_beg 
_struct_ref_seq.pdbx_db_align_beg_ins_code 
_struct_ref_seq.db_align_end 
_struct_ref_seq.pdbx_db_align_end_ins_code 
_struct_ref_seq.pdbx_auth_seq_align_beg 
_struct_ref_seq.pdbx_auth_seq_align_end 
1 1 1BUN A 1 ? 120 ? P00617 1  ? 120 ? 1 120 
2 2 1BUN B 1 ? 61  ? P00989 25 ? 85  ? 1 61  
# 
loop_
_struct_ref_seq_dif.align_id 
_struct_ref_seq_dif.pdbx_pdb_id_code 
_struct_ref_seq_dif.mon_id 
_struct_ref_seq_dif.pdbx_pdb_strand_id 
_struct_ref_seq_dif.seq_num 
_struct_ref_seq_dif.pdbx_pdb_ins_code 
_struct_ref_seq_dif.pdbx_seq_db_name 
_struct_ref_seq_dif.pdbx_seq_db_accession_code 
_struct_ref_seq_dif.db_mon_id 
_struct_ref_seq_dif.pdbx_seq_db_seq_num 
_struct_ref_seq_dif.details 
_struct_ref_seq_dif.pdbx_auth_seq_num 
_struct_ref_seq_dif.pdbx_ordinal 
1 1BUN GLN A 66  ? UNP P00617 SER 66  conflict 66  1 
1 1BUN SER A 67  ? UNP P00617 GLN 67  conflict 67  2 
1 1BUN ALA A 87  ? UNP P00617 GLY 87  conflict 87  3 
1 1BUN ASN A 103 ? UNP P00617 GLN 103 conflict 103 4 
1 1BUN GLU A 105 ? UNP P00617 ASP 105 conflict 105 5 
# 
_pdbx_struct_assembly.id                   1 
_pdbx_struct_assembly.details              author_and_software_defined_assembly 
_pdbx_struct_assembly.method_details       PISA 
_pdbx_struct_assembly.oligomeric_details   dimeric 
_pdbx_struct_assembly.oligomeric_count     2 
# 
loop_
_pdbx_struct_assembly_prop.biol_id 
_pdbx_struct_assembly_prop.type 
_pdbx_struct_assembly_prop.value 
_pdbx_struct_assembly_prop.details 
1 'ABSA (A^2)' 1310  ? 
1 MORE         -28   ? 
1 'SSA (A^2)'  10520 ? 
# 
_pdbx_struct_assembly_gen.assembly_id       1 
_pdbx_struct_assembly_gen.oper_expression   1 
_pdbx_struct_assembly_gen.asym_id_list      A,B,C,D,E,F 
# 
_pdbx_struct_oper_list.id                   1 
_pdbx_struct_oper_list.type                 'identity operation' 
_pdbx_struct_oper_list.name                 1_555 
_pdbx_struct_oper_list.symmetry_operation   x,y,z 
_pdbx_struct_oper_list.matrix[1][1]         1.0000000000 
_pdbx_struct_oper_list.matrix[1][2]         0.0000000000 
_pdbx_struct_oper_list.matrix[1][3]         0.0000000000 
_pdbx_struct_oper_list.vector[1]            0.0000000000 
_pdbx_struct_oper_list.matrix[2][1]         0.0000000000 
_pdbx_struct_oper_list.matrix[2][2]         1.0000000000 
_pdbx_struct_oper_list.matrix[2][3]         0.0000000000 
_pdbx_struct_oper_list.vector[2]            0.0000000000 
_pdbx_struct_oper_list.matrix[3][1]         0.0000000000 
_pdbx_struct_oper_list.matrix[3][2]         0.0000000000 
_pdbx_struct_oper_list.matrix[3][3]         1.0000000000 
_pdbx_struct_oper_list.vector[3]            0.0000000000 
# 
_struct_biol.id   1 
# 
loop_
_struct_conf.conf_type_id 
_struct_conf.id 
_struct_conf.pdbx_PDB_helix_id 
_struct_conf.beg_label_comp_id 
_struct_conf.beg_label_asym_id 
_struct_conf.beg_label_seq_id 
_struct_conf.pdbx_beg_PDB_ins_code 
_struct_conf.end_label_comp_id 
_struct_conf.end_label_asym_id 
_struct_conf.end_label_seq_id 
_struct_conf.pdbx_end_PDB_ins_code 
_struct_conf.beg_auth_comp_id 
_struct_conf.beg_auth_asym_id 
_struct_conf.beg_auth_seq_id 
_struct_conf.end_auth_comp_id 
_struct_conf.end_auth_asym_id 
_struct_conf.end_auth_seq_id 
_struct_conf.pdbx_PDB_helix_class 
_struct_conf.details 
_struct_conf.pdbx_PDB_helix_length 
HELX_P HELX_P1 1 LEU A 2   ? ARG A 10  ? LEU A 2   ARG A 10  1 ? 9  
HELX_P HELX_P2 2 TRP A 19  ? ALA A 23  ? TRP A 19  ALA A 23  5 ? 5  
HELX_P HELX_P3 3 ALA A 40  ? GLU A 56  ? ALA A 40  GLU A 56  1 ? 17 
HELX_P HELX_P4 4 CYS A 86  ? ASN A 103 ? CYS A 86  ASN A 103 1 ? 18 
HELX_P HELX_P5 5 GLU A 108 ? HIS A 110 ? GLU A 108 HIS A 110 5 ? 3  
HELX_P HELX_P6 6 THR A 115 ? PHE A 118 ? THR A 115 PHE A 118 1 ? 4  
HELX_P HELX_P7 7 PRO B 27  ? ALA B 29  ? PRO B 27  ALA B 29  5 ? 3  
HELX_P HELX_P8 8 ASP B 50  ? CYS B 57  ? ASP B 50  CYS B 57  1 ? 8  
# 
_struct_conf_type.id          HELX_P 
_struct_conf_type.criteria    ? 
_struct_conf_type.reference   ? 
# 
loop_
_struct_conn.id 
_struct_conn.conn_type_id 
_struct_conn.pdbx_leaving_atom_flag 
_struct_conn.pdbx_PDB_id 
_struct_conn.ptnr1_label_asym_id 
_struct_conn.ptnr1_label_comp_id 
_struct_conn.ptnr1_label_seq_id 
_struct_conn.ptnr1_label_atom_id 
_struct_conn.pdbx_ptnr1_label_alt_id 
_struct_conn.pdbx_ptnr1_PDB_ins_code 
_struct_conn.pdbx_ptnr1_standard_comp_id 
_struct_conn.ptnr1_symmetry 
_struct_conn.ptnr2_label_asym_id 
_struct_conn.ptnr2_label_comp_id 
_struct_conn.ptnr2_label_seq_id 
_struct_conn.ptnr2_label_atom_id 
_struct_conn.pdbx_ptnr2_label_alt_id 
_struct_conn.pdbx_ptnr2_PDB_ins_code 
_struct_conn.ptnr1_auth_asym_id 
_struct_conn.ptnr1_auth_comp_id 
_struct_conn.ptnr1_auth_seq_id 
_struct_conn.ptnr2_auth_asym_id 
_struct_conn.ptnr2_auth_comp_id 
_struct_conn.ptnr2_auth_seq_id 
_struct_conn.ptnr2_symmetry 
_struct_conn.pdbx_ptnr3_label_atom_id 
_struct_conn.pdbx_ptnr3_label_seq_id 
_struct_conn.pdbx_ptnr3_label_comp_id 
_struct_conn.pdbx_ptnr3_label_asym_id 
_struct_conn.pdbx_ptnr3_label_alt_id 
_struct_conn.pdbx_ptnr3_PDB_ins_code 
_struct_conn.details 
_struct_conn.pdbx_dist_value 
_struct_conn.pdbx_value_order 
_struct_conn.pdbx_role 
disulf1  disulf ? ? A CYS 15  SG  ? ? ? 1_555 B CYS 55  SG ? ? A CYS 15  B CYS 55  1_555 ? ? ? ? ? ? ? 2.023 ? ? 
disulf2  disulf ? ? A CYS 27  SG  ? ? ? 1_555 A CYS 119 SG ? ? A CYS 27  A CYS 119 1_555 ? ? ? ? ? ? ? 2.041 ? ? 
disulf3  disulf ? ? A CYS 29  SG  ? ? ? 1_555 A CYS 45  SG ? ? A CYS 29  A CYS 45  1_555 ? ? ? ? ? ? ? 2.026 ? ? 
disulf4  disulf ? ? A CYS 44  SG  ? ? ? 1_555 A CYS 100 SG ? ? A CYS 44  A CYS 100 1_555 ? ? ? ? ? ? ? 2.008 ? ? 
disulf5  disulf ? ? A CYS 51  SG  ? ? ? 1_555 A CYS 93  SG ? ? A CYS 51  A CYS 93  1_555 ? ? ? ? ? ? ? 2.022 ? ? 
disulf6  disulf ? ? A CYS 61  SG  ? ? ? 1_555 A CYS 86  SG ? ? A CYS 61  A CYS 86  1_555 ? ? ? ? ? ? ? 2.027 ? ? 
disulf7  disulf ? ? A CYS 79  SG  ? ? ? 1_555 A CYS 91  SG ? ? A CYS 79  A CYS 91  1_555 ? ? ? ? ? ? ? 2.033 ? ? 
disulf8  disulf ? ? B CYS 7   SG  ? ? ? 1_555 B CYS 57  SG ? ? B CYS 7   B CYS 57  1_555 ? ? ? ? ? ? ? 2.011 ? ? 
disulf9  disulf ? ? B CYS 16  SG  ? ? ? 1_555 B CYS 40  SG ? ? B CYS 16  B CYS 40  1_555 ? ? ? ? ? ? ? 2.022 ? ? 
disulf10 disulf ? ? B CYS 32  SG  ? ? ? 1_555 B CYS 53  SG ? ? B CYS 32  B CYS 53  1_555 ? ? ? ? ? ? ? 2.019 ? ? 
metalc1  metalc ? ? A TYR 28  O   ? ? ? 1_555 C NA  .   NA ? ? A TYR 28  A NA  121 1_555 ? ? ? ? ? ? ? 2.543 ? ? 
metalc2  metalc ? ? A GLY 30  O   ? ? ? 1_555 C NA  .   NA ? ? A GLY 30  A NA  121 1_555 ? ? ? ? ? ? ? 2.315 ? ? 
metalc3  metalc ? ? A GLY 32  O   ? ? ? 1_555 C NA  .   NA ? ? A GLY 32  A NA  121 1_555 ? ? ? ? ? ? ? 2.271 ? ? 
metalc4  metalc ? ? A ASP 39  OD2 ? ? ? 1_555 D NA  .   NA ? ? A ASP 39  A NA  122 1_555 ? ? ? ? ? ? ? 2.771 ? ? 
metalc5  metalc ? ? A ASP 49  OD2 ? ? ? 1_555 C NA  .   NA ? ? A ASP 49  A NA  121 1_555 ? ? ? ? ? ? ? 2.533 ? ? 
metalc6  metalc ? ? A GLU 105 O   ? ? ? 1_555 D NA  .   NA ? ? A GLU 105 A NA  122 1_555 ? ? ? ? ? ? ? 2.574 ? ? 
# 
loop_
_struct_conn_type.id 
_struct_conn_type.criteria 
_struct_conn_type.reference 
disulf ? ? 
metalc ? ? 
# 
loop_
_pdbx_struct_conn_angle.id 
_pdbx_struct_conn_angle.ptnr1_label_atom_id 
_pdbx_struct_conn_angle.ptnr1_label_alt_id 
_pdbx_struct_conn_angle.ptnr1_label_asym_id 
_pdbx_struct_conn_angle.ptnr1_label_comp_id 
_pdbx_struct_conn_angle.ptnr1_label_seq_id 
_pdbx_struct_conn_angle.ptnr1_auth_atom_id 
_pdbx_struct_conn_angle.ptnr1_auth_asym_id 
_pdbx_struct_conn_angle.ptnr1_auth_comp_id 
_pdbx_struct_conn_angle.ptnr1_auth_seq_id 
_pdbx_struct_conn_angle.ptnr1_PDB_ins_code 
_pdbx_struct_conn_angle.ptnr1_symmetry 
_pdbx_struct_conn_angle.ptnr2_label_atom_id 
_pdbx_struct_conn_angle.ptnr2_label_alt_id 
_pdbx_struct_conn_angle.ptnr2_label_asym_id 
_pdbx_struct_conn_angle.ptnr2_label_comp_id 
_pdbx_struct_conn_angle.ptnr2_label_seq_id 
_pdbx_struct_conn_angle.ptnr2_auth_atom_id 
_pdbx_struct_conn_angle.ptnr2_auth_asym_id 
_pdbx_struct_conn_angle.ptnr2_auth_comp_id 
_pdbx_struct_conn_angle.ptnr2_auth_seq_id 
_pdbx_struct_conn_angle.ptnr2_PDB_ins_code 
_pdbx_struct_conn_angle.ptnr2_symmetry 
_pdbx_struct_conn_angle.ptnr3_label_atom_id 
_pdbx_struct_conn_angle.ptnr3_label_alt_id 
_pdbx_struct_conn_angle.ptnr3_label_asym_id 
_pdbx_struct_conn_angle.ptnr3_label_comp_id 
_pdbx_struct_conn_angle.ptnr3_label_seq_id 
_pdbx_struct_conn_angle.ptnr3_auth_atom_id 
_pdbx_struct_conn_angle.ptnr3_auth_asym_id 
_pdbx_struct_conn_angle.ptnr3_auth_comp_id 
_pdbx_struct_conn_angle.ptnr3_auth_seq_id 
_pdbx_struct_conn_angle.ptnr3_PDB_ins_code 
_pdbx_struct_conn_angle.ptnr3_symmetry 
_pdbx_struct_conn_angle.value 
_pdbx_struct_conn_angle.value_esd 
1 O   ? A TYR 28 ? A TYR 28 ? 1_555 NA ? C NA . ? A NA 121 ? 1_555 O   ? A GLY 30  ? A GLY 30  ? 1_555 85.7  ? 
2 O   ? A TYR 28 ? A TYR 28 ? 1_555 NA ? C NA . ? A NA 121 ? 1_555 O   ? A GLY 32  ? A GLY 32  ? 1_555 88.0  ? 
3 O   ? A GLY 30 ? A GLY 30 ? 1_555 NA ? C NA . ? A NA 121 ? 1_555 O   ? A GLY 32  ? A GLY 32  ? 1_555 106.2 ? 
4 O   ? A TYR 28 ? A TYR 28 ? 1_555 NA ? C NA . ? A NA 121 ? 1_555 OD2 ? A ASP 49  ? A ASP 49  ? 1_555 100.0 ? 
5 O   ? A GLY 30 ? A GLY 30 ? 1_555 NA ? C NA . ? A NA 121 ? 1_555 OD2 ? A ASP 49  ? A ASP 49  ? 1_555 163.5 ? 
6 O   ? A GLY 32 ? A GLY 32 ? 1_555 NA ? C NA . ? A NA 121 ? 1_555 OD2 ? A ASP 49  ? A ASP 49  ? 1_555 89.5  ? 
7 OD2 ? A ASP 39 ? A ASP 39 ? 1_555 NA ? D NA . ? A NA 122 ? 1_555 O   ? A GLU 105 ? A GLU 105 ? 1_555 120.1 ? 
# 
loop_
_pdbx_modification_feature.ordinal 
_pdbx_modification_feature.label_comp_id 
_pdbx_modification_feature.label_asym_id 
_pdbx_modification_feature.label_seq_id 
_pdbx_modification_feature.label_alt_id 
_pdbx_modification_feature.modified_residue_label_comp_id 
_pdbx_modification_feature.modified_residue_label_asym_id 
_pdbx_modification_feature.modified_residue_label_seq_id 
_pdbx_modification_feature.modified_residue_label_alt_id 
_pdbx_modification_feature.auth_comp_id 
_pdbx_modification_feature.auth_asym_id 
_pdbx_modification_feature.auth_seq_id 
_pdbx_modification_feature.PDB_ins_code 
_pdbx_modification_feature.symmetry 
_pdbx_modification_feature.modified_residue_auth_comp_id 
_pdbx_modification_feature.modified_residue_auth_asym_id 
_pdbx_modification_feature.modified_residue_auth_seq_id 
_pdbx_modification_feature.modified_residue_PDB_ins_code 
_pdbx_modification_feature.modified_residue_symmetry 
_pdbx_modification_feature.comp_id_linking_atom 
_pdbx_modification_feature.modified_residue_id_linking_atom 
_pdbx_modification_feature.modified_residue_id 
_pdbx_modification_feature.ref_pcm_id 
_pdbx_modification_feature.ref_comp_id 
_pdbx_modification_feature.type 
_pdbx_modification_feature.category 
1  CYS A 15 ? CYS B 55  ? CYS A 15 ? 1_555 CYS B 55  ? 1_555 SG SG . . . None 'Disulfide bridge' 
2  CYS A 27 ? CYS A 119 ? CYS A 27 ? 1_555 CYS A 119 ? 1_555 SG SG . . . None 'Disulfide bridge' 
3  CYS A 29 ? CYS A 45  ? CYS A 29 ? 1_555 CYS A 45  ? 1_555 SG SG . . . None 'Disulfide bridge' 
4  CYS A 44 ? CYS A 100 ? CYS A 44 ? 1_555 CYS A 100 ? 1_555 SG SG . . . None 'Disulfide bridge' 
5  CYS A 51 ? CYS A 93  ? CYS A 51 ? 1_555 CYS A 93  ? 1_555 SG SG . . . None 'Disulfide bridge' 
6  CYS A 61 ? CYS A 86  ? CYS A 61 ? 1_555 CYS A 86  ? 1_555 SG SG . . . None 'Disulfide bridge' 
7  CYS A 79 ? CYS A 91  ? CYS A 79 ? 1_555 CYS A 91  ? 1_555 SG SG . . . None 'Disulfide bridge' 
8  CYS B 7  ? CYS B 57  ? CYS B 7  ? 1_555 CYS B 57  ? 1_555 SG SG . . . None 'Disulfide bridge' 
9  CYS B 16 ? CYS B 40  ? CYS B 16 ? 1_555 CYS B 40  ? 1_555 SG SG . . . None 'Disulfide bridge' 
10 CYS B 32 ? CYS B 53  ? CYS B 32 ? 1_555 CYS B 53  ? 1_555 SG SG . . . None 'Disulfide bridge' 
# 
loop_
_struct_sheet.id 
_struct_sheet.type 
_struct_sheet.number_strands 
_struct_sheet.details 
A ? 2 ? 
B ? 2 ? 
# 
loop_
_struct_sheet_order.sheet_id 
_struct_sheet_order.range_id_1 
_struct_sheet_order.range_id_2 
_struct_sheet_order.offset 
_struct_sheet_order.sense 
A 1 2 ? anti-parallel 
B 1 2 ? anti-parallel 
# 
loop_
_struct_sheet_range.sheet_id 
_struct_sheet_range.id 
_struct_sheet_range.beg_label_comp_id 
_struct_sheet_range.beg_label_asym_id 
_struct_sheet_range.beg_label_seq_id 
_struct_sheet_range.pdbx_beg_PDB_ins_code 
_struct_sheet_range.end_label_comp_id 
_struct_sheet_range.end_label_asym_id 
_struct_sheet_range.end_label_seq_id 
_struct_sheet_range.pdbx_end_PDB_ins_code 
_struct_sheet_range.beg_auth_comp_id 
_struct_sheet_range.beg_auth_asym_id 
_struct_sheet_range.beg_auth_seq_id 
_struct_sheet_range.end_auth_comp_id 
_struct_sheet_range.end_auth_asym_id 
_struct_sheet_range.end_auth_seq_id 
A 1 TYR A 70 ? THR A 73 ? TYR A 70 THR A 73 
A 2 THR A 76 ? CYS A 79 ? THR A 76 CYS A 79 
B 1 VAL B 20 ? LYS B 26 ? VAL B 20 LYS B 26 
B 2 ARG B 31 ? TYR B 37 ? ARG B 31 TYR B 37 
# 
loop_
_pdbx_struct_sheet_hbond.sheet_id 
_pdbx_struct_sheet_hbond.range_id_1 
_pdbx_struct_sheet_hbond.range_id_2 
_pdbx_struct_sheet_hbond.range_1_label_atom_id 
_pdbx_struct_sheet_hbond.range_1_label_comp_id 
_pdbx_struct_sheet_hbond.range_1_label_asym_id 
_pdbx_struct_sheet_hbond.range_1_label_seq_id 
_pdbx_struct_sheet_hbond.range_1_PDB_ins_code 
_pdbx_struct_sheet_hbond.range_1_auth_atom_id 
_pdbx_struct_sheet_hbond.range_1_auth_comp_id 
_pdbx_struct_sheet_hbond.range_1_auth_asym_id 
_pdbx_struct_sheet_hbond.range_1_auth_seq_id 
_pdbx_struct_sheet_hbond.range_2_label_atom_id 
_pdbx_struct_sheet_hbond.range_2_label_comp_id 
_pdbx_struct_sheet_hbond.range_2_label_asym_id 
_pdbx_struct_sheet_hbond.range_2_label_seq_id 
_pdbx_struct_sheet_hbond.range_2_PDB_ins_code 
_pdbx_struct_sheet_hbond.range_2_auth_atom_id 
_pdbx_struct_sheet_hbond.range_2_auth_comp_id 
_pdbx_struct_sheet_hbond.range_2_auth_asym_id 
_pdbx_struct_sheet_hbond.range_2_auth_seq_id 
A 1 2 O LYS A 71 ? O LYS A 71 N ILE A 78 ? N ILE A 78 
B 1 2 O VAL B 20 ? O VAL B 20 N TYR B 37 ? N TYR B 37 
# 
loop_
_struct_site.id 
_struct_site.pdbx_evidence_code 
_struct_site.pdbx_auth_asym_id 
_struct_site.pdbx_auth_comp_id 
_struct_site.pdbx_auth_seq_id 
_struct_site.pdbx_auth_ins_code 
_struct_site.pdbx_num_residues 
_struct_site.details 
AC1 Software A NA 121 ? 4 'BINDING SITE FOR RESIDUE NA A 121' 
AC2 Software A NA 122 ? 4 'BINDING SITE FOR RESIDUE NA A 122' 
# 
loop_
_struct_site_gen.id 
_struct_site_gen.site_id 
_struct_site_gen.pdbx_num_res 
_struct_site_gen.label_comp_id 
_struct_site_gen.label_asym_id 
_struct_site_gen.label_seq_id 
_struct_site_gen.pdbx_auth_ins_code 
_struct_site_gen.auth_comp_id 
_struct_site_gen.auth_asym_id 
_struct_site_gen.auth_seq_id 
_struct_site_gen.label_atom_id 
_struct_site_gen.label_alt_id 
_struct_site_gen.symmetry 
_struct_site_gen.details 
1 AC1 4 TYR A 28  ? TYR A 28  . ? 1_555 ? 
2 AC1 4 GLY A 30  ? GLY A 30  . ? 1_555 ? 
3 AC1 4 GLY A 32  ? GLY A 32  . ? 1_555 ? 
4 AC1 4 ASP A 49  ? ASP A 49  . ? 1_555 ? 
5 AC2 4 ASP A 39  ? ASP A 39  . ? 1_555 ? 
6 AC2 4 ALA A 40  ? ALA A 40  . ? 1_555 ? 
7 AC2 4 LEU A 41  ? LEU A 41  . ? 1_555 ? 
8 AC2 4 GLU A 105 ? GLU A 105 . ? 1_555 ? 
# 
_pdbx_entry_details.entry_id                   1BUN 
_pdbx_entry_details.compound_details           ? 
_pdbx_entry_details.source_details             ? 
_pdbx_entry_details.nonpolymer_details         ? 
_pdbx_entry_details.sequence_details           
;RESIDUE NUMBERING IS
      1 - 120 (A) FOR THE PHOSPHOLIPASE
      1 - 61  (B) FOR THE KUNITZ MODULE
;
_pdbx_entry_details.has_ligand_of_interest     ? 
_pdbx_entry_details.has_protein_modification   Y 
# 
loop_
_pdbx_validate_torsion.id 
_pdbx_validate_torsion.PDB_model_num 
_pdbx_validate_torsion.auth_comp_id 
_pdbx_validate_torsion.auth_asym_id 
_pdbx_validate_torsion.auth_seq_id 
_pdbx_validate_torsion.PDB_ins_code 
_pdbx_validate_torsion.label_alt_id 
_pdbx_validate_torsion.phi 
_pdbx_validate_torsion.psi 
1 1 LYS A 57  ? ? -86.93  -83.65  
2 1 ALA A 83  ? ? -48.03  76.23   
3 1 ILE A 113 ? ? -43.46  154.27  
4 1 CYS B 7   ? ? -49.20  -18.42  
5 1 GLN B 17  ? ? -171.86 -177.65 
6 1 SER B 28  ? ? -76.23  25.71   
7 1 ALA B 29  ? ? -158.64 -0.25   
8 1 HIS B 46  ? ? -168.94 118.91  
# 
loop_
_pdbx_struct_special_symmetry.id 
_pdbx_struct_special_symmetry.PDB_model_num 
_pdbx_struct_special_symmetry.auth_asym_id 
_pdbx_struct_special_symmetry.auth_comp_id 
_pdbx_struct_special_symmetry.auth_seq_id 
_pdbx_struct_special_symmetry.PDB_ins_code 
_pdbx_struct_special_symmetry.label_asym_id 
_pdbx_struct_special_symmetry.label_comp_id 
_pdbx_struct_special_symmetry.label_seq_id 
1 1 A HOH 129 ? E HOH . 
2 1 B HOH 71  ? F HOH . 
# 
loop_
_chem_comp_atom.comp_id 
_chem_comp_atom.atom_id 
_chem_comp_atom.type_symbol 
_chem_comp_atom.pdbx_aromatic_flag 
_chem_comp_atom.pdbx_stereo_config 
_chem_comp_atom.pdbx_ordinal 
ALA N    N  N N 1   
ALA CA   C  N S 2   
ALA C    C  N N 3   
ALA O    O  N N 4   
ALA CB   C  N N 5   
ALA OXT  O  N N 6   
ALA H    H  N N 7   
ALA H2   H  N N 8   
ALA HA   H  N N 9   
ALA HB1  H  N N 10  
ALA HB2  H  N N 11  
ALA HB3  H  N N 12  
ALA HXT  H  N N 13  
ARG N    N  N N 14  
ARG CA   C  N S 15  
ARG C    C  N N 16  
ARG O    O  N N 17  
ARG CB   C  N N 18  
ARG CG   C  N N 19  
ARG CD   C  N N 20  
ARG NE   N  N N 21  
ARG CZ   C  N N 22  
ARG NH1  N  N N 23  
ARG NH2  N  N N 24  
ARG OXT  O  N N 25  
ARG H    H  N N 26  
ARG H2   H  N N 27  
ARG HA   H  N N 28  
ARG HB2  H  N N 29  
ARG HB3  H  N N 30  
ARG HG2  H  N N 31  
ARG HG3  H  N N 32  
ARG HD2  H  N N 33  
ARG HD3  H  N N 34  
ARG HE   H  N N 35  
ARG HH11 H  N N 36  
ARG HH12 H  N N 37  
ARG HH21 H  N N 38  
ARG HH22 H  N N 39  
ARG HXT  H  N N 40  
ASN N    N  N N 41  
ASN CA   C  N S 42  
ASN C    C  N N 43  
ASN O    O  N N 44  
ASN CB   C  N N 45  
ASN CG   C  N N 46  
ASN OD1  O  N N 47  
ASN ND2  N  N N 48  
ASN OXT  O  N N 49  
ASN H    H  N N 50  
ASN H2   H  N N 51  
ASN HA   H  N N 52  
ASN HB2  H  N N 53  
ASN HB3  H  N N 54  
ASN HD21 H  N N 55  
ASN HD22 H  N N 56  
ASN HXT  H  N N 57  
ASP N    N  N N 58  
ASP CA   C  N S 59  
ASP C    C  N N 60  
ASP O    O  N N 61  
ASP CB   C  N N 62  
ASP CG   C  N N 63  
ASP OD1  O  N N 64  
ASP OD2  O  N N 65  
ASP OXT  O  N N 66  
ASP H    H  N N 67  
ASP H2   H  N N 68  
ASP HA   H  N N 69  
ASP HB2  H  N N 70  
ASP HB3  H  N N 71  
ASP HD2  H  N N 72  
ASP HXT  H  N N 73  
CYS N    N  N N 74  
CYS CA   C  N R 75  
CYS C    C  N N 76  
CYS O    O  N N 77  
CYS CB   C  N N 78  
CYS SG   S  N N 79  
CYS OXT  O  N N 80  
CYS H    H  N N 81  
CYS H2   H  N N 82  
CYS HA   H  N N 83  
CYS HB2  H  N N 84  
CYS HB3  H  N N 85  
CYS HG   H  N N 86  
CYS HXT  H  N N 87  
GLN N    N  N N 88  
GLN CA   C  N S 89  
GLN C    C  N N 90  
GLN O    O  N N 91  
GLN CB   C  N N 92  
GLN CG   C  N N 93  
GLN CD   C  N N 94  
GLN OE1  O  N N 95  
GLN NE2  N  N N 96  
GLN OXT  O  N N 97  
GLN H    H  N N 98  
GLN H2   H  N N 99  
GLN HA   H  N N 100 
GLN HB2  H  N N 101 
GLN HB3  H  N N 102 
GLN HG2  H  N N 103 
GLN HG3  H  N N 104 
GLN HE21 H  N N 105 
GLN HE22 H  N N 106 
GLN HXT  H  N N 107 
GLU N    N  N N 108 
GLU CA   C  N S 109 
GLU C    C  N N 110 
GLU O    O  N N 111 
GLU CB   C  N N 112 
GLU CG   C  N N 113 
GLU CD   C  N N 114 
GLU OE1  O  N N 115 
GLU OE2  O  N N 116 
GLU OXT  O  N N 117 
GLU H    H  N N 118 
GLU H2   H  N N 119 
GLU HA   H  N N 120 
GLU HB2  H  N N 121 
GLU HB3  H  N N 122 
GLU HG2  H  N N 123 
GLU HG3  H  N N 124 
GLU HE2  H  N N 125 
GLU HXT  H  N N 126 
GLY N    N  N N 127 
GLY CA   C  N N 128 
GLY C    C  N N 129 
GLY O    O  N N 130 
GLY OXT  O  N N 131 
GLY H    H  N N 132 
GLY H2   H  N N 133 
GLY HA2  H  N N 134 
GLY HA3  H  N N 135 
GLY HXT  H  N N 136 
HIS N    N  N N 137 
HIS CA   C  N S 138 
HIS C    C  N N 139 
HIS O    O  N N 140 
HIS CB   C  N N 141 
HIS CG   C  Y N 142 
HIS ND1  N  Y N 143 
HIS CD2  C  Y N 144 
HIS CE1  C  Y N 145 
HIS NE2  N  Y N 146 
HIS OXT  O  N N 147 
HIS H    H  N N 148 
HIS H2   H  N N 149 
HIS HA   H  N N 150 
HIS HB2  H  N N 151 
HIS HB3  H  N N 152 
HIS HD1  H  N N 153 
HIS HD2  H  N N 154 
HIS HE1  H  N N 155 
HIS HE2  H  N N 156 
HIS HXT  H  N N 157 
HOH O    O  N N 158 
HOH H1   H  N N 159 
HOH H2   H  N N 160 
ILE N    N  N N 161 
ILE CA   C  N S 162 
ILE C    C  N N 163 
ILE O    O  N N 164 
ILE CB   C  N S 165 
ILE CG1  C  N N 166 
ILE CG2  C  N N 167 
ILE CD1  C  N N 168 
ILE OXT  O  N N 169 
ILE H    H  N N 170 
ILE H2   H  N N 171 
ILE HA   H  N N 172 
ILE HB   H  N N 173 
ILE HG12 H  N N 174 
ILE HG13 H  N N 175 
ILE HG21 H  N N 176 
ILE HG22 H  N N 177 
ILE HG23 H  N N 178 
ILE HD11 H  N N 179 
ILE HD12 H  N N 180 
ILE HD13 H  N N 181 
ILE HXT  H  N N 182 
LEU N    N  N N 183 
LEU CA   C  N S 184 
LEU C    C  N N 185 
LEU O    O  N N 186 
LEU CB   C  N N 187 
LEU CG   C  N N 188 
LEU CD1  C  N N 189 
LEU CD2  C  N N 190 
LEU OXT  O  N N 191 
LEU H    H  N N 192 
LEU H2   H  N N 193 
LEU HA   H  N N 194 
LEU HB2  H  N N 195 
LEU HB3  H  N N 196 
LEU HG   H  N N 197 
LEU HD11 H  N N 198 
LEU HD12 H  N N 199 
LEU HD13 H  N N 200 
LEU HD21 H  N N 201 
LEU HD22 H  N N 202 
LEU HD23 H  N N 203 
LEU HXT  H  N N 204 
LYS N    N  N N 205 
LYS CA   C  N S 206 
LYS C    C  N N 207 
LYS O    O  N N 208 
LYS CB   C  N N 209 
LYS CG   C  N N 210 
LYS CD   C  N N 211 
LYS CE   C  N N 212 
LYS NZ   N  N N 213 
LYS OXT  O  N N 214 
LYS H    H  N N 215 
LYS H2   H  N N 216 
LYS HA   H  N N 217 
LYS HB2  H  N N 218 
LYS HB3  H  N N 219 
LYS HG2  H  N N 220 
LYS HG3  H  N N 221 
LYS HD2  H  N N 222 
LYS HD3  H  N N 223 
LYS HE2  H  N N 224 
LYS HE3  H  N N 225 
LYS HZ1  H  N N 226 
LYS HZ2  H  N N 227 
LYS HZ3  H  N N 228 
LYS HXT  H  N N 229 
MET N    N  N N 230 
MET CA   C  N S 231 
MET C    C  N N 232 
MET O    O  N N 233 
MET CB   C  N N 234 
MET CG   C  N N 235 
MET SD   S  N N 236 
MET CE   C  N N 237 
MET OXT  O  N N 238 
MET H    H  N N 239 
MET H2   H  N N 240 
MET HA   H  N N 241 
MET HB2  H  N N 242 
MET HB3  H  N N 243 
MET HG2  H  N N 244 
MET HG3  H  N N 245 
MET HE1  H  N N 246 
MET HE2  H  N N 247 
MET HE3  H  N N 248 
MET HXT  H  N N 249 
NA  NA   NA N N 250 
PHE N    N  N N 251 
PHE CA   C  N S 252 
PHE C    C  N N 253 
PHE O    O  N N 254 
PHE CB   C  N N 255 
PHE CG   C  Y N 256 
PHE CD1  C  Y N 257 
PHE CD2  C  Y N 258 
PHE CE1  C  Y N 259 
PHE CE2  C  Y N 260 
PHE CZ   C  Y N 261 
PHE OXT  O  N N 262 
PHE H    H  N N 263 
PHE H2   H  N N 264 
PHE HA   H  N N 265 
PHE HB2  H  N N 266 
PHE HB3  H  N N 267 
PHE HD1  H  N N 268 
PHE HD2  H  N N 269 
PHE HE1  H  N N 270 
PHE HE2  H  N N 271 
PHE HZ   H  N N 272 
PHE HXT  H  N N 273 
PRO N    N  N N 274 
PRO CA   C  N S 275 
PRO C    C  N N 276 
PRO O    O  N N 277 
PRO CB   C  N N 278 
PRO CG   C  N N 279 
PRO CD   C  N N 280 
PRO OXT  O  N N 281 
PRO H    H  N N 282 
PRO HA   H  N N 283 
PRO HB2  H  N N 284 
PRO HB3  H  N N 285 
PRO HG2  H  N N 286 
PRO HG3  H  N N 287 
PRO HD2  H  N N 288 
PRO HD3  H  N N 289 
PRO HXT  H  N N 290 
SER N    N  N N 291 
SER CA   C  N S 292 
SER C    C  N N 293 
SER O    O  N N 294 
SER CB   C  N N 295 
SER OG   O  N N 296 
SER OXT  O  N N 297 
SER H    H  N N 298 
SER H2   H  N N 299 
SER HA   H  N N 300 
SER HB2  H  N N 301 
SER HB3  H  N N 302 
SER HG   H  N N 303 
SER HXT  H  N N 304 
THR N    N  N N 305 
THR CA   C  N S 306 
THR C    C  N N 307 
THR O    O  N N 308 
THR CB   C  N R 309 
THR OG1  O  N N 310 
THR CG2  C  N N 311 
THR OXT  O  N N 312 
THR H    H  N N 313 
THR H2   H  N N 314 
THR HA   H  N N 315 
THR HB   H  N N 316 
THR HG1  H  N N 317 
THR HG21 H  N N 318 
THR HG22 H  N N 319 
THR HG23 H  N N 320 
THR HXT  H  N N 321 
TRP N    N  N N 322 
TRP CA   C  N S 323 
TRP C    C  N N 324 
TRP O    O  N N 325 
TRP CB   C  N N 326 
TRP CG   C  Y N 327 
TRP CD1  C  Y N 328 
TRP CD2  C  Y N 329 
TRP NE1  N  Y N 330 
TRP CE2  C  Y N 331 
TRP CE3  C  Y N 332 
TRP CZ2  C  Y N 333 
TRP CZ3  C  Y N 334 
TRP CH2  C  Y N 335 
TRP OXT  O  N N 336 
TRP H    H  N N 337 
TRP H2   H  N N 338 
TRP HA   H  N N 339 
TRP HB2  H  N N 340 
TRP HB3  H  N N 341 
TRP HD1  H  N N 342 
TRP HE1  H  N N 343 
TRP HE3  H  N N 344 
TRP HZ2  H  N N 345 
TRP HZ3  H  N N 346 
TRP HH2  H  N N 347 
TRP HXT  H  N N 348 
TYR N    N  N N 349 
TYR CA   C  N S 350 
TYR C    C  N N 351 
TYR O    O  N N 352 
TYR CB   C  N N 353 
TYR CG   C  Y N 354 
TYR CD1  C  Y N 355 
TYR CD2  C  Y N 356 
TYR CE1  C  Y N 357 
TYR CE2  C  Y N 358 
TYR CZ   C  Y N 359 
TYR OH   O  N N 360 
TYR OXT  O  N N 361 
TYR H    H  N N 362 
TYR H2   H  N N 363 
TYR HA   H  N N 364 
TYR HB2  H  N N 365 
TYR HB3  H  N N 366 
TYR HD1  H  N N 367 
TYR HD2  H  N N 368 
TYR HE1  H  N N 369 
TYR HE2  H  N N 370 
TYR HH   H  N N 371 
TYR HXT  H  N N 372 
VAL N    N  N N 373 
VAL CA   C  N S 374 
VAL C    C  N N 375 
VAL O    O  N N 376 
VAL CB   C  N N 377 
VAL CG1  C  N N 378 
VAL CG2  C  N N 379 
VAL OXT  O  N N 380 
VAL H    H  N N 381 
VAL H2   H  N N 382 
VAL HA   H  N N 383 
VAL HB   H  N N 384 
VAL HG11 H  N N 385 
VAL HG12 H  N N 386 
VAL HG13 H  N N 387 
VAL HG21 H  N N 388 
VAL HG22 H  N N 389 
VAL HG23 H  N N 390 
VAL HXT  H  N N 391 
# 
loop_
_chem_comp_bond.comp_id 
_chem_comp_bond.atom_id_1 
_chem_comp_bond.atom_id_2 
_chem_comp_bond.value_order 
_chem_comp_bond.pdbx_aromatic_flag 
_chem_comp_bond.pdbx_stereo_config 
_chem_comp_bond.pdbx_ordinal 
ALA N   CA   sing N N 1   
ALA N   H    sing N N 2   
ALA N   H2   sing N N 3   
ALA CA  C    sing N N 4   
ALA CA  CB   sing N N 5   
ALA CA  HA   sing N N 6   
ALA C   O    doub N N 7   
ALA C   OXT  sing N N 8   
ALA CB  HB1  sing N N 9   
ALA CB  HB2  sing N N 10  
ALA CB  HB3  sing N N 11  
ALA OXT HXT  sing N N 12  
ARG N   CA   sing N N 13  
ARG N   H    sing N N 14  
ARG N   H2   sing N N 15  
ARG CA  C    sing N N 16  
ARG CA  CB   sing N N 17  
ARG CA  HA   sing N N 18  
ARG C   O    doub N N 19  
ARG C   OXT  sing N N 20  
ARG CB  CG   sing N N 21  
ARG CB  HB2  sing N N 22  
ARG CB  HB3  sing N N 23  
ARG CG  CD   sing N N 24  
ARG CG  HG2  sing N N 25  
ARG CG  HG3  sing N N 26  
ARG CD  NE   sing N N 27  
ARG CD  HD2  sing N N 28  
ARG CD  HD3  sing N N 29  
ARG NE  CZ   sing N N 30  
ARG NE  HE   sing N N 31  
ARG CZ  NH1  sing N N 32  
ARG CZ  NH2  doub N N 33  
ARG NH1 HH11 sing N N 34  
ARG NH1 HH12 sing N N 35  
ARG NH2 HH21 sing N N 36  
ARG NH2 HH22 sing N N 37  
ARG OXT HXT  sing N N 38  
ASN N   CA   sing N N 39  
ASN N   H    sing N N 40  
ASN N   H2   sing N N 41  
ASN CA  C    sing N N 42  
ASN CA  CB   sing N N 43  
ASN CA  HA   sing N N 44  
ASN C   O    doub N N 45  
ASN C   OXT  sing N N 46  
ASN CB  CG   sing N N 47  
ASN CB  HB2  sing N N 48  
ASN CB  HB3  sing N N 49  
ASN CG  OD1  doub N N 50  
ASN CG  ND2  sing N N 51  
ASN ND2 HD21 sing N N 52  
ASN ND2 HD22 sing N N 53  
ASN OXT HXT  sing N N 54  
ASP N   CA   sing N N 55  
ASP N   H    sing N N 56  
ASP N   H2   sing N N 57  
ASP CA  C    sing N N 58  
ASP CA  CB   sing N N 59  
ASP CA  HA   sing N N 60  
ASP C   O    doub N N 61  
ASP C   OXT  sing N N 62  
ASP CB  CG   sing N N 63  
ASP CB  HB2  sing N N 64  
ASP CB  HB3  sing N N 65  
ASP CG  OD1  doub N N 66  
ASP CG  OD2  sing N N 67  
ASP OD2 HD2  sing N N 68  
ASP OXT HXT  sing N N 69  
CYS N   CA   sing N N 70  
CYS N   H    sing N N 71  
CYS N   H2   sing N N 72  
CYS CA  C    sing N N 73  
CYS CA  CB   sing N N 74  
CYS CA  HA   sing N N 75  
CYS C   O    doub N N 76  
CYS C   OXT  sing N N 77  
CYS CB  SG   sing N N 78  
CYS CB  HB2  sing N N 79  
CYS CB  HB3  sing N N 80  
CYS SG  HG   sing N N 81  
CYS OXT HXT  sing N N 82  
GLN N   CA   sing N N 83  
GLN N   H    sing N N 84  
GLN N   H2   sing N N 85  
GLN CA  C    sing N N 86  
GLN CA  CB   sing N N 87  
GLN CA  HA   sing N N 88  
GLN C   O    doub N N 89  
GLN C   OXT  sing N N 90  
GLN CB  CG   sing N N 91  
GLN CB  HB2  sing N N 92  
GLN CB  HB3  sing N N 93  
GLN CG  CD   sing N N 94  
GLN CG  HG2  sing N N 95  
GLN CG  HG3  sing N N 96  
GLN CD  OE1  doub N N 97  
GLN CD  NE2  sing N N 98  
GLN NE2 HE21 sing N N 99  
GLN NE2 HE22 sing N N 100 
GLN OXT HXT  sing N N 101 
GLU N   CA   sing N N 102 
GLU N   H    sing N N 103 
GLU N   H2   sing N N 104 
GLU CA  C    sing N N 105 
GLU CA  CB   sing N N 106 
GLU CA  HA   sing N N 107 
GLU C   O    doub N N 108 
GLU C   OXT  sing N N 109 
GLU CB  CG   sing N N 110 
GLU CB  HB2  sing N N 111 
GLU CB  HB3  sing N N 112 
GLU CG  CD   sing N N 113 
GLU CG  HG2  sing N N 114 
GLU CG  HG3  sing N N 115 
GLU CD  OE1  doub N N 116 
GLU CD  OE2  sing N N 117 
GLU OE2 HE2  sing N N 118 
GLU OXT HXT  sing N N 119 
GLY N   CA   sing N N 120 
GLY N   H    sing N N 121 
GLY N   H2   sing N N 122 
GLY CA  C    sing N N 123 
GLY CA  HA2  sing N N 124 
GLY CA  HA3  sing N N 125 
GLY C   O    doub N N 126 
GLY C   OXT  sing N N 127 
GLY OXT HXT  sing N N 128 
HIS N   CA   sing N N 129 
HIS N   H    sing N N 130 
HIS N   H2   sing N N 131 
HIS CA  C    sing N N 132 
HIS CA  CB   sing N N 133 
HIS CA  HA   sing N N 134 
HIS C   O    doub N N 135 
HIS C   OXT  sing N N 136 
HIS CB  CG   sing N N 137 
HIS CB  HB2  sing N N 138 
HIS CB  HB3  sing N N 139 
HIS CG  ND1  sing Y N 140 
HIS CG  CD2  doub Y N 141 
HIS ND1 CE1  doub Y N 142 
HIS ND1 HD1  sing N N 143 
HIS CD2 NE2  sing Y N 144 
HIS CD2 HD2  sing N N 145 
HIS CE1 NE2  sing Y N 146 
HIS CE1 HE1  sing N N 147 
HIS NE2 HE2  sing N N 148 
HIS OXT HXT  sing N N 149 
HOH O   H1   sing N N 150 
HOH O   H2   sing N N 151 
ILE N   CA   sing N N 152 
ILE N   H    sing N N 153 
ILE N   H2   sing N N 154 
ILE CA  C    sing N N 155 
ILE CA  CB   sing N N 156 
ILE CA  HA   sing N N 157 
ILE C   O    doub N N 158 
ILE C   OXT  sing N N 159 
ILE CB  CG1  sing N N 160 
ILE CB  CG2  sing N N 161 
ILE CB  HB   sing N N 162 
ILE CG1 CD1  sing N N 163 
ILE CG1 HG12 sing N N 164 
ILE CG1 HG13 sing N N 165 
ILE CG2 HG21 sing N N 166 
ILE CG2 HG22 sing N N 167 
ILE CG2 HG23 sing N N 168 
ILE CD1 HD11 sing N N 169 
ILE CD1 HD12 sing N N 170 
ILE CD1 HD13 sing N N 171 
ILE OXT HXT  sing N N 172 
LEU N   CA   sing N N 173 
LEU N   H    sing N N 174 
LEU N   H2   sing N N 175 
LEU CA  C    sing N N 176 
LEU CA  CB   sing N N 177 
LEU CA  HA   sing N N 178 
LEU C   O    doub N N 179 
LEU C   OXT  sing N N 180 
LEU CB  CG   sing N N 181 
LEU CB  HB2  sing N N 182 
LEU CB  HB3  sing N N 183 
LEU CG  CD1  sing N N 184 
LEU CG  CD2  sing N N 185 
LEU CG  HG   sing N N 186 
LEU CD1 HD11 sing N N 187 
LEU CD1 HD12 sing N N 188 
LEU CD1 HD13 sing N N 189 
LEU CD2 HD21 sing N N 190 
LEU CD2 HD22 sing N N 191 
LEU CD2 HD23 sing N N 192 
LEU OXT HXT  sing N N 193 
LYS N   CA   sing N N 194 
LYS N   H    sing N N 195 
LYS N   H2   sing N N 196 
LYS CA  C    sing N N 197 
LYS CA  CB   sing N N 198 
LYS CA  HA   sing N N 199 
LYS C   O    doub N N 200 
LYS C   OXT  sing N N 201 
LYS CB  CG   sing N N 202 
LYS CB  HB2  sing N N 203 
LYS CB  HB3  sing N N 204 
LYS CG  CD   sing N N 205 
LYS CG  HG2  sing N N 206 
LYS CG  HG3  sing N N 207 
LYS CD  CE   sing N N 208 
LYS CD  HD2  sing N N 209 
LYS CD  HD3  sing N N 210 
LYS CE  NZ   sing N N 211 
LYS CE  HE2  sing N N 212 
LYS CE  HE3  sing N N 213 
LYS NZ  HZ1  sing N N 214 
LYS NZ  HZ2  sing N N 215 
LYS NZ  HZ3  sing N N 216 
LYS OXT HXT  sing N N 217 
MET N   CA   sing N N 218 
MET N   H    sing N N 219 
MET N   H2   sing N N 220 
MET CA  C    sing N N 221 
MET CA  CB   sing N N 222 
MET CA  HA   sing N N 223 
MET C   O    doub N N 224 
MET C   OXT  sing N N 225 
MET CB  CG   sing N N 226 
MET CB  HB2  sing N N 227 
MET CB  HB3  sing N N 228 
MET CG  SD   sing N N 229 
MET CG  HG2  sing N N 230 
MET CG  HG3  sing N N 231 
MET SD  CE   sing N N 232 
MET CE  HE1  sing N N 233 
MET CE  HE2  sing N N 234 
MET CE  HE3  sing N N 235 
MET OXT HXT  sing N N 236 
PHE N   CA   sing N N 237 
PHE N   H    sing N N 238 
PHE N   H2   sing N N 239 
PHE CA  C    sing N N 240 
PHE CA  CB   sing N N 241 
PHE CA  HA   sing N N 242 
PHE C   O    doub N N 243 
PHE C   OXT  sing N N 244 
PHE CB  CG   sing N N 245 
PHE CB  HB2  sing N N 246 
PHE CB  HB3  sing N N 247 
PHE CG  CD1  doub Y N 248 
PHE CG  CD2  sing Y N 249 
PHE CD1 CE1  sing Y N 250 
PHE CD1 HD1  sing N N 251 
PHE CD2 CE2  doub Y N 252 
PHE CD2 HD2  sing N N 253 
PHE CE1 CZ   doub Y N 254 
PHE CE1 HE1  sing N N 255 
PHE CE2 CZ   sing Y N 256 
PHE CE2 HE2  sing N N 257 
PHE CZ  HZ   sing N N 258 
PHE OXT HXT  sing N N 259 
PRO N   CA   sing N N 260 
PRO N   CD   sing N N 261 
PRO N   H    sing N N 262 
PRO CA  C    sing N N 263 
PRO CA  CB   sing N N 264 
PRO CA  HA   sing N N 265 
PRO C   O    doub N N 266 
PRO C   OXT  sing N N 267 
PRO CB  CG   sing N N 268 
PRO CB  HB2  sing N N 269 
PRO CB  HB3  sing N N 270 
PRO CG  CD   sing N N 271 
PRO CG  HG2  sing N N 272 
PRO CG  HG3  sing N N 273 
PRO CD  HD2  sing N N 274 
PRO CD  HD3  sing N N 275 
PRO OXT HXT  sing N N 276 
SER N   CA   sing N N 277 
SER N   H    sing N N 278 
SER N   H2   sing N N 279 
SER CA  C    sing N N 280 
SER CA  CB   sing N N 281 
SER CA  HA   sing N N 282 
SER C   O    doub N N 283 
SER C   OXT  sing N N 284 
SER CB  OG   sing N N 285 
SER CB  HB2  sing N N 286 
SER CB  HB3  sing N N 287 
SER OG  HG   sing N N 288 
SER OXT HXT  sing N N 289 
THR N   CA   sing N N 290 
THR N   H    sing N N 291 
THR N   H2   sing N N 292 
THR CA  C    sing N N 293 
THR CA  CB   sing N N 294 
THR CA  HA   sing N N 295 
THR C   O    doub N N 296 
THR C   OXT  sing N N 297 
THR CB  OG1  sing N N 298 
THR CB  CG2  sing N N 299 
THR CB  HB   sing N N 300 
THR OG1 HG1  sing N N 301 
THR CG2 HG21 sing N N 302 
THR CG2 HG22 sing N N 303 
THR CG2 HG23 sing N N 304 
THR OXT HXT  sing N N 305 
TRP N   CA   sing N N 306 
TRP N   H    sing N N 307 
TRP N   H2   sing N N 308 
TRP CA  C    sing N N 309 
TRP CA  CB   sing N N 310 
TRP CA  HA   sing N N 311 
TRP C   O    doub N N 312 
TRP C   OXT  sing N N 313 
TRP CB  CG   sing N N 314 
TRP CB  HB2  sing N N 315 
TRP CB  HB3  sing N N 316 
TRP CG  CD1  doub Y N 317 
TRP CG  CD2  sing Y N 318 
TRP CD1 NE1  sing Y N 319 
TRP CD1 HD1  sing N N 320 
TRP CD2 CE2  doub Y N 321 
TRP CD2 CE3  sing Y N 322 
TRP NE1 CE2  sing Y N 323 
TRP NE1 HE1  sing N N 324 
TRP CE2 CZ2  sing Y N 325 
TRP CE3 CZ3  doub Y N 326 
TRP CE3 HE3  sing N N 327 
TRP CZ2 CH2  doub Y N 328 
TRP CZ2 HZ2  sing N N 329 
TRP CZ3 CH2  sing Y N 330 
TRP CZ3 HZ3  sing N N 331 
TRP CH2 HH2  sing N N 332 
TRP OXT HXT  sing N N 333 
TYR N   CA   sing N N 334 
TYR N   H    sing N N 335 
TYR N   H2   sing N N 336 
TYR CA  C    sing N N 337 
TYR CA  CB   sing N N 338 
TYR CA  HA   sing N N 339 
TYR C   O    doub N N 340 
TYR C   OXT  sing N N 341 
TYR CB  CG   sing N N 342 
TYR CB  HB2  sing N N 343 
TYR CB  HB3  sing N N 344 
TYR CG  CD1  doub Y N 345 
TYR CG  CD2  sing Y N 346 
TYR CD1 CE1  sing Y N 347 
TYR CD1 HD1  sing N N 348 
TYR CD2 CE2  doub Y N 349 
TYR CD2 HD2  sing N N 350 
TYR CE1 CZ   doub Y N 351 
TYR CE1 HE1  sing N N 352 
TYR CE2 CZ   sing Y N 353 
TYR CE2 HE2  sing N N 354 
TYR CZ  OH   sing N N 355 
TYR OH  HH   sing N N 356 
TYR OXT HXT  sing N N 357 
VAL N   CA   sing N N 358 
VAL N   H    sing N N 359 
VAL N   H2   sing N N 360 
VAL CA  C    sing N N 361 
VAL CA  CB   sing N N 362 
VAL CA  HA   sing N N 363 
VAL C   O    doub N N 364 
VAL C   OXT  sing N N 365 
VAL CB  CG1  sing N N 366 
VAL CB  CG2  sing N N 367 
VAL CB  HB   sing N N 368 
VAL CG1 HG11 sing N N 369 
VAL CG1 HG12 sing N N 370 
VAL CG1 HG13 sing N N 371 
VAL CG2 HG21 sing N N 372 
VAL CG2 HG22 sing N N 373 
VAL CG2 HG23 sing N N 374 
VAL OXT HXT  sing N N 375 
# 
_atom_sites.entry_id                    1BUN 
_atom_sites.fract_transf_matrix[1][1]   -0.01655390 
_atom_sites.fract_transf_matrix[1][2]   0.00878337 
_atom_sites.fract_transf_matrix[1][3]   -0.00319985 
_atom_sites.fract_transf_matrix[2][1]   -0.00466442 
_atom_sites.fract_transf_matrix[2][2]   -0.01340043 
_atom_sites.fract_transf_matrix[2][3]   -0.01265266 
_atom_sites.fract_transf_matrix[3][1]   -0.00240084 
_atom_sites.fract_transf_matrix[3][2]   -0.00303238 
_atom_sites.fract_transf_matrix[3][3]   0.00409666 
_atom_sites.fract_transf_vector[1]      0.871798 
_atom_sites.fract_transf_vector[2]      0.320136 
_atom_sites.fract_transf_vector[3]      0.195722 
# 
loop_
_atom_type.symbol 
C  
N  
NA 
O  
S  
# 
loop_
_atom_site.group_PDB 
_atom_site.id 
_atom_site.type_symbol 
_atom_site.label_atom_id 
_atom_site.label_alt_id 
_atom_site.label_comp_id 
_atom_site.label_asym_id 
_atom_site.label_entity_id 
_atom_site.label_seq_id 
_atom_site.pdbx_PDB_ins_code 
_atom_site.Cartn_x 
_atom_site.Cartn_y 
_atom_site.Cartn_z 
_atom_site.occupancy 
_atom_site.B_iso_or_equiv 
_atom_site.pdbx_formal_charge 
_atom_site.auth_seq_id 
_atom_site.auth_comp_id 
_atom_site.auth_asym_id 
_atom_site.auth_atom_id 
_atom_site.pdbx_PDB_model_num 
ATOM   1    N  N   . ASN A 1 1   ? -7.265  -10.939 10.763  1.00 47.42 ? 1   ASN A N   1 
ATOM   2    C  CA  . ASN A 1 1   ? -7.556  -11.957 9.703   1.00 46.16 ? 1   ASN A CA  1 
ATOM   3    C  C   . ASN A 1 1   ? -6.701  -11.629 8.488   1.00 45.34 ? 1   ASN A C   1 
ATOM   4    O  O   . ASN A 1 1   ? -6.873  -10.576 7.861   1.00 45.51 ? 1   ASN A O   1 
ATOM   5    C  CB  . ASN A 1 1   ? -9.043  -11.939 9.325   1.00 45.53 ? 1   ASN A CB  1 
ATOM   6    C  CG  . ASN A 1 1   ? -9.376  -12.905 8.198   1.00 45.28 ? 1   ASN A CG  1 
ATOM   7    O  OD1 . ASN A 1 1   ? -8.691  -13.906 8.001   1.00 46.03 ? 1   ASN A OD1 1 
ATOM   8    N  ND2 . ASN A 1 1   ? -10.426 -12.604 7.452   1.00 43.74 ? 1   ASN A ND2 1 
ATOM   9    N  N   . LEU A 1 2   ? -5.772  -12.525 8.174   1.00 44.45 ? 2   LEU A N   1 
ATOM   10   C  CA  . LEU A 1 2   ? -4.855  -12.342 7.053   1.00 43.79 ? 2   LEU A CA  1 
ATOM   11   C  C   . LEU A 1 2   ? -5.533  -11.714 5.836   1.00 42.74 ? 2   LEU A C   1 
ATOM   12   O  O   . LEU A 1 2   ? -5.177  -10.608 5.420   1.00 43.52 ? 2   LEU A O   1 
ATOM   13   C  CB  . LEU A 1 2   ? -4.195  -13.674 6.695   1.00 43.86 ? 2   LEU A CB  1 
ATOM   14   C  CG  . LEU A 1 2   ? -3.104  -13.741 5.619   1.00 45.01 ? 2   LEU A CG  1 
ATOM   15   C  CD1 . LEU A 1 2   ? -3.754  -13.857 4.255   1.00 46.94 ? 2   LEU A CD1 1 
ATOM   16   C  CD2 . LEU A 1 2   ? -2.125  -12.571 5.702   1.00 43.17 ? 2   LEU A CD2 1 
ATOM   17   N  N   . ILE A 1 3   ? -6.568  -12.371 5.332   1.00 40.94 ? 3   ILE A N   1 
ATOM   18   C  CA  . ILE A 1 3   ? -7.272  -11.861 4.170   1.00 38.75 ? 3   ILE A CA  1 
ATOM   19   C  C   . ILE A 1 3   ? -7.661  -10.379 4.254   1.00 36.43 ? 3   ILE A C   1 
ATOM   20   O  O   . ILE A 1 3   ? -7.520  -9.663  3.284   1.00 36.71 ? 3   ILE A O   1 
ATOM   21   C  CB  . ILE A 1 3   ? -8.484  -12.744 3.799   1.00 39.74 ? 3   ILE A CB  1 
ATOM   22   C  CG1 . ILE A 1 3   ? -8.004  -14.096 3.236   1.00 40.78 ? 3   ILE A CG1 1 
ATOM   23   C  CG2 . ILE A 1 3   ? -9.366  -12.036 2.762   1.00 39.97 ? 3   ILE A CG2 1 
ATOM   24   C  CD1 . ILE A 1 3   ? -7.303  -15.002 4.234   1.00 40.36 ? 3   ILE A CD1 1 
ATOM   25   N  N   . ASN A 1 4   ? -8.066  -9.888  5.411   1.00 34.96 ? 4   ASN A N   1 
ATOM   26   C  CA  . ASN A 1 4   ? -8.422  -8.470  5.493   1.00 34.01 ? 4   ASN A CA  1 
ATOM   27   C  C   . ASN A 1 4   ? -7.161  -7.597  5.450   1.00 32.91 ? 4   ASN A C   1 
ATOM   28   O  O   . ASN A 1 4   ? -7.142  -6.556  4.778   1.00 33.16 ? 4   ASN A O   1 
ATOM   29   C  CB  . ASN A 1 4   ? -9.206  -8.150  6.768   1.00 34.48 ? 4   ASN A CB  1 
ATOM   30   C  CG  . ASN A 1 4   ? -10.351 -9.100  7.009   1.00 33.78 ? 4   ASN A CG  1 
ATOM   31   O  OD1 . ASN A 1 4   ? -10.342 -9.849  7.976   1.00 34.10 ? 4   ASN A OD1 1 
ATOM   32   N  ND2 . ASN A 1 4   ? -11.336 -9.096  6.118   1.00 36.17 ? 4   ASN A ND2 1 
ATOM   33   N  N   . PHE A 1 5   ? -6.113  -8.018  6.162   1.00 30.80 ? 5   PHE A N   1 
ATOM   34   C  CA  . PHE A 1 5   ? -4.854  -7.270  6.204   1.00 28.66 ? 5   PHE A CA  1 
ATOM   35   C  C   . PHE A 1 5   ? -4.316  -7.014  4.801   1.00 30.21 ? 5   PHE A C   1 
ATOM   36   O  O   . PHE A 1 5   ? -3.922  -5.887  4.453   1.00 28.30 ? 5   PHE A O   1 
ATOM   37   C  CB  . PHE A 1 5   ? -3.811  -8.035  6.987   1.00 23.83 ? 5   PHE A CB  1 
ATOM   38   C  CG  . PHE A 1 5   ? -2.613  -7.216  7.338   1.00 19.41 ? 5   PHE A CG  1 
ATOM   39   C  CD1 . PHE A 1 5   ? -2.696  -5.845  7.391   1.00 14.31 ? 5   PHE A CD1 1 
ATOM   40   C  CD2 . PHE A 1 5   ? -1.403  -7.825  7.644   1.00 19.65 ? 5   PHE A CD2 1 
ATOM   41   C  CE1 . PHE A 1 5   ? -1.609  -5.099  7.742   1.00 14.31 ? 5   PHE A CE1 1 
ATOM   42   C  CE2 . PHE A 1 5   ? -0.304  -7.069  7.996   1.00 16.84 ? 5   PHE A CE2 1 
ATOM   43   C  CZ  . PHE A 1 5   ? -0.412  -5.711  8.044   1.00 15.37 ? 5   PHE A CZ  1 
ATOM   44   N  N   . MET A 1 6   ? -4.260  -8.085  4.015   1.00 32.53 ? 6   MET A N   1 
ATOM   45   C  CA  . MET A 1 6   ? -3.804  -8.008  2.641   1.00 33.96 ? 6   MET A CA  1 
ATOM   46   C  C   . MET A 1 6   ? -4.698  -7.049  1.859   1.00 34.75 ? 6   MET A C   1 
ATOM   47   O  O   . MET A 1 6   ? -4.201  -6.197  1.123   1.00 36.57 ? 6   MET A O   1 
ATOM   48   C  CB  . MET A 1 6   ? -3.833  -9.383  2.000   1.00 35.39 ? 6   MET A CB  1 
ATOM   49   C  CG  . MET A 1 6   ? -2.836  -10.341 2.598   1.00 37.53 ? 6   MET A CG  1 
ATOM   50   S  SD  . MET A 1 6   ? -2.707  -11.835 1.603   1.00 42.35 ? 6   MET A SD  1 
ATOM   51   C  CE  . MET A 1 6   ? -1.334  -12.654 2.466   1.00 41.01 ? 6   MET A CE  1 
ATOM   52   N  N   . GLU A 1 7   ? -6.008  -7.165  2.024   1.00 34.54 ? 7   GLU A N   1 
ATOM   53   C  CA  . GLU A 1 7   ? -6.925  -6.277  1.327   1.00 35.28 ? 7   GLU A CA  1 
ATOM   54   C  C   . GLU A 1 7   ? -6.510  -4.866  1.671   1.00 33.93 ? 7   GLU A C   1 
ATOM   55   O  O   . GLU A 1 7   ? -6.329  -4.041  0.787   1.00 34.44 ? 7   GLU A O   1 
ATOM   56   C  CB  . GLU A 1 7   ? -8.369  -6.500  1.792   1.00 39.40 ? 7   GLU A CB  1 
ATOM   57   C  CG  . GLU A 1 7   ? -9.407  -6.402  0.695   1.00 44.19 ? 7   GLU A CG  1 
ATOM   58   C  CD  . GLU A 1 7   ? -9.161  -7.422  -0.386  1.00 48.52 ? 7   GLU A CD  1 
ATOM   59   O  OE1 . GLU A 1 7   ? -9.527  -8.592  -0.198  1.00 51.28 ? 7   GLU A OE1 1 
ATOM   60   O  OE2 . GLU A 1 7   ? -8.573  -7.073  -1.422  1.00 52.12 ? 7   GLU A OE2 1 
ATOM   61   N  N   . MET A 1 8   ? -6.287  -4.617  2.958   1.00 32.62 ? 8   MET A N   1 
ATOM   62   C  CA  . MET A 1 8   ? -5.892  -3.293  3.436   1.00 30.14 ? 8   MET A CA  1 
ATOM   63   C  C   . MET A 1 8   ? -4.581  -2.758  2.881   1.00 29.39 ? 8   MET A C   1 
ATOM   64   O  O   . MET A 1 8   ? -4.483  -1.561  2.584   1.00 30.73 ? 8   MET A O   1 
ATOM   65   C  CB  . MET A 1 8   ? -5.847  -3.255  4.956   1.00 29.46 ? 8   MET A CB  1 
ATOM   66   C  CG  . MET A 1 8   ? -7.209  -3.038  5.622   1.00 28.65 ? 8   MET A CG  1 
ATOM   67   S  SD  . MET A 1 8   ? -7.005  -3.059  7.395   1.00 25.83 ? 8   MET A SD  1 
ATOM   68   C  CE  . MET A 1 8   ? -8.450  -2.185  7.943   1.00 23.05 ? 8   MET A CE  1 
ATOM   69   N  N   . ILE A 1 9   ? -3.574  -3.630  2.785   1.00 27.68 ? 9   ILE A N   1 
ATOM   70   C  CA  . ILE A 1 9   ? -2.244  -3.285  2.255   1.00 25.68 ? 9   ILE A CA  1 
ATOM   71   C  C   . ILE A 1 9   ? -2.334  -2.990  0.762   1.00 25.86 ? 9   ILE A C   1 
ATOM   72   O  O   . ILE A 1 9   ? -1.813  -1.977  0.258   1.00 24.48 ? 9   ILE A O   1 
ATOM   73   C  CB  . ILE A 1 9   ? -1.254  -4.461  2.438   1.00 24.96 ? 9   ILE A CB  1 
ATOM   74   C  CG1 . ILE A 1 9   ? -0.869  -4.592  3.908   1.00 27.57 ? 9   ILE A CG1 1 
ATOM   75   C  CG2 . ILE A 1 9   ? -0.037  -4.308  1.548   1.00 22.33 ? 9   ILE A CG2 1 
ATOM   76   C  CD1 . ILE A 1 9   ? -0.415  -3.281  4.535   1.00 28.51 ? 9   ILE A CD1 1 
ATOM   77   N  N   . ARG A 1 10  ? -3.015  -3.887  0.063   1.00 26.23 ? 10  ARG A N   1 
ATOM   78   C  CA  . ARG A 1 10  ? -3.185  -3.780  -1.355  1.00 28.10 ? 10  ARG A CA  1 
ATOM   79   C  C   . ARG A 1 10  ? -3.724  -2.412  -1.691  1.00 26.89 ? 10  ARG A C   1 
ATOM   80   O  O   . ARG A 1 10  ? -3.365  -1.842  -2.699  1.00 28.45 ? 10  ARG A O   1 
ATOM   81   C  CB  . ARG A 1 10  ? -4.100  -4.910  -1.842  1.00 32.70 ? 10  ARG A CB  1 
ATOM   82   C  CG  . ARG A 1 10  ? -5.000  -4.586  -3.034  1.00 41.87 ? 10  ARG A CG  1 
ATOM   83   C  CD  . ARG A 1 10  ? -4.364  -4.845  -4.405  1.00 48.23 ? 10  ARG A CD  1 
ATOM   84   N  NE  . ARG A 1 10  ? -5.141  -4.188  -5.462  1.00 53.95 ? 10  ARG A NE  1 
ATOM   85   C  CZ  . ARG A 1 10  ? -5.305  -4.658  -6.698  1.00 57.24 ? 10  ARG A CZ  1 
ATOM   86   N  NH1 . ARG A 1 10  ? -4.747  -5.814  -7.058  1.00 59.46 ? 10  ARG A NH1 1 
ATOM   87   N  NH2 . ARG A 1 10  ? -6.009  -3.956  -7.584  1.00 58.20 ? 10  ARG A NH2 1 
ATOM   88   N  N   . TYR A 1 11  ? -4.433  -1.814  -0.756  1.00 25.75 ? 11  TYR A N   1 
ATOM   89   C  CA  . TYR A 1 11  ? -5.053  -0.524  -0.977  1.00 24.79 ? 11  TYR A CA  1 
ATOM   90   C  C   . TYR A 1 11  ? -4.248  0.716   -0.553  1.00 25.46 ? 11  TYR A C   1 
ATOM   91   O  O   . TYR A 1 11  ? -4.624  1.840   -0.918  1.00 26.44 ? 11  TYR A O   1 
ATOM   92   C  CB  . TYR A 1 11  ? -6.421  -0.556  -0.274  1.00 24.18 ? 11  TYR A CB  1 
ATOM   93   C  CG  . TYR A 1 11  ? -7.321  0.638   -0.469  1.00 22.92 ? 11  TYR A CG  1 
ATOM   94   C  CD1 . TYR A 1 11  ? -8.038  0.808   -1.641  1.00 21.30 ? 11  TYR A CD1 1 
ATOM   95   C  CD2 . TYR A 1 11  ? -7.455  1.599   0.530   1.00 22.58 ? 11  TYR A CD2 1 
ATOM   96   C  CE1 . TYR A 1 11  ? -8.851  1.890   -1.818  1.00 18.88 ? 11  TYR A CE1 1 
ATOM   97   C  CE2 . TYR A 1 11  ? -8.271  2.683   0.359   1.00 20.49 ? 11  TYR A CE2 1 
ATOM   98   C  CZ  . TYR A 1 11  ? -8.960  2.822   -0.818  1.00 20.00 ? 11  TYR A CZ  1 
ATOM   99   O  OH  . TYR A 1 11  ? -9.757  3.929   -0.993  1.00 23.83 ? 11  TYR A OH  1 
ATOM   100  N  N   . THR A 1 12  ? -3.142  0.555   0.176   1.00 24.31 ? 12  THR A N   1 
ATOM   101  C  CA  . THR A 1 12  ? -2.414  1.736   0.623   1.00 23.74 ? 12  THR A CA  1 
ATOM   102  C  C   . THR A 1 12  ? -1.004  1.885   0.112   1.00 24.36 ? 12  THR A C   1 
ATOM   103  O  O   . THR A 1 12  ? -0.456  2.987   0.158   1.00 23.27 ? 12  THR A O   1 
ATOM   104  C  CB  . THR A 1 12  ? -2.387  1.876   2.176   1.00 22.60 ? 12  THR A CB  1 
ATOM   105  O  OG1 . THR A 1 12  ? -1.603  0.831   2.756   1.00 23.50 ? 12  THR A OG1 1 
ATOM   106  C  CG2 . THR A 1 12  ? -3.767  1.810   2.740   1.00 22.94 ? 12  THR A CG2 1 
ATOM   107  N  N   . ILE A 1 13  ? -0.385  0.774   -0.271  1.00 25.50 ? 13  ILE A N   1 
ATOM   108  C  CA  . ILE A 1 13  ? 0.975   0.798   -0.806  1.00 25.74 ? 13  ILE A CA  1 
ATOM   109  C  C   . ILE A 1 13  ? 0.895   1.422   -2.199  1.00 26.92 ? 13  ILE A C   1 
ATOM   110  O  O   . ILE A 1 13  ? -0.154  1.369   -2.844  1.00 28.27 ? 13  ILE A O   1 
ATOM   111  C  CB  . ILE A 1 13  ? 1.575   -0.629  -0.931  1.00 24.81 ? 13  ILE A CB  1 
ATOM   112  C  CG1 . ILE A 1 13  ? 0.784   -1.474  -1.940  1.00 22.15 ? 13  ILE A CG1 1 
ATOM   113  C  CG2 . ILE A 1 13  ? 1.541   -1.314  0.411   1.00 26.44 ? 13  ILE A CG2 1 
ATOM   114  C  CD1 . ILE A 1 13  ? 1.387   -2.816  -2.244  1.00 18.93 ? 13  ILE A CD1 1 
ATOM   115  N  N   . PRO A 1 14  ? 1.973   2.081   -2.657  1.00 26.98 ? 14  PRO A N   1 
ATOM   116  C  CA  . PRO A 1 14  ? 1.895   2.673   -3.986  1.00 26.75 ? 14  PRO A CA  1 
ATOM   117  C  C   . PRO A 1 14  ? 1.424   1.672   -5.031  1.00 27.40 ? 14  PRO A C   1 
ATOM   118  O  O   . PRO A 1 14  ? 1.734   0.475   -4.943  1.00 26.23 ? 14  PRO A O   1 
ATOM   119  C  CB  . PRO A 1 14  ? 3.336   3.129   -4.233  1.00 25.46 ? 14  PRO A CB  1 
ATOM   120  C  CG  . PRO A 1 14  ? 4.145   2.340   -3.295  1.00 23.15 ? 14  PRO A CG  1 
ATOM   121  C  CD  . PRO A 1 14  ? 3.300   2.333   -2.076  1.00 25.79 ? 14  PRO A CD  1 
ATOM   122  N  N   . CYS A 1 15  ? 0.679   2.188   -6.009  1.00 28.04 ? 15  CYS A N   1 
ATOM   123  C  CA  . CYS A 1 15  ? 0.118   1.415   -7.123  1.00 30.12 ? 15  CYS A CA  1 
ATOM   124  C  C   . CYS A 1 15  ? 1.068   0.467   -7.892  1.00 32.77 ? 15  CYS A C   1 
ATOM   125  O  O   . CYS A 1 15  ? 0.702   -0.661  -8.247  1.00 32.47 ? 15  CYS A O   1 
ATOM   126  C  CB  . CYS A 1 15  ? -0.541  2.375   -8.109  1.00 27.83 ? 15  CYS A CB  1 
ATOM   127  S  SG  . CYS A 1 15  ? -2.070  3.122   -7.494  1.00 23.13 ? 15  CYS A SG  1 
ATOM   128  N  N   . GLU A 1 16  ? 2.271   0.949   -8.179  1.00 35.48 ? 16  GLU A N   1 
ATOM   129  C  CA  . GLU A 1 16  ? 3.257   0.165   -8.908  1.00 37.79 ? 16  GLU A CA  1 
ATOM   130  C  C   . GLU A 1 16  ? 3.798   -1.067  -8.135  1.00 36.69 ? 16  GLU A C   1 
ATOM   131  O  O   . GLU A 1 16  ? 4.311   -2.008  -8.750  1.00 36.55 ? 16  GLU A O   1 
ATOM   132  C  CB  . GLU A 1 16  ? 4.415   1.087   -9.305  1.00 41.37 ? 16  GLU A CB  1 
ATOM   133  C  CG  . GLU A 1 16  ? 5.382   0.507   -10.339 1.00 48.67 ? 16  GLU A CG  1 
ATOM   134  C  CD  . GLU A 1 16  ? 4.934   0.713   -11.789 1.00 52.24 ? 16  GLU A CD  1 
ATOM   135  O  OE1 . GLU A 1 16  ? 5.231   1.790   -12.364 1.00 54.81 ? 16  GLU A OE1 1 
ATOM   136  O  OE2 . GLU A 1 16  ? 4.329   -0.211  -12.384 1.00 52.99 ? 16  GLU A OE2 1 
ATOM   137  N  N   . LYS A 1 17  ? 3.695   -1.049  -6.801  1.00 35.13 ? 17  LYS A N   1 
ATOM   138  C  CA  . LYS A 1 17  ? 4.208   -2.135  -5.948  1.00 32.72 ? 17  LYS A CA  1 
ATOM   139  C  C   . LYS A 1 17  ? 3.224   -3.276  -5.763  1.00 31.54 ? 17  LYS A C   1 
ATOM   140  O  O   . LYS A 1 17  ? 2.107   -3.224  -6.256  1.00 32.04 ? 17  LYS A O   1 
ATOM   141  C  CB  . LYS A 1 17  ? 4.577   -1.596  -4.569  1.00 33.00 ? 17  LYS A CB  1 
ATOM   142  C  CG  . LYS A 1 17  ? 6.047   -1.608  -4.264  1.00 34.97 ? 17  LYS A CG  1 
ATOM   143  C  CD  . LYS A 1 17  ? 6.637   -0.227  -4.393  1.00 35.80 ? 17  LYS A CD  1 
ATOM   144  C  CE  . LYS A 1 17  ? 8.076   -0.308  -4.895  1.00 39.08 ? 17  LYS A CE  1 
ATOM   145  N  NZ  . LYS A 1 17  ? 8.952   -1.246  -4.129  1.00 38.37 ? 17  LYS A NZ  1 
ATOM   146  N  N   . THR A 1 18  ? 3.632   -4.305  -5.035  1.00 30.27 ? 18  THR A N   1 
ATOM   147  C  CA  . THR A 1 18  ? 2.757   -5.439  -4.772  1.00 29.12 ? 18  THR A CA  1 
ATOM   148  C  C   . THR A 1 18  ? 2.993   -6.014  -3.359  1.00 29.11 ? 18  THR A C   1 
ATOM   149  O  O   . THR A 1 18  ? 4.004   -5.713  -2.706  1.00 26.87 ? 18  THR A O   1 
ATOM   150  C  CB  . THR A 1 18  ? 2.937   -6.549  -5.829  1.00 28.95 ? 18  THR A CB  1 
ATOM   151  O  OG1 . THR A 1 18  ? 4.305   -6.972  -5.863  1.00 30.10 ? 18  THR A OG1 1 
ATOM   152  C  CG2 . THR A 1 18  ? 2.553   -6.059  -7.198  1.00 30.14 ? 18  THR A CG2 1 
ATOM   153  N  N   . TRP A 1 19  ? 2.052   -6.838  -2.904  1.00 30.27 ? 19  TRP A N   1 
ATOM   154  C  CA  . TRP A 1 19  ? 2.114   -7.481  -1.587  1.00 32.19 ? 19  TRP A CA  1 
ATOM   155  C  C   . TRP A 1 19  ? 3.410   -8.284  -1.316  1.00 31.29 ? 19  TRP A C   1 
ATOM   156  O  O   . TRP A 1 19  ? 3.957   -8.247  -0.213  1.00 29.63 ? 19  TRP A O   1 
ATOM   157  C  CB  . TRP A 1 19  ? 0.863   -8.352  -1.402  1.00 35.46 ? 19  TRP A CB  1 
ATOM   158  C  CG  . TRP A 1 19  ? 0.873   -9.274  -0.204  1.00 41.05 ? 19  TRP A CG  1 
ATOM   159  C  CD1 . TRP A 1 19  ? 0.740   -10.633 -0.224  1.00 41.79 ? 19  TRP A CD1 1 
ATOM   160  C  CD2 . TRP A 1 19  ? 1.003   -8.905  1.180   1.00 42.77 ? 19  TRP A CD2 1 
ATOM   161  N  NE1 . TRP A 1 19  ? 0.778   -11.123 1.052   1.00 43.16 ? 19  TRP A NE1 1 
ATOM   162  C  CE2 . TRP A 1 19  ? 0.939   -10.084 1.932   1.00 43.26 ? 19  TRP A CE2 1 
ATOM   163  C  CE3 . TRP A 1 19  ? 1.170   -7.694  1.849   1.00 44.68 ? 19  TRP A CE3 1 
ATOM   164  C  CZ2 . TRP A 1 19  ? 1.033   -10.089 3.326   1.00 44.96 ? 19  TRP A CZ2 1 
ATOM   165  C  CZ3 . TRP A 1 19  ? 1.263   -7.703  3.236   1.00 45.42 ? 19  TRP A CZ3 1 
ATOM   166  C  CH2 . TRP A 1 19  ? 1.196   -8.891  3.955   1.00 44.43 ? 19  TRP A CH2 1 
ATOM   167  N  N   . GLY A 1 20  ? 3.901   -8.984  -2.329  1.00 32.15 ? 20  GLY A N   1 
ATOM   168  C  CA  . GLY A 1 20  ? 5.115   -9.772  -2.183  1.00 33.11 ? 20  GLY A CA  1 
ATOM   169  C  C   . GLY A 1 20  ? 6.320   -8.947  -1.756  1.00 33.86 ? 20  GLY A C   1 
ATOM   170  O  O   . GLY A 1 20  ? 7.166   -9.423  -0.988  1.00 34.01 ? 20  GLY A O   1 
ATOM   171  N  N   . GLU A 1 21  ? 6.406   -7.712  -2.249  1.00 33.63 ? 21  GLU A N   1 
ATOM   172  C  CA  . GLU A 1 21  ? 7.508   -6.821  -1.894  1.00 33.07 ? 21  GLU A CA  1 
ATOM   173  C  C   . GLU A 1 21  ? 7.427   -6.385  -0.439  1.00 32.07 ? 21  GLU A C   1 
ATOM   174  O  O   . GLU A 1 21  ? 8.328   -5.727  0.075   1.00 33.01 ? 21  GLU A O   1 
ATOM   175  C  CB  . GLU A 1 21  ? 7.504   -5.584  -2.776  1.00 32.61 ? 21  GLU A CB  1 
ATOM   176  C  CG  . GLU A 1 21  ? 8.023   -5.850  -4.129  1.00 36.97 ? 21  GLU A CG  1 
ATOM   177  C  CD  . GLU A 1 21  ? 8.006   -4.621  -4.991  1.00 40.44 ? 21  GLU A CD  1 
ATOM   178  O  OE1 . GLU A 1 21  ? 8.935   -3.784  -4.857  1.00 40.88 ? 21  GLU A OE1 1 
ATOM   179  O  OE2 . GLU A 1 21  ? 7.061   -4.490  -5.797  1.00 42.87 ? 21  GLU A OE2 1 
ATOM   180  N  N   . TYR A 1 22  ? 6.311   -6.675  0.204   1.00 30.58 ? 22  TYR A N   1 
ATOM   181  C  CA  . TYR A 1 22  ? 6.141   -6.299  1.591   1.00 29.30 ? 22  TYR A CA  1 
ATOM   182  C  C   . TYR A 1 22  ? 6.165   -7.520  2.486   1.00 28.67 ? 22  TYR A C   1 
ATOM   183  O  O   . TYR A 1 22  ? 6.328   -7.379  3.701   1.00 28.74 ? 22  TYR A O   1 
ATOM   184  C  CB  . TYR A 1 22  ? 4.835   -5.536  1.775   1.00 28.52 ? 22  TYR A CB  1 
ATOM   185  C  CG  . TYR A 1 22  ? 4.888   -4.150  1.209   1.00 28.68 ? 22  TYR A CG  1 
ATOM   186  C  CD1 . TYR A 1 22  ? 4.598   -3.920  -0.122  1.00 29.43 ? 22  TYR A CD1 1 
ATOM   187  C  CD2 . TYR A 1 22  ? 5.253   -3.077  1.996   1.00 28.08 ? 22  TYR A CD2 1 
ATOM   188  C  CE1 . TYR A 1 22  ? 4.674   -2.649  -0.662  1.00 29.42 ? 22  TYR A CE1 1 
ATOM   189  C  CE2 . TYR A 1 22  ? 5.332   -1.803  1.468   1.00 28.14 ? 22  TYR A CE2 1 
ATOM   190  C  CZ  . TYR A 1 22  ? 5.045   -1.596  0.137   1.00 28.84 ? 22  TYR A CZ  1 
ATOM   191  O  OH  . TYR A 1 22  ? 5.167   -0.340  -0.415  1.00 29.79 ? 22  TYR A OH  1 
ATOM   192  N  N   . ALA A 1 23  ? 6.043   -8.702  1.873   1.00 27.64 ? 23  ALA A N   1 
ATOM   193  C  CA  . ALA A 1 23  ? 6.014   -9.972  2.589   1.00 27.56 ? 23  ALA A CA  1 
ATOM   194  C  C   . ALA A 1 23  ? 7.348   -10.360 3.226   1.00 28.68 ? 23  ALA A C   1 
ATOM   195  O  O   . ALA A 1 23  ? 7.386   -10.967 4.308   1.00 30.80 ? 23  ALA A O   1 
ATOM   196  C  CB  . ALA A 1 23  ? 5.519   -11.082 1.672   1.00 26.00 ? 23  ALA A CB  1 
ATOM   197  N  N   . ASP A 1 24  ? 8.443   -10.066 2.553   1.00 28.17 ? 24  ASP A N   1 
ATOM   198  C  CA  . ASP A 1 24  ? 9.729   -10.393 3.131   1.00 28.37 ? 24  ASP A CA  1 
ATOM   199  C  C   . ASP A 1 24  ? 10.646  -9.170  2.987   1.00 27.98 ? 24  ASP A C   1 
ATOM   200  O  O   . ASP A 1 24  ? 11.453  -9.067  2.041   1.00 28.00 ? 24  ASP A O   1 
ATOM   201  C  CB  . ASP A 1 24  ? 10.321  -11.622 2.468   1.00 29.94 ? 24  ASP A CB  1 
ATOM   202  C  CG  . ASP A 1 24  ? 11.656  -11.996 3.045   1.00 33.31 ? 24  ASP A CG  1 
ATOM   203  O  OD1 . ASP A 1 24  ? 11.794  -11.962 4.284   1.00 36.25 ? 24  ASP A OD1 1 
ATOM   204  O  OD2 . ASP A 1 24  ? 12.582  -12.315 2.273   1.00 35.11 ? 24  ASP A OD2 1 
ATOM   205  N  N   . TYR A 1 25  ? 10.487  -8.247  3.937   1.00 24.77 ? 25  TYR A N   1 
ATOM   206  C  CA  . TYR A 1 25  ? 11.221  -6.995  3.970   1.00 22.19 ? 25  TYR A CA  1 
ATOM   207  C  C   . TYR A 1 25  ? 11.754  -6.717  5.366   1.00 21.72 ? 25  TYR A C   1 
ATOM   208  O  O   . TYR A 1 25  ? 11.052  -6.943  6.359   1.00 21.97 ? 25  TYR A O   1 
ATOM   209  C  CB  . TYR A 1 25  ? 10.298  -5.847  3.559   1.00 20.34 ? 25  TYR A CB  1 
ATOM   210  C  CG  . TYR A 1 25  ? 10.983  -4.495  3.505   1.00 20.84 ? 25  TYR A CG  1 
ATOM   211  C  CD1 . TYR A 1 25  ? 11.140  -3.718  4.652   1.00 18.34 ? 25  TYR A CD1 1 
ATOM   212  C  CD2 . TYR A 1 25  ? 11.413  -3.963  2.290   1.00 21.13 ? 25  TYR A CD2 1 
ATOM   213  C  CE1 . TYR A 1 25  ? 11.681  -2.463  4.588   1.00 18.57 ? 25  TYR A CE1 1 
ATOM   214  C  CE2 . TYR A 1 25  ? 11.967  -2.700  2.221   1.00 20.28 ? 25  TYR A CE2 1 
ATOM   215  C  CZ  . TYR A 1 25  ? 12.093  -1.950  3.366   1.00 18.32 ? 25  TYR A CZ  1 
ATOM   216  O  OH  . TYR A 1 25  ? 12.608  -0.674  3.281   1.00 17.08 ? 25  TYR A OH  1 
ATOM   217  N  N   . GLY A 1 26  ? 12.971  -6.164  5.416   1.00 20.81 ? 26  GLY A N   1 
ATOM   218  C  CA  . GLY A 1 26  ? 13.617  -5.810  6.666   1.00 19.62 ? 26  GLY A CA  1 
ATOM   219  C  C   . GLY A 1 26  ? 13.716  -6.989  7.607   1.00 19.55 ? 26  GLY A C   1 
ATOM   220  O  O   . GLY A 1 26  ? 13.755  -8.146  7.171   1.00 20.43 ? 26  GLY A O   1 
ATOM   221  N  N   . CYS A 1 27  ? 13.712  -6.695  8.897   1.00 18.45 ? 27  CYS A N   1 
ATOM   222  C  CA  . CYS A 1 27  ? 13.822  -7.707  9.918   1.00 18.98 ? 27  CYS A CA  1 
ATOM   223  C  C   . CYS A 1 27  ? 12.469  -8.273  10.392  1.00 19.61 ? 27  CYS A C   1 
ATOM   224  O  O   . CYS A 1 27  ? 12.380  -9.449  10.787  1.00 19.06 ? 27  CYS A O   1 
ATOM   225  C  CB  . CYS A 1 27  ? 14.647  -7.162  11.098  1.00 19.50 ? 27  CYS A CB  1 
ATOM   226  S  SG  . CYS A 1 27  ? 16.437  -6.975  10.738  1.00 21.76 ? 27  CYS A SG  1 
ATOM   227  N  N   . TYR A 1 28  ? 11.410  -7.476  10.281  1.00 18.70 ? 28  TYR A N   1 
ATOM   228  C  CA  . TYR A 1 28  ? 10.105  -7.899  10.744  1.00 18.02 ? 28  TYR A CA  1 
ATOM   229  C  C   . TYR A 1 28  ? 8.988   -8.082  9.747   1.00 20.31 ? 28  TYR A C   1 
ATOM   230  O  O   . TYR A 1 28  ? 8.014   -8.755  10.069  1.00 21.05 ? 28  TYR A O   1 
ATOM   231  C  CB  . TYR A 1 28  ? 9.619   -6.971  11.853  1.00 15.85 ? 28  TYR A CB  1 
ATOM   232  C  CG  . TYR A 1 28  ? 10.377  -7.152  13.132  1.00 14.91 ? 28  TYR A CG  1 
ATOM   233  C  CD1 . TYR A 1 28  ? 11.572  -6.462  13.360  1.00 15.59 ? 28  TYR A CD1 1 
ATOM   234  C  CD2 . TYR A 1 28  ? 9.946   -8.063  14.090  1.00 13.86 ? 28  TYR A CD2 1 
ATOM   235  C  CE1 . TYR A 1 28  ? 12.333  -6.684  14.521  1.00 15.01 ? 28  TYR A CE1 1 
ATOM   236  C  CE2 . TYR A 1 28  ? 10.697  -8.294  15.239  1.00 15.40 ? 28  TYR A CE2 1 
ATOM   237  C  CZ  . TYR A 1 28  ? 11.887  -7.606  15.451  1.00 15.67 ? 28  TYR A CZ  1 
ATOM   238  O  OH  . TYR A 1 28  ? 12.644  -7.872  16.562  1.00 14.87 ? 28  TYR A OH  1 
ATOM   239  N  N   . CYS A 1 29  ? 9.076   -7.508  8.550   1.00 24.11 ? 29  CYS A N   1 
ATOM   240  C  CA  . CYS A 1 29  ? 7.960   -7.670  7.595   1.00 26.19 ? 29  CYS A CA  1 
ATOM   241  C  C   . CYS A 1 29  ? 7.828   -9.084  7.077   1.00 29.89 ? 29  CYS A C   1 
ATOM   242  O  O   . CYS A 1 29  ? 8.706   -9.600  6.394   1.00 31.79 ? 29  CYS A O   1 
ATOM   243  C  CB  . CYS A 1 29  ? 8.027   -6.662  6.463   1.00 21.69 ? 29  CYS A CB  1 
ATOM   244  S  SG  . CYS A 1 29  ? 8.086   -4.964  7.117   1.00 15.83 ? 29  CYS A SG  1 
ATOM   245  N  N   . GLY A 1 30  ? 6.731   -9.720  7.467   1.00 32.73 ? 30  GLY A N   1 
ATOM   246  C  CA  . GLY A 1 30  ? 6.488   -11.089 7.073   1.00 34.61 ? 30  GLY A CA  1 
ATOM   247  C  C   . GLY A 1 30  ? 6.350   -11.921 8.334   1.00 36.24 ? 30  GLY A C   1 
ATOM   248  O  O   . GLY A 1 30  ? 6.096   -11.371 9.421   1.00 35.99 ? 30  GLY A O   1 
ATOM   249  N  N   . ALA A 1 31  ? 6.567   -13.232 8.205   1.00 36.54 ? 31  ALA A N   1 
ATOM   250  C  CA  . ALA A 1 31  ? 6.444   -14.155 9.326   1.00 36.05 ? 31  ALA A CA  1 
ATOM   251  C  C   . ALA A 1 31  ? 7.592   -14.070 10.306  1.00 35.83 ? 31  ALA A C   1 
ATOM   252  O  O   . ALA A 1 31  ? 8.748   -14.286 9.935   1.00 35.94 ? 31  ALA A O   1 
ATOM   253  C  CB  . ALA A 1 31  ? 6.313   -15.554 8.821   1.00 37.17 ? 31  ALA A CB  1 
ATOM   254  N  N   . GLY A 1 32  ? 7.254   -13.790 11.565  1.00 35.16 ? 32  GLY A N   1 
ATOM   255  C  CA  . GLY A 1 32  ? 8.259   -13.683 12.616  1.00 33.90 ? 32  GLY A CA  1 
ATOM   256  C  C   . GLY A 1 32  ? 9.057   -12.380 12.615  1.00 32.74 ? 32  GLY A C   1 
ATOM   257  O  O   . GLY A 1 32  ? 8.585   -11.346 12.115  1.00 31.29 ? 32  GLY A O   1 
ATOM   258  N  N   . GLY A 1 33  ? 10.255  -12.438 13.193  1.00 30.72 ? 33  GLY A N   1 
ATOM   259  C  CA  . GLY A 1 33  ? 11.123  -11.274 13.266  1.00 28.21 ? 33  GLY A CA  1 
ATOM   260  C  C   . GLY A 1 33  ? 12.205  -11.460 14.321  1.00 26.24 ? 33  GLY A C   1 
ATOM   261  O  O   . GLY A 1 33  ? 12.182  -12.439 15.062  1.00 25.68 ? 33  GLY A O   1 
ATOM   262  N  N   . SER A 1 34  ? 13.174  -10.558 14.367  1.00 23.96 ? 34  SER A N   1 
ATOM   263  C  CA  . SER A 1 34  ? 14.232  -10.636 15.354  1.00 22.24 ? 34  SER A CA  1 
ATOM   264  C  C   . SER A 1 34  ? 15.013  -9.380  15.187  1.00 21.86 ? 34  SER A C   1 
ATOM   265  O  O   . SER A 1 34  ? 14.920  -8.749  14.139  1.00 24.21 ? 34  SER A O   1 
ATOM   266  C  CB  . SER A 1 34  ? 15.159  -11.781 15.054  1.00 22.89 ? 34  SER A CB  1 
ATOM   267  O  OG  . SER A 1 34  ? 16.047  -11.397 14.024  1.00 25.70 ? 34  SER A OG  1 
ATOM   268  N  N   . GLY A 1 35  ? 15.832  -9.043  16.172  1.00 20.10 ? 35  GLY A N   1 
ATOM   269  C  CA  . GLY A 1 35  ? 16.645  -7.853  16.065  1.00 17.95 ? 35  GLY A CA  1 
ATOM   270  C  C   . GLY A 1 35  ? 15.778  -6.639  16.238  1.00 18.25 ? 35  GLY A C   1 
ATOM   271  O  O   . GLY A 1 35  ? 14.811  -6.691  17.010  1.00 18.90 ? 35  GLY A O   1 
ATOM   272  N  N   . ARG A 1 36  ? 16.126  -5.542  15.563  1.00 16.67 ? 36  ARG A N   1 
ATOM   273  C  CA  . ARG A 1 36  ? 15.351  -4.310  15.656  1.00 15.34 ? 36  ARG A CA  1 
ATOM   274  C  C   . ARG A 1 36  ? 14.969  -3.982  14.244  1.00 15.77 ? 36  ARG A C   1 
ATOM   275  O  O   . ARG A 1 36  ? 15.615  -4.461  13.326  1.00 16.73 ? 36  ARG A O   1 
ATOM   276  C  CB  . ARG A 1 36  ? 16.214  -3.159  16.180  1.00 14.31 ? 36  ARG A CB  1 
ATOM   277  C  CG  . ARG A 1 36  ? 16.577  -3.155  17.649  1.00 13.53 ? 36  ARG A CG  1 
ATOM   278  C  CD  . ARG A 1 36  ? 17.502  -4.307  18.038  1.00 12.42 ? 36  ARG A CD  1 
ATOM   279  N  NE  . ARG A 1 36  ? 18.639  -4.443  17.135  1.00 11.74 ? 36  ARG A NE  1 
ATOM   280  C  CZ  . ARG A 1 36  ? 19.467  -5.488  17.132  1.00 11.74 ? 36  ARG A CZ  1 
ATOM   281  N  NH1 . ARG A 1 36  ? 19.354  -6.417  18.067  1.00 11.60 ? 36  ARG A NH1 1 
ATOM   282  N  NH2 . ARG A 1 36  ? 20.461  -5.557  16.254  1.00 10.60 ? 36  ARG A NH2 1 
ATOM   283  N  N   . PRO A 1 37  ? 13.867  -3.237  14.032  1.00 17.02 ? 37  PRO A N   1 
ATOM   284  C  CA  . PRO A 1 37  ? 13.526  -2.915  12.643  1.00 17.09 ? 37  PRO A CA  1 
ATOM   285  C  C   . PRO A 1 37  ? 14.660  -2.073  12.077  1.00 17.77 ? 37  PRO A C   1 
ATOM   286  O  O   . PRO A 1 37  ? 15.139  -1.169  12.748  1.00 19.75 ? 37  PRO A O   1 
ATOM   287  C  CB  . PRO A 1 37  ? 12.227  -2.110  12.781  1.00 15.49 ? 37  PRO A CB  1 
ATOM   288  C  CG  . PRO A 1 37  ? 12.267  -1.581  14.157  1.00 14.66 ? 37  PRO A CG  1 
ATOM   289  C  CD  . PRO A 1 37  ? 12.820  -2.736  14.944  1.00 16.50 ? 37  PRO A CD  1 
ATOM   290  N  N   . ILE A 1 38  ? 15.117  -2.420  10.879  1.00 17.59 ? 38  ILE A N   1 
ATOM   291  C  CA  . ILE A 1 38  ? 16.228  -1.752  10.187  1.00 15.92 ? 38  ILE A CA  1 
ATOM   292  C  C   . ILE A 1 38  ? 15.863  -0.343  9.680   1.00 16.76 ? 38  ILE A C   1 
ATOM   293  O  O   . ILE A 1 38  ? 16.696  0.558   9.711   1.00 17.14 ? 38  ILE A O   1 
ATOM   294  C  CB  . ILE A 1 38  ? 16.794  -2.705  9.048   1.00 14.39 ? 38  ILE A CB  1 
ATOM   295  C  CG1 . ILE A 1 38  ? 18.147  -2.237  8.537   1.00 15.67 ? 38  ILE A CG1 1 
ATOM   296  C  CG2 . ILE A 1 38  ? 15.839  -2.824  7.893   1.00 12.54 ? 38  ILE A CG2 1 
ATOM   297  C  CD1 . ILE A 1 38  ? 19.228  -2.254  9.569   1.00 14.13 ? 38  ILE A CD1 1 
ATOM   298  N  N   . ASP A 1 39  ? 14.624  -0.131  9.247   1.00 17.82 ? 39  ASP A N   1 
ATOM   299  C  CA  . ASP A 1 39  ? 14.200  1.203   8.791   1.00 18.98 ? 39  ASP A CA  1 
ATOM   300  C  C   . ASP A 1 39  ? 12.744  1.563   9.142   1.00 18.56 ? 39  ASP A C   1 
ATOM   301  O  O   . ASP A 1 39  ? 12.096  0.864   9.919   1.00 19.24 ? 39  ASP A O   1 
ATOM   302  C  CB  . ASP A 1 39  ? 14.459  1.402   7.287   1.00 19.97 ? 39  ASP A CB  1 
ATOM   303  C  CG  . ASP A 1 39  ? 13.635  0.495   6.426   1.00 21.86 ? 39  ASP A CG  1 
ATOM   304  O  OD1 . ASP A 1 39  ? 12.763  -0.216  6.966   1.00 23.55 ? 39  ASP A OD1 1 
ATOM   305  O  OD2 . ASP A 1 39  ? 13.816  0.532   5.194   1.00 21.02 ? 39  ASP A OD2 1 
ATOM   306  N  N   . ALA A 1 40  ? 12.223  2.637   8.549   1.00 17.55 ? 40  ALA A N   1 
ATOM   307  C  CA  . ALA A 1 40  ? 10.867  3.096   8.843   1.00 15.59 ? 40  ALA A CA  1 
ATOM   308  C  C   . ALA A 1 40  ? 9.797   2.057   8.545   1.00 15.94 ? 40  ALA A C   1 
ATOM   309  O  O   . ALA A 1 40  ? 8.981   1.762   9.404   1.00 17.17 ? 40  ALA A O   1 
ATOM   310  C  CB  . ALA A 1 40  ? 10.579  4.364   8.109   1.00 15.08 ? 40  ALA A CB  1 
ATOM   311  N  N   . LEU A 1 41  ? 9.797   1.513   7.328   1.00 15.30 ? 41  LEU A N   1 
ATOM   312  C  CA  . LEU A 1 41  ? 8.834   0.483   6.918   1.00 14.22 ? 41  LEU A CA  1 
ATOM   313  C  C   . LEU A 1 41  ? 8.914   -0.772  7.800   1.00 14.96 ? 41  LEU A C   1 
ATOM   314  O  O   . LEU A 1 41  ? 7.915   -1.413  8.050   1.00 16.06 ? 41  LEU A O   1 
ATOM   315  C  CB  . LEU A 1 41  ? 9.063   0.080   5.450   1.00 9.34  ? 41  LEU A CB  1 
ATOM   316  C  CG  . LEU A 1 41  ? 8.133   -0.980  4.866   1.00 4.88  ? 41  LEU A CG  1 
ATOM   317  C  CD1 . LEU A 1 41  ? 6.672   -0.629  5.080   1.00 2.93  ? 41  LEU A CD1 1 
ATOM   318  C  CD2 . LEU A 1 41  ? 8.405   -1.062  3.398   1.00 9.48  ? 41  LEU A CD2 1 
ATOM   319  N  N   . ASP A 1 42  ? 10.106  -1.151  8.224   1.00 15.07 ? 42  ASP A N   1 
ATOM   320  C  CA  . ASP A 1 42  ? 10.245  -2.312  9.070   1.00 16.68 ? 42  ASP A CA  1 
ATOM   321  C  C   . ASP A 1 42  ? 9.570   -2.006  10.408  1.00 18.54 ? 42  ASP A C   1 
ATOM   322  O  O   . ASP A 1 42  ? 8.903   -2.839  11.007  1.00 18.19 ? 42  ASP A O   1 
ATOM   323  C  CB  . ASP A 1 42  ? 11.718  -2.604  9.282   1.00 16.98 ? 42  ASP A CB  1 
ATOM   324  C  CG  . ASP A 1 42  ? 11.973  -4.040  9.581   1.00 15.65 ? 42  ASP A CG  1 
ATOM   325  O  OD1 . ASP A 1 42  ? 11.095  -4.872  9.273   1.00 14.61 ? 42  ASP A OD1 1 
ATOM   326  O  OD2 . ASP A 1 42  ? 13.059  -4.340  10.106  1.00 15.86 ? 42  ASP A OD2 1 
ATOM   327  N  N   . ARG A 1 43  ? 9.731   -0.773  10.854  1.00 20.11 ? 43  ARG A N   1 
ATOM   328  C  CA  . ARG A 1 43  ? 9.120   -0.301  12.085  1.00 20.58 ? 43  ARG A CA  1 
ATOM   329  C  C   . ARG A 1 43  ? 7.601   -0.541  12.031  1.00 20.07 ? 43  ARG A C   1 
ATOM   330  O  O   . ARG A 1 43  ? 7.004   -0.917  13.035  1.00 21.25 ? 43  ARG A O   1 
ATOM   331  C  CB  . ARG A 1 43  ? 9.413   1.199   12.241  1.00 22.69 ? 43  ARG A CB  1 
ATOM   332  C  CG  . ARG A 1 43  ? 9.663   1.671   13.663  1.00 26.71 ? 43  ARG A CG  1 
ATOM   333  C  CD  . ARG A 1 43  ? 8.480   1.448   14.519  1.00 30.91 ? 43  ARG A CD  1 
ATOM   334  N  NE  . ARG A 1 43  ? 8.657   2.007   15.847  1.00 35.95 ? 43  ARG A NE  1 
ATOM   335  C  CZ  . ARG A 1 43  ? 8.106   3.151   16.244  1.00 39.35 ? 43  ARG A CZ  1 
ATOM   336  N  NH1 . ARG A 1 43  ? 7.347   3.859   15.412  1.00 37.29 ? 43  ARG A NH1 1 
ATOM   337  N  NH2 . ARG A 1 43  ? 8.257   3.544   17.505  1.00 42.62 ? 43  ARG A NH2 1 
ATOM   338  N  N   . CYS A 1 44  ? 6.992   -0.390  10.853  1.00 18.63 ? 44  CYS A N   1 
ATOM   339  C  CA  . CYS A 1 44  ? 5.550   -0.574  10.700  1.00 17.14 ? 44  CYS A CA  1 
ATOM   340  C  C   . CYS A 1 44  ? 5.183   -1.999  11.036  1.00 19.09 ? 44  CYS A C   1 
ATOM   341  O  O   . CYS A 1 44  ? 4.174   -2.245  11.716  1.00 19.82 ? 44  CYS A O   1 
ATOM   342  C  CB  . CYS A 1 44  ? 5.086   -0.288  9.276   1.00 16.63 ? 44  CYS A CB  1 
ATOM   343  S  SG  . CYS A 1 44  ? 5.318   1.404   8.639   1.00 16.34 ? 44  CYS A SG  1 
ATOM   344  N  N   . CYS A 1 45  ? 5.980   -2.938  10.521  1.00 18.14 ? 45  CYS A N   1 
ATOM   345  C  CA  . CYS A 1 45  ? 5.780   -4.360  10.750  1.00 17.47 ? 45  CYS A CA  1 
ATOM   346  C  C   . CYS A 1 45  ? 6.070   -4.743  12.215  1.00 19.40 ? 45  CYS A C   1 
ATOM   347  O  O   . CYS A 1 45  ? 5.350   -5.536  12.820  1.00 20.06 ? 45  CYS A O   1 
ATOM   348  C  CB  . CYS A 1 45  ? 6.659   -5.146  9.791   1.00 14.31 ? 45  CYS A CB  1 
ATOM   349  S  SG  . CYS A 1 45  ? 6.304   -4.734  8.053   1.00 17.23 ? 45  CYS A SG  1 
ATOM   350  N  N   . TYR A 1 46  ? 7.085   -4.113  12.799  1.00 20.05 ? 46  TYR A N   1 
ATOM   351  C  CA  . TYR A 1 46  ? 7.473   -4.354  14.178  1.00 19.40 ? 46  TYR A CA  1 
ATOM   352  C  C   . TYR A 1 46  ? 6.341   -3.962  15.123  1.00 20.70 ? 46  TYR A C   1 
ATOM   353  O  O   . TYR A 1 46  ? 6.006   -4.691  16.063  1.00 21.82 ? 46  TYR A O   1 
ATOM   354  C  CB  . TYR A 1 46  ? 8.736   -3.557  14.498  1.00 19.08 ? 46  TYR A CB  1 
ATOM   355  C  CG  . TYR A 1 46  ? 9.242   -3.733  15.908  1.00 19.06 ? 46  TYR A CG  1 
ATOM   356  C  CD1 . TYR A 1 46  ? 9.980   -4.844  16.278  1.00 18.35 ? 46  TYR A CD1 1 
ATOM   357  C  CD2 . TYR A 1 46  ? 8.915   -2.815  16.882  1.00 20.53 ? 46  TYR A CD2 1 
ATOM   358  C  CE1 . TYR A 1 46  ? 10.361  -5.030  17.574  1.00 19.24 ? 46  TYR A CE1 1 
ATOM   359  C  CE2 . TYR A 1 46  ? 9.286   -2.994  18.171  1.00 22.71 ? 46  TYR A CE2 1 
ATOM   360  C  CZ  . TYR A 1 46  ? 10.006  -4.097  18.521  1.00 21.30 ? 46  TYR A CZ  1 
ATOM   361  O  OH  . TYR A 1 46  ? 10.336  -4.234  19.852  1.00 22.80 ? 46  TYR A OH  1 
ATOM   362  N  N   . VAL A 1 47  ? 5.764   -2.794  14.894  1.00 20.30 ? 47  VAL A N   1 
ATOM   363  C  CA  . VAL A 1 47  ? 4.663   -2.310  15.712  1.00 19.32 ? 47  VAL A CA  1 
ATOM   364  C  C   . VAL A 1 47  ? 3.380   -3.117  15.476  1.00 20.72 ? 47  VAL A C   1 
ATOM   365  O  O   . VAL A 1 47  ? 2.458   -3.098  16.286  1.00 20.88 ? 47  VAL A O   1 
ATOM   366  C  CB  . VAL A 1 47  ? 4.415   -0.845  15.384  1.00 16.78 ? 47  VAL A CB  1 
ATOM   367  C  CG1 . VAL A 1 47  ? 3.135   -0.353  16.002  1.00 13.89 ? 47  VAL A CG1 1 
ATOM   368  C  CG2 . VAL A 1 47  ? 5.592   -0.032  15.837  1.00 14.25 ? 47  VAL A CG2 1 
ATOM   369  N  N   . HIS A 1 48  ? 3.345   -3.867  14.384  1.00 22.05 ? 48  HIS A N   1 
ATOM   370  C  CA  . HIS A 1 48  ? 2.177   -4.667  14.012  1.00 21.55 ? 48  HIS A CA  1 
ATOM   371  C  C   . HIS A 1 48  ? 2.214   -5.989  14.774  1.00 22.95 ? 48  HIS A C   1 
ATOM   372  O  O   . HIS A 1 48  ? 1.192   -6.448  15.293  1.00 21.04 ? 48  HIS A O   1 
ATOM   373  C  CB  . HIS A 1 48  ? 2.194   -4.896  12.489  1.00 19.62 ? 48  HIS A CB  1 
ATOM   374  C  CG  . HIS A 1 48  ? 1.008   -5.646  11.976  1.00 18.49 ? 48  HIS A CG  1 
ATOM   375  N  ND1 . HIS A 1 48  ? 1.048   -6.949  11.532  1.00 18.33 ? 48  HIS A ND1 1 
ATOM   376  C  CD2 . HIS A 1 48  ? -0.290  -5.270  11.884  1.00 16.70 ? 48  HIS A CD2 1 
ATOM   377  C  CE1 . HIS A 1 48  ? -0.190  -7.310  11.202  1.00 16.36 ? 48  HIS A CE1 1 
ATOM   378  N  NE2 . HIS A 1 48  ? -1.031  -6.318  11.401  1.00 15.58 ? 48  HIS A NE2 1 
ATOM   379  N  N   . ASP A 1 49  ? 3.396   -6.597  14.813  1.00 25.05 ? 49  ASP A N   1 
ATOM   380  C  CA  . ASP A 1 49  ? 3.626   -7.841  15.528  1.00 27.50 ? 49  ASP A CA  1 
ATOM   381  C  C   . ASP A 1 49  ? 3.390   -7.570  17.011  1.00 28.85 ? 49  ASP A C   1 
ATOM   382  O  O   . ASP A 1 49  ? 2.925   -8.434  17.753  1.00 32.12 ? 49  ASP A O   1 
ATOM   383  C  CB  . ASP A 1 49  ? 5.076   -8.304  15.344  1.00 29.47 ? 49  ASP A CB  1 
ATOM   384  C  CG  . ASP A 1 49  ? 5.338   -8.936  13.975  1.00 32.81 ? 49  ASP A CG  1 
ATOM   385  O  OD1 . ASP A 1 49  ? 4.383   -9.268  13.233  1.00 35.26 ? 49  ASP A OD1 1 
ATOM   386  O  OD2 . ASP A 1 49  ? 6.526   -9.131  13.643  1.00 34.18 ? 49  ASP A OD2 1 
ATOM   387  N  N   . ASN A 1 50  ? 3.786   -6.387  17.453  1.00 28.51 ? 50  ASN A N   1 
ATOM   388  C  CA  . ASN A 1 50  ? 3.611   -5.987  18.834  1.00 28.58 ? 50  ASN A CA  1 
ATOM   389  C  C   . ASN A 1 50  ? 2.120   -5.974  19.106  1.00 27.32 ? 50  ASN A C   1 
ATOM   390  O  O   . ASN A 1 50  ? 1.641   -6.683  19.973  1.00 29.04 ? 50  ASN A O   1 
ATOM   391  C  CB  . ASN A 1 50  ? 4.187   -4.579  19.059  1.00 31.78 ? 50  ASN A CB  1 
ATOM   392  C  CG  . ASN A 1 50  ? 5.181   -4.526  20.209  1.00 34.32 ? 50  ASN A CG  1 
ATOM   393  O  OD1 . ASN A 1 50  ? 6.357   -4.162  20.026  1.00 34.21 ? 50  ASN A OD1 1 
ATOM   394  N  ND2 . ASN A 1 50  ? 4.719   -4.887  21.406  1.00 34.28 ? 50  ASN A ND2 1 
ATOM   395  N  N   . CYS A 1 51  ? 1.391   -5.215  18.300  1.00 25.63 ? 51  CYS A N   1 
ATOM   396  C  CA  . CYS A 1 51  ? -0.049  -5.064  18.412  1.00 25.13 ? 51  CYS A CA  1 
ATOM   397  C  C   . CYS A 1 51  ? -0.754  -6.424  18.442  1.00 26.63 ? 51  CYS A C   1 
ATOM   398  O  O   . CYS A 1 51  ? -1.601  -6.657  19.297  1.00 26.89 ? 51  CYS A O   1 
ATOM   399  C  CB  . CYS A 1 51  ? -0.540  -4.213  17.253  1.00 25.50 ? 51  CYS A CB  1 
ATOM   400  S  SG  . CYS A 1 51  ? -2.174  -3.437  17.429  1.00 26.85 ? 51  CYS A SG  1 
ATOM   401  N  N   . TYR A 1 52  ? -0.373  -7.340  17.552  1.00 27.83 ? 52  TYR A N   1 
ATOM   402  C  CA  . TYR A 1 52  ? -0.962  -8.679  17.524  1.00 27.88 ? 52  TYR A CA  1 
ATOM   403  C  C   . TYR A 1 52  ? -0.616  -9.434  18.817  1.00 30.61 ? 52  TYR A C   1 
ATOM   404  O  O   . TYR A 1 52  ? -1.390  -10.241 19.313  1.00 29.87 ? 52  TYR A O   1 
ATOM   405  C  CB  . TYR A 1 52  ? -0.460  -9.469  16.315  1.00 22.70 ? 52  TYR A CB  1 
ATOM   406  C  CG  . TYR A 1 52  ? -1.318  -9.329  15.094  1.00 18.70 ? 52  TYR A CG  1 
ATOM   407  C  CD1 . TYR A 1 52  ? -2.092  -8.207  14.901  1.00 17.91 ? 52  TYR A CD1 1 
ATOM   408  C  CD2 . TYR A 1 52  ? -1.348  -10.310 14.136  1.00 19.07 ? 52  TYR A CD2 1 
ATOM   409  C  CE1 . TYR A 1 52  ? -2.878  -8.050  13.787  1.00 16.91 ? 52  TYR A CE1 1 
ATOM   410  C  CE2 . TYR A 1 52  ? -2.128  -10.173 13.005  1.00 20.05 ? 52  TYR A CE2 1 
ATOM   411  C  CZ  . TYR A 1 52  ? -2.896  -9.027  12.835  1.00 19.24 ? 52  TYR A CZ  1 
ATOM   412  O  OH  . TYR A 1 52  ? -3.673  -8.866  11.693  1.00 20.09 ? 52  TYR A OH  1 
ATOM   413  N  N   . GLY A 1 53  ? 0.554   -9.152  19.358  1.00 33.25 ? 53  GLY A N   1 
ATOM   414  C  CA  . GLY A 1 53  ? 0.967   -9.800  20.579  1.00 36.34 ? 53  GLY A CA  1 
ATOM   415  C  C   . GLY A 1 53  ? 0.206   -9.287  21.782  1.00 37.94 ? 53  GLY A C   1 
ATOM   416  O  O   . GLY A 1 53  ? -0.107  -10.049 22.690  1.00 39.13 ? 53  GLY A O   1 
ATOM   417  N  N   . ASP A 1 54  ? -0.067  -7.997  21.827  1.00 39.58 ? 54  ASP A N   1 
ATOM   418  C  CA  . ASP A 1 54  ? -0.799  -7.462  22.960  1.00 41.85 ? 54  ASP A CA  1 
ATOM   419  C  C   . ASP A 1 54  ? -2.276  -7.876  22.884  1.00 42.90 ? 54  ASP A C   1 
ATOM   420  O  O   . ASP A 1 54  ? -2.943  -7.997  23.903  1.00 42.39 ? 54  ASP A O   1 
ATOM   421  C  CB  . ASP A 1 54  ? -0.604  -5.938  23.070  1.00 44.17 ? 54  ASP A CB  1 
ATOM   422  C  CG  . ASP A 1 54  ? 0.820   -5.547  23.534  1.00 47.45 ? 54  ASP A CG  1 
ATOM   423  O  OD1 . ASP A 1 54  ? 1.767   -6.357  23.390  1.00 48.95 ? 54  ASP A OD1 1 
ATOM   424  O  OD2 . ASP A 1 54  ? 1.007   -4.432  24.069  1.00 48.23 ? 54  ASP A OD2 1 
ATOM   425  N  N   . ALA A 1 55  ? -2.769  -8.162  21.680  1.00 44.55 ? 55  ALA A N   1 
ATOM   426  C  CA  . ALA A 1 55  ? -4.161  -8.589  21.500  1.00 46.00 ? 55  ALA A CA  1 
ATOM   427  C  C   . ALA A 1 55  ? -4.388  -10.063 21.873  1.00 47.00 ? 55  ALA A C   1 
ATOM   428  O  O   . ALA A 1 55  ? -5.441  -10.418 22.376  1.00 47.02 ? 55  ALA A O   1 
ATOM   429  C  CB  . ALA A 1 55  ? -4.621  -8.334  20.063  1.00 44.35 ? 55  ALA A CB  1 
ATOM   430  N  N   . GLU A 1 56  ? -3.408  -10.914 21.599  1.00 48.96 ? 56  GLU A N   1 
ATOM   431  C  CA  . GLU A 1 56  ? -3.488  -12.339 21.901  1.00 50.92 ? 56  GLU A CA  1 
ATOM   432  C  C   . GLU A 1 56  ? -3.402  -12.618 23.402  1.00 52.57 ? 56  GLU A C   1 
ATOM   433  O  O   . GLU A 1 56  ? -4.138  -13.445 23.944  1.00 53.75 ? 56  GLU A O   1 
ATOM   434  C  CB  . GLU A 1 56  ? -2.365  -13.082 21.197  1.00 51.18 ? 56  GLU A CB  1 
ATOM   435  C  CG  . GLU A 1 56  ? -2.491  -14.575 21.276  1.00 53.65 ? 56  GLU A CG  1 
ATOM   436  C  CD  . GLU A 1 56  ? -1.246  -15.292 20.827  1.00 54.91 ? 56  GLU A CD  1 
ATOM   437  O  OE1 . GLU A 1 56  ? -0.928  -15.266 19.619  1.00 55.44 ? 56  GLU A OE1 1 
ATOM   438  O  OE2 . GLU A 1 56  ? -0.586  -15.893 21.695  1.00 56.17 ? 56  GLU A OE2 1 
ATOM   439  N  N   . LYS A 1 57  ? -2.505  -11.916 24.077  1.00 53.88 ? 57  LYS A N   1 
ATOM   440  C  CA  . LYS A 1 57  ? -2.315  -12.087 25.511  1.00 54.94 ? 57  LYS A CA  1 
ATOM   441  C  C   . LYS A 1 57  ? -3.274  -11.199 26.297  1.00 55.35 ? 57  LYS A C   1 
ATOM   442  O  O   . LYS A 1 57  ? -4.367  -11.613 26.667  1.00 54.84 ? 57  LYS A O   1 
ATOM   443  C  CB  . LYS A 1 57  ? -0.863  -11.765 25.852  1.00 55.04 ? 57  LYS A CB  1 
ATOM   444  C  CG  . LYS A 1 57  ? 0.099   -12.602 25.049  1.00 56.94 ? 57  LYS A CG  1 
ATOM   445  C  CD  . LYS A 1 57  ? 1.538   -12.220 25.280  1.00 59.29 ? 57  LYS A CD  1 
ATOM   446  C  CE  . LYS A 1 57  ? 2.427   -13.146 24.483  1.00 61.35 ? 57  LYS A CE  1 
ATOM   447  N  NZ  . LYS A 1 57  ? 3.862   -12.828 24.638  1.00 63.95 ? 57  LYS A NZ  1 
ATOM   448  N  N   . LYS A 1 58  ? -2.873  -9.952  26.472  1.00 56.61 ? 58  LYS A N   1 
ATOM   449  C  CA  . LYS A 1 58  ? -3.633  -8.934  27.182  1.00 57.76 ? 58  LYS A CA  1 
ATOM   450  C  C   . LYS A 1 58  ? -5.146  -8.943  26.879  1.00 58.07 ? 58  LYS A C   1 
ATOM   451  O  O   . LYS A 1 58  ? -5.947  -8.516  27.712  1.00 58.35 ? 58  LYS A O   1 
ATOM   452  C  CB  . LYS A 1 58  ? -3.028  -7.560  26.824  1.00 58.38 ? 58  LYS A CB  1 
ATOM   453  C  CG  . LYS A 1 58  ? -3.236  -6.448  27.830  1.00 58.58 ? 58  LYS A CG  1 
ATOM   454  C  CD  . LYS A 1 58  ? -4.294  -5.466  27.395  1.00 58.39 ? 58  LYS A CD  1 
ATOM   455  C  CE  . LYS A 1 58  ? -4.396  -4.345  28.406  1.00 58.52 ? 58  LYS A CE  1 
ATOM   456  N  NZ  . LYS A 1 58  ? -5.479  -3.398  28.072  1.00 59.67 ? 58  LYS A NZ  1 
ATOM   457  N  N   . HIS A 1 59  ? -5.542  -9.445  25.710  1.00 58.20 ? 59  HIS A N   1 
ATOM   458  C  CA  . HIS A 1 59  ? -6.954  -9.460  25.349  1.00 58.51 ? 59  HIS A CA  1 
ATOM   459  C  C   . HIS A 1 59  ? -7.543  -10.769 24.802  1.00 57.89 ? 59  HIS A C   1 
ATOM   460  O  O   . HIS A 1 59  ? -8.702  -10.807 24.385  1.00 57.01 ? 59  HIS A O   1 
ATOM   461  C  CB  . HIS A 1 59  ? -7.259  -8.298  24.404  1.00 60.75 ? 59  HIS A CB  1 
ATOM   462  C  CG  . HIS A 1 59  ? -8.276  -7.346  24.943  1.00 63.85 ? 59  HIS A CG  1 
ATOM   463  N  ND1 . HIS A 1 59  ? -9.484  -7.765  25.467  1.00 65.26 ? 59  HIS A ND1 1 
ATOM   464  C  CD2 . HIS A 1 59  ? -8.261  -5.997  25.065  1.00 64.90 ? 59  HIS A CD2 1 
ATOM   465  C  CE1 . HIS A 1 59  ? -10.165 -6.715  25.893  1.00 65.70 ? 59  HIS A CE1 1 
ATOM   466  N  NE2 . HIS A 1 59  ? -9.448  -5.630  25.659  1.00 66.45 ? 59  HIS A NE2 1 
ATOM   467  N  N   . LYS A 1 60  ? -6.759  -11.841 24.872  1.00 57.60 ? 60  LYS A N   1 
ATOM   468  C  CA  . LYS A 1 60  ? -7.165  -13.177 24.430  1.00 57.99 ? 60  LYS A CA  1 
ATOM   469  C  C   . LYS A 1 60  ? -7.878  -13.355 23.084  1.00 57.88 ? 60  LYS A C   1 
ATOM   470  O  O   . LYS A 1 60  ? -8.915  -14.020 23.008  1.00 58.89 ? 60  LYS A O   1 
ATOM   471  C  CB  . LYS A 1 60  ? -7.933  -13.914 25.547  1.00 59.01 ? 60  LYS A CB  1 
ATOM   472  C  CG  . LYS A 1 60  ? -9.261  -13.281 26.015  1.00 61.54 ? 60  LYS A CG  1 
ATOM   473  C  CD  . LYS A 1 60  ? -10.029 -14.215 26.973  1.00 64.56 ? 60  LYS A CD  1 
ATOM   474  C  CE  . LYS A 1 60  ? -11.096 -13.467 27.779  1.00 66.00 ? 60  LYS A CE  1 
ATOM   475  N  NZ  . LYS A 1 60  ? -11.684 -14.278 28.887  1.00 66.42 ? 60  LYS A NZ  1 
ATOM   476  N  N   . CYS A 1 61  ? -7.330  -12.782 22.019  1.00 56.69 ? 61  CYS A N   1 
ATOM   477  C  CA  . CYS A 1 61  ? -7.928  -12.952 20.702  1.00 54.79 ? 61  CYS A CA  1 
ATOM   478  C  C   . CYS A 1 61  ? -6.924  -13.609 19.787  1.00 54.78 ? 61  CYS A C   1 
ATOM   479  O  O   . CYS A 1 61  ? -5.731  -13.602 20.062  1.00 54.44 ? 61  CYS A O   1 
ATOM   480  C  CB  . CYS A 1 61  ? -8.358  -11.633 20.070  1.00 52.18 ? 61  CYS A CB  1 
ATOM   481  S  SG  . CYS A 1 61  ? -8.259  -10.154 21.108  1.00 49.10 ? 61  CYS A SG  1 
ATOM   482  N  N   . ASN A 1 62  ? -7.428  -14.199 18.709  1.00 55.82 ? 62  ASN A N   1 
ATOM   483  C  CA  . ASN A 1 62  ? -6.601  -14.845 17.695  1.00 56.47 ? 62  ASN A CA  1 
ATOM   484  C  C   . ASN A 1 62  ? -6.587  -13.845 16.540  1.00 56.29 ? 62  ASN A C   1 
ATOM   485  O  O   . ASN A 1 62  ? -7.484  -13.846 15.691  1.00 56.90 ? 62  ASN A O   1 
ATOM   486  C  CB  . ASN A 1 62  ? -7.231  -16.158 17.249  1.00 56.52 ? 62  ASN A CB  1 
ATOM   487  C  CG  . ASN A 1 62  ? -6.346  -16.910 16.298  1.00 58.32 ? 62  ASN A CG  1 
ATOM   488  O  OD1 . ASN A 1 62  ? -5.170  -16.574 16.143  1.00 59.65 ? 62  ASN A OD1 1 
ATOM   489  N  ND2 . ASN A 1 62  ? -6.889  -17.927 15.648  1.00 59.97 ? 62  ASN A ND2 1 
ATOM   490  N  N   . PRO A 1 63  ? -5.564  -12.981 16.489  1.00 55.37 ? 63  PRO A N   1 
ATOM   491  C  CA  . PRO A 1 63  ? -5.385  -11.935 15.477  1.00 54.86 ? 63  PRO A CA  1 
ATOM   492  C  C   . PRO A 1 63  ? -5.465  -12.352 14.010  1.00 54.54 ? 63  PRO A C   1 
ATOM   493  O  O   . PRO A 1 63  ? -6.212  -11.754 13.221  1.00 54.45 ? 63  PRO A O   1 
ATOM   494  C  CB  . PRO A 1 63  ? -4.010  -11.373 15.820  1.00 54.76 ? 63  PRO A CB  1 
ATOM   495  C  CG  . PRO A 1 63  ? -3.862  -11.672 17.259  1.00 55.16 ? 63  PRO A CG  1 
ATOM   496  C  CD  . PRO A 1 63  ? -4.361  -13.074 17.326  1.00 54.65 ? 63  PRO A CD  1 
ATOM   497  N  N   . LYS A 1 64  ? -4.709  -13.379 13.637  1.00 54.52 ? 64  LYS A N   1 
ATOM   498  C  CA  . LYS A 1 64  ? -4.693  -13.820 12.254  1.00 54.68 ? 64  LYS A CA  1 
ATOM   499  C  C   . LYS A 1 64  ? -5.976  -14.418 11.722  1.00 53.94 ? 64  LYS A C   1 
ATOM   500  O  O   . LYS A 1 64  ? -6.051  -14.741 10.544  1.00 54.99 ? 64  LYS A O   1 
ATOM   501  C  CB  . LYS A 1 64  ? -3.522  -14.761 11.980  1.00 56.39 ? 64  LYS A CB  1 
ATOM   502  C  CG  . LYS A 1 64  ? -3.423  -15.996 12.844  1.00 59.76 ? 64  LYS A CG  1 
ATOM   503  C  CD  . LYS A 1 64  ? -2.103  -16.687 12.512  1.00 62.65 ? 64  LYS A CD  1 
ATOM   504  C  CE  . LYS A 1 64  ? -1.711  -17.741 13.520  1.00 63.83 ? 64  LYS A CE  1 
ATOM   505  N  NZ  . LYS A 1 64  ? -0.327  -18.199 13.246  1.00 64.33 ? 64  LYS A NZ  1 
ATOM   506  N  N   . THR A 1 65  ? -6.998  -14.526 12.562  1.00 52.50 ? 65  THR A N   1 
ATOM   507  C  CA  . THR A 1 65  ? -8.259  -15.092 12.115  1.00 50.55 ? 65  THR A CA  1 
ATOM   508  C  C   . THR A 1 65  ? -9.439  -14.189 12.442  1.00 49.63 ? 65  THR A C   1 
ATOM   509  O  O   . THR A 1 65  ? -10.466 -14.239 11.774  1.00 48.84 ? 65  THR A O   1 
ATOM   510  C  CB  . THR A 1 65  ? -8.486  -16.498 12.723  1.00 50.17 ? 65  THR A CB  1 
ATOM   511  O  OG1 . THR A 1 65  ? -8.485  -16.415 14.152  1.00 50.42 ? 65  THR A OG1 1 
ATOM   512  C  CG2 . THR A 1 65  ? -7.387  -17.458 12.293  1.00 49.39 ? 65  THR A CG2 1 
ATOM   513  N  N   . GLN A 1 66  ? -9.271  -13.340 13.450  1.00 49.19 ? 66  GLN A N   1 
ATOM   514  C  CA  . GLN A 1 66  ? -10.325 -12.433 13.890  1.00 49.87 ? 66  GLN A CA  1 
ATOM   515  C  C   . GLN A 1 66  ? -11.079 -11.748 12.745  1.00 49.46 ? 66  GLN A C   1 
ATOM   516  O  O   . GLN A 1 66  ? -10.459 -11.143 11.863  1.00 50.10 ? 66  GLN A O   1 
ATOM   517  C  CB  . GLN A 1 66  ? -9.741  -11.390 14.850  1.00 51.43 ? 66  GLN A CB  1 
ATOM   518  C  CG  . GLN A 1 66  ? -10.787 -10.601 15.629  1.00 54.32 ? 66  GLN A CG  1 
ATOM   519  C  CD  . GLN A 1 66  ? -11.702 -11.501 16.446  1.00 56.65 ? 66  GLN A CD  1 
ATOM   520  O  OE1 . GLN A 1 66  ? -12.872 -11.683 16.110  1.00 57.43 ? 66  GLN A OE1 1 
ATOM   521  N  NE2 . GLN A 1 66  ? -11.164 -12.082 17.518  1.00 57.10 ? 66  GLN A NE2 1 
ATOM   522  N  N   . SER A 1 67  ? -12.409 -11.868 12.762  1.00 48.61 ? 67  SER A N   1 
ATOM   523  C  CA  . SER A 1 67  ? -13.282 -11.280 11.745  1.00 47.15 ? 67  SER A CA  1 
ATOM   524  C  C   . SER A 1 67  ? -13.679 -9.902  12.224  1.00 45.62 ? 67  SER A C   1 
ATOM   525  O  O   . SER A 1 67  ? -13.770 -9.693  13.425  1.00 45.13 ? 67  SER A O   1 
ATOM   526  C  CB  . SER A 1 67  ? -14.542 -12.129 11.575  1.00 48.65 ? 67  SER A CB  1 
ATOM   527  O  OG  . SER A 1 67  ? -15.362 -11.648 10.517  1.00 49.67 ? 67  SER A OG  1 
ATOM   528  N  N   . TYR A 1 68  ? -13.933 -8.976  11.298  1.00 44.14 ? 68  TYR A N   1 
ATOM   529  C  CA  . TYR A 1 68  ? -14.312 -7.611  11.664  1.00 43.39 ? 68  TYR A CA  1 
ATOM   530  C  C   . TYR A 1 68  ? -14.848 -6.759  10.510  1.00 44.08 ? 68  TYR A C   1 
ATOM   531  O  O   . TYR A 1 68  ? -14.832 -7.173  9.357   1.00 44.21 ? 68  TYR A O   1 
ATOM   532  C  CB  . TYR A 1 68  ? -13.129 -6.887  12.339  1.00 43.34 ? 68  TYR A CB  1 
ATOM   533  C  CG  . TYR A 1 68  ? -11.852 -6.810  11.513  1.00 42.86 ? 68  TYR A CG  1 
ATOM   534  C  CD1 . TYR A 1 68  ? -10.892 -7.829  11.560  1.00 41.38 ? 68  TYR A CD1 1 
ATOM   535  C  CD2 . TYR A 1 68  ? -11.594 -5.711  10.708  1.00 41.77 ? 68  TYR A CD2 1 
ATOM   536  C  CE1 . TYR A 1 68  ? -9.716  -7.743  10.828  1.00 39.52 ? 68  TYR A CE1 1 
ATOM   537  C  CE2 . TYR A 1 68  ? -10.433 -5.622  9.983   1.00 39.84 ? 68  TYR A CE2 1 
ATOM   538  C  CZ  . TYR A 1 68  ? -9.493  -6.630  10.045  1.00 39.43 ? 68  TYR A CZ  1 
ATOM   539  O  OH  . TYR A 1 68  ? -8.312  -6.473  9.344   1.00 38.48 ? 68  TYR A OH  1 
ATOM   540  N  N   . SER A 1 69  ? -15.308 -5.557  10.840  1.00 45.31 ? 69  SER A N   1 
ATOM   541  C  CA  . SER A 1 69  ? -15.833 -4.619  9.858   1.00 46.70 ? 69  SER A CA  1 
ATOM   542  C  C   . SER A 1 69  ? -14.793 -3.530  9.602   1.00 46.89 ? 69  SER A C   1 
ATOM   543  O  O   . SER A 1 69  ? -14.315 -2.867  10.538  1.00 46.60 ? 69  SER A O   1 
ATOM   544  C  CB  . SER A 1 69  ? -17.127 -3.960  10.371  1.00 49.40 ? 69  SER A CB  1 
ATOM   545  O  OG  . SER A 1 69  ? -16.898 -3.103  11.497  1.00 50.29 ? 69  SER A OG  1 
ATOM   546  N  N   . TYR A 1 70  ? -14.465 -3.337  8.330   1.00 46.74 ? 70  TYR A N   1 
ATOM   547  C  CA  . TYR A 1 70  ? -13.495 -2.327  7.909   1.00 44.78 ? 70  TYR A CA  1 
ATOM   548  C  C   . TYR A 1 70  ? -13.963 -1.834  6.559   1.00 45.22 ? 70  TYR A C   1 
ATOM   549  O  O   . TYR A 1 70  ? -14.465 -2.615  5.747   1.00 45.68 ? 70  TYR A O   1 
ATOM   550  C  CB  . TYR A 1 70  ? -12.101 -2.936  7.792   1.00 41.61 ? 70  TYR A CB  1 
ATOM   551  C  CG  . TYR A 1 70  ? -11.922 -3.883  6.636   1.00 39.43 ? 70  TYR A CG  1 
ATOM   552  C  CD1 . TYR A 1 70  ? -11.574 -3.411  5.386   1.00 40.15 ? 70  TYR A CD1 1 
ATOM   553  C  CD2 . TYR A 1 70  ? -12.063 -5.237  6.797   1.00 38.98 ? 70  TYR A CD2 1 
ATOM   554  C  CE1 . TYR A 1 70  ? -11.371 -4.254  4.341   1.00 38.73 ? 70  TYR A CE1 1 
ATOM   555  C  CE2 . TYR A 1 70  ? -11.858 -6.089  5.756   1.00 39.70 ? 70  TYR A CE2 1 
ATOM   556  C  CZ  . TYR A 1 70  ? -11.510 -5.589  4.526   1.00 40.27 ? 70  TYR A CZ  1 
ATOM   557  O  OH  . TYR A 1 70  ? -11.284 -6.439  3.463   1.00 43.14 ? 70  TYR A OH  1 
ATOM   558  N  N   . LYS A 1 71  ? -13.797 -0.549  6.309   1.00 45.67 ? 71  LYS A N   1 
ATOM   559  C  CA  . LYS A 1 71  ? -14.235 0.020   5.052   1.00 46.60 ? 71  LYS A CA  1 
ATOM   560  C  C   . LYS A 1 71  ? -13.089 0.744   4.372   1.00 47.61 ? 71  LYS A C   1 
ATOM   561  O  O   . LYS A 1 71  ? -12.340 1.473   5.022   1.00 48.35 ? 71  LYS A O   1 
ATOM   562  C  CB  . LYS A 1 71  ? -15.394 0.972   5.321   1.00 47.20 ? 71  LYS A CB  1 
ATOM   563  C  CG  . LYS A 1 71  ? -16.010 1.628   4.111   1.00 49.24 ? 71  LYS A CG  1 
ATOM   564  C  CD  . LYS A 1 71  ? -17.160 2.499   4.573   1.00 51.88 ? 71  LYS A CD  1 
ATOM   565  C  CE  . LYS A 1 71  ? -17.758 3.300   3.436   1.00 54.07 ? 71  LYS A CE  1 
ATOM   566  N  NZ  . LYS A 1 71  ? -18.640 4.371   3.969   1.00 54.88 ? 71  LYS A NZ  1 
ATOM   567  N  N   . LEU A 1 72  ? -12.924 0.498   3.077   1.00 48.33 ? 72  LEU A N   1 
ATOM   568  C  CA  . LEU A 1 72  ? -11.873 1.140   2.290   1.00 48.75 ? 72  LEU A CA  1 
ATOM   569  C  C   . LEU A 1 72  ? -12.525 2.190   1.387   1.00 49.59 ? 72  LEU A C   1 
ATOM   570  O  O   . LEU A 1 72  ? -13.285 1.839   0.486   1.00 49.33 ? 72  LEU A O   1 
ATOM   571  C  CB  . LEU A 1 72  ? -11.155 0.120   1.398   1.00 46.84 ? 72  LEU A CB  1 
ATOM   572  C  CG  . LEU A 1 72  ? -10.570 -1.164  1.964   1.00 45.24 ? 72  LEU A CG  1 
ATOM   573  C  CD1 . LEU A 1 72  ? -9.874  -1.901  0.844   1.00 44.59 ? 72  LEU A CD1 1 
ATOM   574  C  CD2 . LEU A 1 72  ? -9.606  -0.855  3.079   1.00 44.86 ? 72  LEU A CD2 1 
ATOM   575  N  N   . THR A 1 73  ? -12.225 3.459   1.610   1.00 50.56 ? 73  THR A N   1 
ATOM   576  C  CA  . THR A 1 73  ? -12.797 4.518   0.796   1.00 52.87 ? 73  THR A CA  1 
ATOM   577  C  C   . THR A 1 73  ? -11.915 5.761   0.880   1.00 54.63 ? 73  THR A C   1 
ATOM   578  O  O   . THR A 1 73  ? -11.212 5.949   1.874   1.00 55.79 ? 73  THR A O   1 
ATOM   579  C  CB  . THR A 1 73  ? -14.213 4.895   1.290   1.00 53.22 ? 73  THR A CB  1 
ATOM   580  O  OG1 . THR A 1 73  ? -14.200 5.067   2.710   1.00 53.09 ? 73  THR A OG1 1 
ATOM   581  C  CG2 . THR A 1 73  ? -15.234 3.823   0.920   1.00 54.11 ? 73  THR A CG2 1 
ATOM   582  N  N   . LYS A 1 74  ? -11.951 6.607   -0.147  1.00 55.48 ? 74  LYS A N   1 
ATOM   583  C  CA  . LYS A 1 74  ? -11.161 7.844   -0.170  1.00 56.74 ? 74  LYS A CA  1 
ATOM   584  C  C   . LYS A 1 74  ? -9.675  7.627   0.113   1.00 55.89 ? 74  LYS A C   1 
ATOM   585  O  O   . LYS A 1 74  ? -9.040  8.424   0.798   1.00 55.75 ? 74  LYS A O   1 
ATOM   586  C  CB  . LYS A 1 74  ? -11.723 8.874   0.826   1.00 59.59 ? 74  LYS A CB  1 
ATOM   587  C  CG  . LYS A 1 74  ? -13.086 9.475   0.470   1.00 63.12 ? 74  LYS A CG  1 
ATOM   588  C  CD  . LYS A 1 74  ? -14.233 8.502   0.730   1.00 66.13 ? 74  LYS A CD  1 
ATOM   589  C  CE  . LYS A 1 74  ? -15.594 9.117   0.395   1.00 66.55 ? 74  LYS A CE  1 
ATOM   590  N  NZ  . LYS A 1 74  ? -16.687 8.102   0.494   1.00 66.53 ? 74  LYS A NZ  1 
ATOM   591  N  N   . ARG A 1 75  ? -9.121  6.551   -0.430  1.00 55.18 ? 75  ARG A N   1 
ATOM   592  C  CA  . ARG A 1 75  ? -7.715  6.223   -0.230  1.00 54.70 ? 75  ARG A CA  1 
ATOM   593  C  C   . ARG A 1 75  ? -7.344  5.973   1.238   1.00 54.06 ? 75  ARG A C   1 
ATOM   594  O  O   . ARG A 1 75  ? -6.161  5.927   1.585   1.00 53.30 ? 75  ARG A O   1 
ATOM   595  C  CB  . ARG A 1 75  ? -6.825  7.312   -0.843  1.00 55.68 ? 75  ARG A CB  1 
ATOM   596  C  CG  . ARG A 1 75  ? -5.796  6.780   -1.850  1.00 56.06 ? 75  ARG A CG  1 
ATOM   597  C  CD  . ARG A 1 75  ? -5.406  7.837   -2.879  1.00 55.27 ? 75  ARG A CD  1 
ATOM   598  N  NE  . ARG A 1 75  ? -6.582  8.325   -3.588  1.00 54.41 ? 75  ARG A NE  1 
ATOM   599  C  CZ  . ARG A 1 75  ? -6.766  8.226   -4.898  1.00 54.93 ? 75  ARG A CZ  1 
ATOM   600  N  NH1 . ARG A 1 75  ? -5.843  7.657   -5.668  1.00 54.31 ? 75  ARG A NH1 1 
ATOM   601  N  NH2 . ARG A 1 75  ? -7.887  8.693   -5.434  1.00 55.79 ? 75  ARG A NH2 1 
ATOM   602  N  N   . THR A 1 76  ? -8.360  5.796   2.086   1.00 54.06 ? 76  THR A N   1 
ATOM   603  C  CA  . THR A 1 76  ? -8.164  5.529   3.510   1.00 53.65 ? 76  THR A CA  1 
ATOM   604  C  C   . THR A 1 76  ? -8.908  4.264   3.946   1.00 53.59 ? 76  THR A C   1 
ATOM   605  O  O   . THR A 1 76  ? -9.529  3.569   3.130   1.00 53.79 ? 76  THR A O   1 
ATOM   606  C  CB  . THR A 1 76  ? -8.632  6.698   4.403   1.00 53.47 ? 76  THR A CB  1 
ATOM   607  O  OG1 . THR A 1 76  ? -10.060 6.784   4.371   1.00 54.40 ? 76  THR A OG1 1 
ATOM   608  C  CG2 . THR A 1 76  ? -8.034  8.009   3.936   1.00 54.89 ? 76  THR A CG2 1 
ATOM   609  N  N   . ILE A 1 77  ? -8.880  4.003   5.251   1.00 52.99 ? 77  ILE A N   1 
ATOM   610  C  CA  . ILE A 1 77  ? -9.499  2.818   5.834   1.00 52.15 ? 77  ILE A CA  1 
ATOM   611  C  C   . ILE A 1 77  ? -10.211 3.184   7.133   1.00 52.24 ? 77  ILE A C   1 
ATOM   612  O  O   . ILE A 1 77  ? -9.696  3.983   7.916   1.00 52.35 ? 77  ILE A O   1 
ATOM   613  C  CB  . ILE A 1 77  ? -8.421  1.767   6.188   1.00 51.17 ? 77  ILE A CB  1 
ATOM   614  C  CG1 . ILE A 1 77  ? -7.438  1.605   5.019   1.00 50.70 ? 77  ILE A CG1 1 
ATOM   615  C  CG2 . ILE A 1 77  ? -9.085  0.457   6.511   1.00 50.75 ? 77  ILE A CG2 1 
ATOM   616  C  CD1 . ILE A 1 77  ? -6.153  0.884   5.353   1.00 50.40 ? 77  ILE A CD1 1 
ATOM   617  N  N   . ILE A 1 78  ? -11.383 2.605   7.373   1.00 52.18 ? 78  ILE A N   1 
ATOM   618  C  CA  . ILE A 1 78  ? -12.111 2.888   8.607   1.00 52.32 ? 78  ILE A CA  1 
ATOM   619  C  C   . ILE A 1 78  ? -12.674 1.630   9.272   1.00 51.47 ? 78  ILE A C   1 
ATOM   620  O  O   . ILE A 1 78  ? -13.343 0.819   8.630   1.00 51.31 ? 78  ILE A O   1 
ATOM   621  C  CB  . ILE A 1 78  ? -13.227 3.941   8.391   1.00 52.73 ? 78  ILE A CB  1 
ATOM   622  C  CG1 . ILE A 1 78  ? -14.171 3.514   7.277   1.00 52.56 ? 78  ILE A CG1 1 
ATOM   623  C  CG2 . ILE A 1 78  ? -12.622 5.287   8.028   1.00 52.83 ? 78  ILE A CG2 1 
ATOM   624  C  CD1 . ILE A 1 78  ? -15.116 4.617   6.863   1.00 53.82 ? 78  ILE A CD1 1 
ATOM   625  N  N   . CYS A 1 79  ? -12.316 1.437   10.539  1.00 50.50 ? 79  CYS A N   1 
ATOM   626  C  CA  . CYS A 1 79  ? -12.777 0.291   11.322  1.00 49.43 ? 79  CYS A CA  1 
ATOM   627  C  C   . CYS A 1 79  ? -14.081 0.658   12.022  1.00 52.03 ? 79  CYS A C   1 
ATOM   628  O  O   . CYS A 1 79  ? -14.142 1.657   12.752  1.00 51.26 ? 79  CYS A O   1 
ATOM   629  C  CB  . CYS A 1 79  ? -11.754 -0.094  12.393  1.00 44.09 ? 79  CYS A CB  1 
ATOM   630  S  SG  . CYS A 1 79  ? -10.190 -0.765  11.794  1.00 34.37 ? 79  CYS A SG  1 
ATOM   631  N  N   . TYR A 1 80  ? -15.103 -0.172  11.841  1.00 55.13 ? 80  TYR A N   1 
ATOM   632  C  CA  . TYR A 1 80  ? -16.406 0.078   12.452  1.00 57.67 ? 80  TYR A CA  1 
ATOM   633  C  C   . TYR A 1 80  ? -16.659 -0.686  13.737  1.00 58.44 ? 80  TYR A C   1 
ATOM   634  O  O   . TYR A 1 80  ? -17.649 -0.436  14.426  1.00 59.23 ? 80  TYR A O   1 
ATOM   635  C  CB  . TYR A 1 80  ? -17.525 -0.194  11.454  1.00 58.31 ? 80  TYR A CB  1 
ATOM   636  C  CG  . TYR A 1 80  ? -17.593 0.856   10.399  1.00 59.49 ? 80  TYR A CG  1 
ATOM   637  C  CD1 . TYR A 1 80  ? -17.533 2.197   10.736  1.00 59.93 ? 80  TYR A CD1 1 
ATOM   638  C  CD2 . TYR A 1 80  ? -17.699 0.514   9.064   1.00 61.06 ? 80  TYR A CD2 1 
ATOM   639  C  CE1 . TYR A 1 80  ? -17.579 3.167   9.779   1.00 61.69 ? 80  TYR A CE1 1 
ATOM   640  C  CE2 . TYR A 1 80  ? -17.744 1.481   8.087   1.00 62.39 ? 80  TYR A CE2 1 
ATOM   641  C  CZ  . TYR A 1 80  ? -17.686 2.808   8.450   1.00 62.81 ? 80  TYR A CZ  1 
ATOM   642  O  OH  . TYR A 1 80  ? -17.760 3.782   7.478   1.00 65.28 ? 80  TYR A OH  1 
ATOM   643  N  N   . GLY A 1 81  ? -15.752 -1.596  14.073  1.00 58.55 ? 81  GLY A N   1 
ATOM   644  C  CA  . GLY A 1 81  ? -15.923 -2.371  15.287  1.00 58.92 ? 81  GLY A CA  1 
ATOM   645  C  C   . GLY A 1 81  ? -16.252 -1.595  16.555  1.00 58.51 ? 81  GLY A C   1 
ATOM   646  O  O   . GLY A 1 81  ? -15.857 -0.437  16.738  1.00 58.12 ? 81  GLY A O   1 
ATOM   647  N  N   . ALA A 1 82  ? -16.976 -2.259  17.444  1.00 58.08 ? 82  ALA A N   1 
ATOM   648  C  CA  . ALA A 1 82  ? -17.347 -1.665  18.712  1.00 57.43 ? 82  ALA A CA  1 
ATOM   649  C  C   . ALA A 1 82  ? -16.058 -1.358  19.472  1.00 55.92 ? 82  ALA A C   1 
ATOM   650  O  O   . ALA A 1 82  ? -15.279 -2.255  19.782  1.00 55.61 ? 82  ALA A O   1 
ATOM   651  C  CB  . ALA A 1 82  ? -18.229 -2.638  19.499  1.00 58.38 ? 82  ALA A CB  1 
ATOM   652  N  N   . ALA A 1 83  ? -15.823 -0.081  19.731  1.00 54.71 ? 83  ALA A N   1 
ATOM   653  C  CA  . ALA A 1 83  ? -14.623 0.377   20.427  1.00 54.01 ? 83  ALA A CA  1 
ATOM   654  C  C   . ALA A 1 83  ? -14.285 -0.393  21.711  1.00 52.71 ? 83  ALA A C   1 
ATOM   655  O  O   . ALA A 1 83  ? -14.470 0.129   22.808  1.00 54.17 ? 83  ALA A O   1 
ATOM   656  C  CB  . ALA A 1 83  ? -14.741 1.895   20.722  1.00 54.02 ? 83  ALA A CB  1 
ATOM   657  N  N   . GLY A 1 84  ? -13.741 -1.601  21.574  1.00 50.07 ? 84  GLY A N   1 
ATOM   658  C  CA  . GLY A 1 84  ? -13.399 -2.389  22.743  1.00 47.33 ? 84  GLY A CA  1 
ATOM   659  C  C   . GLY A 1 84  ? -13.364 -3.884  22.492  1.00 45.79 ? 84  GLY A C   1 
ATOM   660  O  O   . GLY A 1 84  ? -12.732 -4.633  23.244  1.00 44.80 ? 84  GLY A O   1 
ATOM   661  N  N   . THR A 1 85  ? -14.068 -4.327  21.454  1.00 45.06 ? 85  THR A N   1 
ATOM   662  C  CA  . THR A 1 85  ? -14.108 -5.737  21.071  1.00 45.61 ? 85  THR A CA  1 
ATOM   663  C  C   . THR A 1 85  ? -12.764 -6.233  20.487  1.00 45.79 ? 85  THR A C   1 
ATOM   664  O  O   . THR A 1 85  ? -11.907 -5.431  20.136  1.00 46.43 ? 85  THR A O   1 
ATOM   665  C  CB  . THR A 1 85  ? -15.205 -5.947  20.037  1.00 46.09 ? 85  THR A CB  1 
ATOM   666  O  OG1 . THR A 1 85  ? -15.603 -4.676  19.513  1.00 46.42 ? 85  THR A OG1 1 
ATOM   667  C  CG2 . THR A 1 85  ? -16.410 -6.598  20.663  1.00 47.56 ? 85  THR A CG2 1 
ATOM   668  N  N   . CYS A 1 86  ? -12.563 -7.543  20.383  1.00 45.70 ? 86  CYS A N   1 
ATOM   669  C  CA  . CYS A 1 86  ? -11.307 -8.039  19.819  1.00 46.11 ? 86  CYS A CA  1 
ATOM   670  C  C   . CYS A 1 86  ? -11.226 -7.793  18.317  1.00 44.95 ? 86  CYS A C   1 
ATOM   671  O  O   . CYS A 1 86  ? -10.160 -7.492  17.791  1.00 46.51 ? 86  CYS A O   1 
ATOM   672  C  CB  . CYS A 1 86  ? -11.085 -9.524  20.116  1.00 47.80 ? 86  CYS A CB  1 
ATOM   673  S  SG  . CYS A 1 86  ? -10.183 -9.848  21.669  1.00 52.50 ? 86  CYS A SG  1 
ATOM   674  N  N   . ALA A 1 87  ? -12.349 -7.915  17.627  1.00 42.62 ? 87  ALA A N   1 
ATOM   675  C  CA  . ALA A 1 87  ? -12.390 -7.676  16.193  1.00 40.99 ? 87  ALA A CA  1 
ATOM   676  C  C   . ALA A 1 87  ? -12.073 -6.211  15.909  1.00 40.06 ? 87  ALA A C   1 
ATOM   677  O  O   . ALA A 1 87  ? -11.654 -5.862  14.811  1.00 40.94 ? 87  ALA A O   1 
ATOM   678  C  CB  . ALA A 1 87  ? -13.747 -8.028  15.647  1.00 41.52 ? 87  ALA A CB  1 
ATOM   679  N  N   . ARG A 1 88  ? -12.300 -5.354  16.896  1.00 38.08 ? 88  ARG A N   1 
ATOM   680  C  CA  . ARG A 1 88  ? -12.021 -3.941  16.753  1.00 37.76 ? 88  ARG A CA  1 
ATOM   681  C  C   . ARG A 1 88  ? -10.572 -3.702  17.122  1.00 38.67 ? 88  ARG A C   1 
ATOM   682  O  O   . ARG A 1 88  ? -9.886  -2.925  16.474  1.00 40.16 ? 88  ARG A O   1 
ATOM   683  C  CB  . ARG A 1 88  ? -12.885 -3.127  17.686  1.00 36.97 ? 88  ARG A CB  1 
ATOM   684  C  CG  . ARG A 1 88  ? -12.457 -1.681  17.795  1.00 35.33 ? 88  ARG A CG  1 
ATOM   685  C  CD  . ARG A 1 88  ? -12.604 -0.993  16.469  1.00 35.41 ? 88  ARG A CD  1 
ATOM   686  N  NE  . ARG A 1 88  ? -12.257 0.418   16.574  1.00 35.50 ? 88  ARG A NE  1 
ATOM   687  C  CZ  . ARG A 1 88  ? -12.886 1.383   15.920  1.00 34.47 ? 88  ARG A CZ  1 
ATOM   688  N  NH1 . ARG A 1 88  ? -13.882 1.082   15.102  1.00 35.88 ? 88  ARG A NH1 1 
ATOM   689  N  NH2 . ARG A 1 88  ? -12.572 2.646   16.145  1.00 35.11 ? 88  ARG A NH2 1 
ATOM   690  N  N   . ILE A 1 89  ? -10.128 -4.313  18.212  1.00 37.99 ? 89  ILE A N   1 
ATOM   691  C  CA  . ILE A 1 89  ? -8.747  -4.161  18.635  1.00 36.27 ? 89  ILE A CA  1 
ATOM   692  C  C   . ILE A 1 89  ? -7.919  -4.548  17.392  1.00 35.19 ? 89  ILE A C   1 
ATOM   693  O  O   . ILE A 1 89  ? -7.259  -3.706  16.778  1.00 35.02 ? 89  ILE A O   1 
ATOM   694  C  CB  . ILE A 1 89  ? -8.423  -5.112  19.852  1.00 36.09 ? 89  ILE A CB  1 
ATOM   695  C  CG1 . ILE A 1 89  ? -9.098  -4.611  21.134  1.00 32.97 ? 89  ILE A CG1 1 
ATOM   696  C  CG2 . ILE A 1 89  ? -6.897  -5.285  20.030  1.00 36.29 ? 89  ILE A CG2 1 
ATOM   697  C  CD1 . ILE A 1 89  ? -8.280  -3.594  21.905  1.00 32.39 ? 89  ILE A CD1 1 
ATOM   698  N  N   . VAL A 1 90  ? -8.059  -5.802  16.975  1.00 33.82 ? 90  VAL A N   1 
ATOM   699  C  CA  . VAL A 1 90  ? -7.342  -6.326  15.827  1.00 32.94 ? 90  VAL A CA  1 
ATOM   700  C  C   . VAL A 1 90  ? -7.450  -5.449  14.579  1.00 32.94 ? 90  VAL A C   1 
ATOM   701  O  O   . VAL A 1 90  ? -6.433  -5.195  13.944  1.00 33.37 ? 90  VAL A O   1 
ATOM   702  C  CB  . VAL A 1 90  ? -7.780  -7.779  15.510  1.00 32.71 ? 90  VAL A CB  1 
ATOM   703  C  CG1 . VAL A 1 90  ? -7.048  -8.306  14.284  1.00 32.11 ? 90  VAL A CG1 1 
ATOM   704  C  CG2 . VAL A 1 90  ? -7.502  -8.682  16.708  1.00 31.34 ? 90  VAL A CG2 1 
ATOM   705  N  N   . CYS A 1 91  ? -8.646  -4.961  14.235  1.00 32.70 ? 91  CYS A N   1 
ATOM   706  C  CA  . CYS A 1 91  ? -8.800  -4.112  13.044  1.00 32.33 ? 91  CYS A CA  1 
ATOM   707  C  C   . CYS A 1 91  ? -7.876  -2.916  13.148  1.00 33.47 ? 91  CYS A C   1 
ATOM   708  O  O   . CYS A 1 91  ? -7.220  -2.558  12.177  1.00 35.65 ? 91  CYS A O   1 
ATOM   709  C  CB  . CYS A 1 91  ? -10.230 -3.615  12.881  1.00 31.97 ? 91  CYS A CB  1 
ATOM   710  S  SG  . CYS A 1 91  ? -10.580 -2.704  11.329  1.00 31.19 ? 91  CYS A SG  1 
ATOM   711  N  N   . ASP A 1 92  ? -7.763  -2.333  14.334  1.00 33.51 ? 92  ASP A N   1 
ATOM   712  C  CA  . ASP A 1 92  ? -6.894  -1.190  14.523  1.00 33.48 ? 92  ASP A CA  1 
ATOM   713  C  C   . ASP A 1 92  ? -5.415  -1.549  14.339  1.00 32.50 ? 92  ASP A C   1 
ATOM   714  O  O   . ASP A 1 92  ? -4.620  -0.698  13.927  1.00 33.90 ? 92  ASP A O   1 
ATOM   715  C  CB  . ASP A 1 92  ? -7.124  -0.553  15.891  1.00 36.82 ? 92  ASP A CB  1 
ATOM   716  C  CG  . ASP A 1 92  ? -8.502  0.094   16.021  1.00 41.43 ? 92  ASP A CG  1 
ATOM   717  O  OD1 . ASP A 1 92  ? -8.850  0.981   15.204  1.00 41.74 ? 92  ASP A OD1 1 
ATOM   718  O  OD2 . ASP A 1 92  ? -9.238  -0.265  16.971  1.00 44.45 ? 92  ASP A OD2 1 
ATOM   719  N  N   . CYS A 1 93  ? -5.033  -2.788  14.643  1.00 29.99 ? 93  CYS A N   1 
ATOM   720  C  CA  . CYS A 1 93  ? -3.633  -3.219  14.469  1.00 28.25 ? 93  CYS A CA  1 
ATOM   721  C  C   . CYS A 1 93  ? -3.273  -3.195  12.980  1.00 26.08 ? 93  CYS A C   1 
ATOM   722  O  O   . CYS A 1 93  ? -2.193  -2.721  12.598  1.00 25.91 ? 93  CYS A O   1 
ATOM   723  C  CB  . CYS A 1 93  ? -3.413  -4.648  14.984  1.00 28.82 ? 93  CYS A CB  1 
ATOM   724  S  SG  . CYS A 1 93  ? -3.430  -4.887  16.789  1.00 28.75 ? 93  CYS A SG  1 
ATOM   725  N  N   . ASP A 1 94  ? -4.209  -3.683  12.164  1.00 22.46 ? 94  ASP A N   1 
ATOM   726  C  CA  . ASP A 1 94  ? -4.076  -3.776  10.725  1.00 20.13 ? 94  ASP A CA  1 
ATOM   727  C  C   . ASP A 1 94  ? -4.220  -2.445  10.049  1.00 21.92 ? 94  ASP A C   1 
ATOM   728  O  O   . ASP A 1 94  ? -3.441  -2.098  9.151   1.00 22.85 ? 94  ASP A O   1 
ATOM   729  C  CB  . ASP A 1 94  ? -5.089  -4.769  10.167  1.00 16.01 ? 94  ASP A CB  1 
ATOM   730  C  CG  . ASP A 1 94  ? -4.802  -6.183  10.624  1.00 17.15 ? 94  ASP A CG  1 
ATOM   731  O  OD1 . ASP A 1 94  ? -3.803  -6.349  11.354  1.00 18.57 ? 94  ASP A OD1 1 
ATOM   732  O  OD2 . ASP A 1 94  ? -5.550  -7.133  10.293  1.00 14.39 ? 94  ASP A OD2 1 
ATOM   733  N  N   . ARG A 1 95  ? -5.197  -1.669  10.485  1.00 22.20 ? 95  ARG A N   1 
ATOM   734  C  CA  . ARG A 1 95  ? -5.399  -0.361  9.893   1.00 21.62 ? 95  ARG A CA  1 
ATOM   735  C  C   . ARG A 1 95  ? -4.178  0.543   10.003  1.00 21.73 ? 95  ARG A C   1 
ATOM   736  O  O   . ARG A 1 95  ? -3.758  1.125   9.007   1.00 22.96 ? 95  ARG A O   1 
ATOM   737  C  CB  . ARG A 1 95  ? -6.598  0.330   10.511  1.00 22.12 ? 95  ARG A CB  1 
ATOM   738  C  CG  . ARG A 1 95  ? -6.733  1.761   10.064  1.00 22.97 ? 95  ARG A CG  1 
ATOM   739  C  CD  . ARG A 1 95  ? -8.040  2.334   10.531  1.00 24.04 ? 95  ARG A CD  1 
ATOM   740  N  NE  . ARG A 1 95  ? -8.121  3.740   10.172  1.00 24.24 ? 95  ARG A NE  1 
ATOM   741  C  CZ  . ARG A 1 95  ? -7.575  4.719   10.872  1.00 24.26 ? 95  ARG A CZ  1 
ATOM   742  N  NH1 . ARG A 1 95  ? -6.899  4.452   11.984  1.00 24.70 ? 95  ARG A NH1 1 
ATOM   743  N  NH2 . ARG A 1 95  ? -7.731  5.964   10.462  1.00 26.76 ? 95  ARG A NH2 1 
ATOM   744  N  N   . THR A 1 96  ? -3.632  0.685   11.209  1.00 20.88 ? 96  THR A N   1 
ATOM   745  C  CA  . THR A 1 96  ? -2.467  1.529   11.412  1.00 21.08 ? 96  THR A CA  1 
ATOM   746  C  C   . THR A 1 96  ? -1.233  0.949   10.719  1.00 19.68 ? 96  THR A C   1 
ATOM   747  O  O   . THR A 1 96  ? -0.348  1.692   10.284  1.00 20.11 ? 96  THR A O   1 
ATOM   748  C  CB  . THR A 1 96  ? -2.205  1.805   12.916  1.00 23.30 ? 96  THR A CB  1 
ATOM   749  O  OG1 . THR A 1 96  ? -1.808  0.605   13.587  1.00 25.72 ? 96  THR A OG1 1 
ATOM   750  C  CG2 . THR A 1 96  ? -3.482  2.315   13.577  1.00 24.01 ? 96  THR A CG2 1 
ATOM   751  N  N   . ALA A 1 97  ? -1.191  -0.371  10.564  1.00 18.85 ? 97  ALA A N   1 
ATOM   752  C  CA  . ALA A 1 97  ? -0.071  -1.003  9.870   1.00 17.36 ? 97  ALA A CA  1 
ATOM   753  C  C   . ALA A 1 97  ? -0.229  -0.680  8.390   1.00 17.60 ? 97  ALA A C   1 
ATOM   754  O  O   . ALA A 1 97  ? 0.702   -0.185  7.778   1.00 19.08 ? 97  ALA A O   1 
ATOM   755  C  CB  . ALA A 1 97  ? -0.054  -2.488  10.092  1.00 15.48 ? 97  ALA A CB  1 
ATOM   756  N  N   . ALA A 1 98  ? -1.398  -0.937  7.811   1.00 15.77 ? 98  ALA A N   1 
ATOM   757  C  CA  . ALA A 1 98  ? -1.605  -0.599  6.409   1.00 16.59 ? 98  ALA A CA  1 
ATOM   758  C  C   . ALA A 1 98  ? -1.263  0.897   6.122   1.00 17.22 ? 98  ALA A C   1 
ATOM   759  O  O   . ALA A 1 98  ? -0.501  1.209   5.193   1.00 16.63 ? 98  ALA A O   1 
ATOM   760  C  CB  . ALA A 1 98  ? -3.045  -0.921  5.984   1.00 14.91 ? 98  ALA A CB  1 
ATOM   761  N  N   . LEU A 1 99  ? -1.769  1.804   6.958   1.00 20.42 ? 99  LEU A N   1 
ATOM   762  C  CA  . LEU A 1 99  ? -1.529  3.238   6.788   1.00 22.51 ? 99  LEU A CA  1 
ATOM   763  C  C   . LEU A 1 99  ? -0.059  3.551   6.975   1.00 23.37 ? 99  LEU A C   1 
ATOM   764  O  O   . LEU A 1 99  ? 0.468   4.499   6.390   1.00 24.11 ? 99  LEU A O   1 
ATOM   765  C  CB  . LEU A 1 99  ? -2.366  4.062   7.767   1.00 24.02 ? 99  LEU A CB  1 
ATOM   766  C  CG  . LEU A 1 99  ? -3.878  3.954   7.551   1.00 28.09 ? 99  LEU A CG  1 
ATOM   767  C  CD1 . LEU A 1 99  ? -4.624  4.930   8.490   1.00 27.44 ? 99  LEU A CD1 1 
ATOM   768  C  CD2 . LEU A 1 99  ? -4.223  4.227   6.069   1.00 27.64 ? 99  LEU A CD2 1 
ATOM   769  N  N   . CYS A 1 100 ? 0.606   2.760   7.805   1.00 22.39 ? 100 CYS A N   1 
ATOM   770  C  CA  . CYS A 1 100 ? 2.014   2.969   8.035   1.00 22.06 ? 100 CYS A CA  1 
ATOM   771  C  C   . CYS A 1 100 ? 2.770   2.556   6.760   1.00 24.26 ? 100 CYS A C   1 
ATOM   772  O  O   . CYS A 1 100 ? 3.658   3.278   6.301   1.00 25.45 ? 100 CYS A O   1 
ATOM   773  C  CB  . CYS A 1 100 ? 2.458   2.146   9.248   1.00 20.97 ? 100 CYS A CB  1 
ATOM   774  S  SG  . CYS A 1 100 ? 4.136   2.511   9.826   1.00 15.93 ? 100 CYS A SG  1 
ATOM   775  N  N   . PHE A 1 101 ? 2.358   1.439   6.157   1.00 24.18 ? 101 PHE A N   1 
ATOM   776  C  CA  . PHE A 1 101 ? 2.967   0.924   4.933   1.00 26.05 ? 101 PHE A CA  1 
ATOM   777  C  C   . PHE A 1 101 ? 2.913   1.913   3.767   1.00 27.89 ? 101 PHE A C   1 
ATOM   778  O  O   . PHE A 1 101 ? 3.888   2.102   3.029   1.00 28.54 ? 101 PHE A O   1 
ATOM   779  C  CB  . PHE A 1 101 ? 2.294   -0.381  4.507   1.00 25.93 ? 101 PHE A CB  1 
ATOM   780  C  CG  . PHE A 1 101 ? 2.783   -1.595  5.255   1.00 26.70 ? 101 PHE A CG  1 
ATOM   781  C  CD1 . PHE A 1 101 ? 3.121   -1.516  6.597   1.00 26.18 ? 101 PHE A CD1 1 
ATOM   782  C  CD2 . PHE A 1 101 ? 2.890   -2.820  4.615   1.00 28.06 ? 101 PHE A CD2 1 
ATOM   783  C  CE1 . PHE A 1 101 ? 3.555   -2.635  7.285   1.00 28.95 ? 101 PHE A CE1 1 
ATOM   784  C  CE2 . PHE A 1 101 ? 3.324   -3.948  5.299   1.00 29.70 ? 101 PHE A CE2 1 
ATOM   785  C  CZ  . PHE A 1 101 ? 3.657   -3.852  6.638   1.00 29.36 ? 101 PHE A CZ  1 
ATOM   786  N  N   . GLY A 1 102 ? 1.772   2.557   3.599   1.00 29.30 ? 102 GLY A N   1 
ATOM   787  C  CA  . GLY A 1 102 ? 1.654   3.501   2.508   1.00 31.70 ? 102 GLY A CA  1 
ATOM   788  C  C   . GLY A 1 102 ? 2.489   4.753   2.675   1.00 33.36 ? 102 GLY A C   1 
ATOM   789  O  O   . GLY A 1 102 ? 2.985   5.299   1.692   1.00 33.19 ? 102 GLY A O   1 
ATOM   790  N  N   . ASN A 1 103 ? 2.674   5.195   3.915   1.00 34.63 ? 103 ASN A N   1 
ATOM   791  C  CA  . ASN A 1 103 ? 3.424   6.411   4.164   1.00 35.45 ? 103 ASN A CA  1 
ATOM   792  C  C   . ASN A 1 103 ? 4.898   6.213   4.416   1.00 34.71 ? 103 ASN A C   1 
ATOM   793  O  O   . ASN A 1 103 ? 5.609   7.177   4.702   1.00 35.41 ? 103 ASN A O   1 
ATOM   794  C  CB  . ASN A 1 103 ? 2.798   7.195   5.313   1.00 38.16 ? 103 ASN A CB  1 
ATOM   795  C  CG  . ASN A 1 103 ? 1.358   7.570   5.036   1.00 42.97 ? 103 ASN A CG  1 
ATOM   796  O  OD1 . ASN A 1 103 ? 0.957   7.752   3.880   1.00 46.89 ? 103 ASN A OD1 1 
ATOM   797  N  ND2 . ASN A 1 103 ? 0.554   7.634   6.084   1.00 45.20 ? 103 ASN A ND2 1 
ATOM   798  N  N   . SER A 1 104 ? 5.383   4.989   4.286   1.00 33.55 ? 104 SER A N   1 
ATOM   799  C  CA  . SER A 1 104 ? 6.793   4.745   4.522   1.00 32.99 ? 104 SER A CA  1 
ATOM   800  C  C   . SER A 1 104 ? 7.627   4.585   3.260   1.00 33.19 ? 104 SER A C   1 
ATOM   801  O  O   . SER A 1 104 ? 7.183   4.010   2.256   1.00 33.06 ? 104 SER A O   1 
ATOM   802  C  CB  . SER A 1 104 ? 6.974   3.518   5.408   1.00 33.44 ? 104 SER A CB  1 
ATOM   803  O  OG  . SER A 1 104 ? 6.293   3.678   6.632   1.00 33.54 ? 104 SER A OG  1 
ATOM   804  N  N   . GLU A 1 105 ? 8.856   5.075   3.324   1.00 32.46 ? 105 GLU A N   1 
ATOM   805  C  CA  . GLU A 1 105 ? 9.780   4.951   2.215   1.00 33.55 ? 105 GLU A CA  1 
ATOM   806  C  C   . GLU A 1 105 ? 10.068  3.444   2.043   1.00 31.01 ? 105 GLU A C   1 
ATOM   807  O  O   . GLU A 1 105 ? 10.395  2.760   3.007   1.00 31.61 ? 105 GLU A O   1 
ATOM   808  C  CB  . GLU A 1 105 ? 11.066  5.681   2.591   1.00 39.25 ? 105 GLU A CB  1 
ATOM   809  C  CG  . GLU A 1 105 ? 11.889  6.296   1.456   1.00 48.17 ? 105 GLU A CG  1 
ATOM   810  C  CD  . GLU A 1 105 ? 13.060  7.128   2.006   1.00 54.03 ? 105 GLU A CD  1 
ATOM   811  O  OE1 . GLU A 1 105 ? 14.022  6.545   2.578   1.00 57.44 ? 105 GLU A OE1 1 
ATOM   812  O  OE2 . GLU A 1 105 ? 12.996  8.373   1.905   1.00 57.99 ? 105 GLU A OE2 1 
ATOM   813  N  N   . TYR A 1 106 ? 9.883   2.912   0.846   1.00 28.33 ? 106 TYR A N   1 
ATOM   814  C  CA  . TYR A 1 106 ? 10.175  1.517   0.592   1.00 26.69 ? 106 TYR A CA  1 
ATOM   815  C  C   . TYR A 1 106 ? 11.604  1.410   0.094   1.00 26.77 ? 106 TYR A C   1 
ATOM   816  O  O   . TYR A 1 106 ? 11.850  1.551   -1.095  1.00 27.97 ? 106 TYR A O   1 
ATOM   817  C  CB  . TYR A 1 106 ? 9.251   0.935   -0.486  1.00 25.07 ? 106 TYR A CB  1 
ATOM   818  C  CG  . TYR A 1 106 ? 9.497   -0.541  -0.729  1.00 21.39 ? 106 TYR A CG  1 
ATOM   819  C  CD1 . TYR A 1 106 ? 10.522  -0.967  -1.564  1.00 19.18 ? 106 TYR A CD1 1 
ATOM   820  C  CD2 . TYR A 1 106 ? 8.759   -1.505  -0.041  1.00 20.83 ? 106 TYR A CD2 1 
ATOM   821  C  CE1 . TYR A 1 106 ? 10.821  -2.300  -1.699  1.00 20.12 ? 106 TYR A CE1 1 
ATOM   822  C  CE2 . TYR A 1 106 ? 9.040   -2.838  -0.162  1.00 20.16 ? 106 TYR A CE2 1 
ATOM   823  C  CZ  . TYR A 1 106 ? 10.074  -3.242  -0.988  1.00 22.25 ? 106 TYR A CZ  1 
ATOM   824  O  OH  . TYR A 1 106 ? 10.382  -4.581  -1.095  1.00 21.68 ? 106 TYR A OH  1 
ATOM   825  N  N   . ILE A 1 107 ? 12.544  1.099   0.973   1.00 26.34 ? 107 ILE A N   1 
ATOM   826  C  CA  . ILE A 1 107 ? 13.935  0.978   0.548   1.00 25.47 ? 107 ILE A CA  1 
ATOM   827  C  C   . ILE A 1 107 ? 14.243  -0.347  -0.162  1.00 27.57 ? 107 ILE A C   1 
ATOM   828  O  O   . ILE A 1 107 ? 14.336  -1.398  0.468   1.00 28.57 ? 107 ILE A O   1 
ATOM   829  C  CB  . ILE A 1 107 ? 14.880  1.213   1.744   1.00 23.42 ? 107 ILE A CB  1 
ATOM   830  C  CG1 . ILE A 1 107 ? 14.713  2.657   2.232   1.00 20.92 ? 107 ILE A CG1 1 
ATOM   831  C  CG2 . ILE A 1 107 ? 16.320  0.919   1.383   1.00 22.48 ? 107 ILE A CG2 1 
ATOM   832  C  CD1 . ILE A 1 107 ? 15.391  2.943   3.526   1.00 17.23 ? 107 ILE A CD1 1 
ATOM   833  N  N   . GLU A 1 108 ? 14.419  -0.296  -1.479  1.00 29.74 ? 108 GLU A N   1 
ATOM   834  C  CA  . GLU A 1 108 ? 14.733  -1.495  -2.258  1.00 31.50 ? 108 GLU A CA  1 
ATOM   835  C  C   . GLU A 1 108 ? 15.840  -2.346  -1.629  1.00 30.97 ? 108 GLU A C   1 
ATOM   836  O  O   . GLU A 1 108 ? 15.784  -3.572  -1.637  1.00 30.18 ? 108 GLU A O   1 
ATOM   837  C  CB  . GLU A 1 108 ? 15.142  -1.100  -3.675  1.00 33.06 ? 108 GLU A CB  1 
ATOM   838  C  CG  . GLU A 1 108 ? 13.993  -0.573  -4.511  1.00 39.75 ? 108 GLU A CG  1 
ATOM   839  C  CD  . GLU A 1 108 ? 12.965  -1.646  -4.811  1.00 44.36 ? 108 GLU A CD  1 
ATOM   840  O  OE1 . GLU A 1 108 ? 13.379  -2.802  -5.059  1.00 46.33 ? 108 GLU A OE1 1 
ATOM   841  O  OE2 . GLU A 1 108 ? 11.741  -1.350  -4.785  1.00 48.27 ? 108 GLU A OE2 1 
ATOM   842  N  N   . GLY A 1 109 ? 16.826  -1.674  -1.050  1.00 30.92 ? 109 GLY A N   1 
ATOM   843  C  CA  . GLY A 1 109 ? 17.943  -2.362  -0.448  1.00 30.30 ? 109 GLY A CA  1 
ATOM   844  C  C   . GLY A 1 109 ? 17.626  -3.219  0.745   1.00 30.77 ? 109 GLY A C   1 
ATOM   845  O  O   . GLY A 1 109 ? 18.406  -4.110  1.067   1.00 31.83 ? 109 GLY A O   1 
ATOM   846  N  N   . HIS A 1 110 ? 16.502  -2.960  1.408   1.00 30.20 ? 110 HIS A N   1 
ATOM   847  C  CA  . HIS A 1 110 ? 16.115  -3.732  2.595   1.00 28.35 ? 110 HIS A CA  1 
ATOM   848  C  C   . HIS A 1 110 ? 15.156  -4.920  2.362   1.00 29.25 ? 110 HIS A C   1 
ATOM   849  O  O   . HIS A 1 110 ? 14.828  -5.646  3.290   1.00 28.14 ? 110 HIS A O   1 
ATOM   850  C  CB  . HIS A 1 110 ? 15.570  -2.798  3.676   1.00 24.51 ? 110 HIS A CB  1 
ATOM   851  C  CG  . HIS A 1 110 ? 16.576  -1.818  4.204   1.00 20.30 ? 110 HIS A CG  1 
ATOM   852  N  ND1 . HIS A 1 110 ? 17.916  -2.115  4.261   1.00 18.52 ? 110 HIS A ND1 1 
ATOM   853  C  CD2 . HIS A 1 110 ? 16.368  -0.581  4.731   1.00 19.61 ? 110 HIS A CD2 1 
ATOM   854  C  CE1 . HIS A 1 110 ? 18.491  -1.061  4.816   1.00 18.18 ? 110 HIS A CE1 1 
ATOM   855  N  NE2 . HIS A 1 110 ? 17.600  -0.107  5.120   1.00 17.70 ? 110 HIS A NE2 1 
ATOM   856  N  N   . LYS A 1 111 ? 14.708  -5.114  1.127   1.00 30.45 ? 111 LYS A N   1 
ATOM   857  C  CA  . LYS A 1 111 ? 13.820  -6.240  0.789   1.00 31.97 ? 111 LYS A CA  1 
ATOM   858  C  C   . LYS A 1 111 ? 14.597  -7.575  0.704   1.00 32.35 ? 111 LYS A C   1 
ATOM   859  O  O   . LYS A 1 111 ? 15.623  -7.651  0.036   1.00 31.84 ? 111 LYS A O   1 
ATOM   860  C  CB  . LYS A 1 111 ? 13.097  -5.931  -0.540  1.00 32.56 ? 111 LYS A CB  1 
ATOM   861  C  CG  . LYS A 1 111 ? 12.859  -7.101  -1.483  1.00 34.03 ? 111 LYS A CG  1 
ATOM   862  C  CD  . LYS A 1 111 ? 12.019  -6.675  -2.681  1.00 37.60 ? 111 LYS A CD  1 
ATOM   863  C  CE  . LYS A 1 111 ? 12.547  -5.369  -3.333  1.00 39.83 ? 111 LYS A CE  1 
ATOM   864  N  NZ  . LYS A 1 111 ? 11.587  -4.691  -4.291  1.00 38.83 ? 111 LYS A NZ  1 
ATOM   865  N  N   . ASN A 1 112 ? 14.129  -8.604  1.409   1.00 33.36 ? 112 ASN A N   1 
ATOM   866  C  CA  . ASN A 1 112 ? 14.764  -9.927  1.403   1.00 35.74 ? 112 ASN A CA  1 
ATOM   867  C  C   . ASN A 1 112 ? 16.125  -9.978  2.107   1.00 36.15 ? 112 ASN A C   1 
ATOM   868  O  O   . ASN A 1 112 ? 16.854  -10.958 2.008   1.00 37.72 ? 112 ASN A O   1 
ATOM   869  C  CB  . ASN A 1 112 ? 14.902  -10.434 -0.035  1.00 39.51 ? 112 ASN A CB  1 
ATOM   870  C  CG  . ASN A 1 112 ? 15.130  -11.940 -0.120  1.00 43.80 ? 112 ASN A CG  1 
ATOM   871  O  OD1 . ASN A 1 112 ? 15.237  -12.487 -1.226  1.00 46.57 ? 112 ASN A OD1 1 
ATOM   872  N  ND2 . ASN A 1 112 ? 15.191  -12.620 1.028   1.00 45.16 ? 112 ASN A ND2 1 
ATOM   873  N  N   . ILE A 1 113 ? 16.399  -8.958  2.908   1.00 36.10 ? 113 ILE A N   1 
ATOM   874  C  CA  . ILE A 1 113 ? 17.650  -8.779  3.656   1.00 35.08 ? 113 ILE A CA  1 
ATOM   875  C  C   . ILE A 1 113 ? 18.182  -10.053 4.344   1.00 34.72 ? 113 ILE A C   1 
ATOM   876  O  O   . ILE A 1 113 ? 17.422  -10.986 4.603   1.00 34.26 ? 113 ILE A O   1 
ATOM   877  C  CB  . ILE A 1 113 ? 17.409  -7.636  4.671   1.00 36.00 ? 113 ILE A CB  1 
ATOM   878  C  CG1 . ILE A 1 113 ? 18.700  -7.043  5.194   1.00 37.04 ? 113 ILE A CG1 1 
ATOM   879  C  CG2 . ILE A 1 113 ? 16.529  -8.108  5.799   1.00 35.57 ? 113 ILE A CG2 1 
ATOM   880  C  CD1 . ILE A 1 113 ? 18.455  -5.738  5.949   1.00 36.29 ? 113 ILE A CD1 1 
ATOM   881  N  N   . ASP A 1 114 ? 19.492  -10.130 4.576   1.00 34.74 ? 114 ASP A N   1 
ATOM   882  C  CA  . ASP A 1 114 ? 20.049  -11.316 5.244   1.00 34.81 ? 114 ASP A CA  1 
ATOM   883  C  C   . ASP A 1 114 ? 19.773  -11.178 6.718   1.00 35.50 ? 114 ASP A C   1 
ATOM   884  O  O   . ASP A 1 114 ? 20.317  -10.279 7.370   1.00 36.98 ? 114 ASP A O   1 
ATOM   885  C  CB  . ASP A 1 114 ? 21.563  -11.479 5.042   1.00 32.84 ? 114 ASP A CB  1 
ATOM   886  C  CG  . ASP A 1 114 ? 22.140  -12.695 5.793   1.00 31.26 ? 114 ASP A CG  1 
ATOM   887  O  OD1 . ASP A 1 114 ? 21.379  -13.553 6.283   1.00 31.13 ? 114 ASP A OD1 1 
ATOM   888  O  OD2 . ASP A 1 114 ? 23.373  -12.799 5.919   1.00 31.96 ? 114 ASP A OD2 1 
ATOM   889  N  N   . THR A 1 115 ? 18.982  -12.108 7.243   1.00 34.72 ? 115 THR A N   1 
ATOM   890  C  CA  . THR A 1 115 ? 18.590  -12.110 8.639   1.00 34.02 ? 115 THR A CA  1 
ATOM   891  C  C   . THR A 1 115 ? 19.726  -12.342 9.615   1.00 32.67 ? 115 THR A C   1 
ATOM   892  O  O   . THR A 1 115 ? 19.835  -11.642 10.626  1.00 32.86 ? 115 THR A O   1 
ATOM   893  C  CB  . THR A 1 115 ? 17.494  -13.154 8.886   1.00 34.83 ? 115 THR A CB  1 
ATOM   894  O  OG1 . THR A 1 115 ? 16.419  -12.946 7.959   1.00 37.11 ? 115 THR A OG1 1 
ATOM   895  C  CG2 . THR A 1 115 ? 16.967  -13.050 10.295  1.00 35.39 ? 115 THR A CG2 1 
ATOM   896  N  N   . ALA A 1 116 ? 20.592  -13.299 9.313   1.00 31.17 ? 116 ALA A N   1 
ATOM   897  C  CA  . ALA A 1 116 ? 21.676  -13.617 10.227  1.00 31.13 ? 116 ALA A CA  1 
ATOM   898  C  C   . ALA A 1 116 ? 22.659  -12.461 10.371  1.00 30.56 ? 116 ALA A C   1 
ATOM   899  O  O   . ALA A 1 116 ? 23.345  -12.313 11.383  1.00 30.16 ? 116 ALA A O   1 
ATOM   900  C  CB  . ALA A 1 116 ? 22.392  -14.864 9.761   1.00 31.19 ? 116 ALA A CB  1 
ATOM   901  N  N   . ARG A 1 117 ? 22.718  -11.638 9.343   1.00 29.80 ? 117 ARG A N   1 
ATOM   902  C  CA  . ARG A 1 117 ? 23.635  -10.525 9.332   1.00 30.24 ? 117 ARG A CA  1 
ATOM   903  C  C   . ARG A 1 117 ? 23.048  -9.255  9.912   1.00 29.84 ? 117 ARG A C   1 
ATOM   904  O  O   . ARG A 1 117 ? 23.611  -8.687  10.840  1.00 30.64 ? 117 ARG A O   1 
ATOM   905  C  CB  . ARG A 1 117 ? 24.078  -10.287 7.894   1.00 30.97 ? 117 ARG A CB  1 
ATOM   906  C  CG  . ARG A 1 117 ? 25.275  -9.388  7.719   1.00 33.40 ? 117 ARG A CG  1 
ATOM   907  C  CD  . ARG A 1 117 ? 25.748  -9.465  6.273   1.00 34.29 ? 117 ARG A CD  1 
ATOM   908  N  NE  . ARG A 1 117 ? 26.754  -8.461  5.958   1.00 36.40 ? 117 ARG A NE  1 
ATOM   909  C  CZ  . ARG A 1 117 ? 28.041  -8.538  6.277   1.00 36.89 ? 117 ARG A CZ  1 
ATOM   910  N  NH1 . ARG A 1 117 ? 28.498  -9.584  6.946   1.00 36.99 ? 117 ARG A NH1 1 
ATOM   911  N  NH2 . ARG A 1 117 ? 28.869  -7.570  5.901   1.00 37.03 ? 117 ARG A NH2 1 
ATOM   912  N  N   . PHE A 1 118 ? 21.881  -8.867  9.411   1.00 28.90 ? 118 PHE A N   1 
ATOM   913  C  CA  . PHE A 1 118 ? 21.227  -7.628  9.809   1.00 29.39 ? 118 PHE A CA  1 
ATOM   914  C  C   . PHE A 1 118 ? 20.199  -7.649  10.949  1.00 29.30 ? 118 PHE A C   1 
ATOM   915  O  O   . PHE A 1 118 ? 19.726  -6.589  11.386  1.00 27.52 ? 118 PHE A O   1 
ATOM   916  C  CB  . PHE A 1 118 ? 20.610  -6.991  8.558   1.00 29.91 ? 118 PHE A CB  1 
ATOM   917  C  CG  . PHE A 1 118 ? 21.602  -6.758  7.459   1.00 32.91 ? 118 PHE A CG  1 
ATOM   918  C  CD1 . PHE A 1 118 ? 21.866  -7.742  6.524   1.00 34.61 ? 118 PHE A CD1 1 
ATOM   919  C  CD2 . PHE A 1 118 ? 22.287  -5.550  7.364   1.00 35.02 ? 118 PHE A CD2 1 
ATOM   920  C  CE1 . PHE A 1 118 ? 22.791  -7.521  5.517   1.00 35.41 ? 118 PHE A CE1 1 
ATOM   921  C  CE2 . PHE A 1 118 ? 23.212  -5.323  6.362   1.00 33.44 ? 118 PHE A CE2 1 
ATOM   922  C  CZ  . PHE A 1 118 ? 23.464  -6.304  5.440   1.00 35.63 ? 118 PHE A CZ  1 
ATOM   923  N  N   . CYS A 1 119 ? 19.871  -8.833  11.453  1.00 29.59 ? 119 CYS A N   1 
ATOM   924  C  CA  . CYS A 1 119 ? 18.872  -8.929  12.505  1.00 29.29 ? 119 CYS A CA  1 
ATOM   925  C  C   . CYS A 1 119 ? 19.340  -9.688  13.750  1.00 32.03 ? 119 CYS A C   1 
ATOM   926  O  O   . CYS A 1 119 ? 18.751  -10.691 14.125  1.00 31.37 ? 119 CYS A O   1 
ATOM   927  C  CB  . CYS A 1 119 ? 17.601  -9.554  11.916  1.00 26.78 ? 119 CYS A CB  1 
ATOM   928  S  SG  . CYS A 1 119 ? 17.079  -8.862  10.299  1.00 21.74 ? 119 CYS A SG  1 
ATOM   929  N  N   . GLN A 1 120 ? 20.396  -9.191  14.391  1.00 36.24 ? 120 GLN A N   1 
ATOM   930  C  CA  . GLN A 1 120 ? 20.957  -9.795  15.600  1.00 40.57 ? 120 GLN A CA  1 
ATOM   931  C  C   . GLN A 1 120 ? 20.873  -8.855  16.815  1.00 42.87 ? 120 GLN A C   1 
ATOM   932  O  O   . GLN A 1 120 ? 21.589  -7.821  16.832  1.00 44.59 ? 120 GLN A O   1 
ATOM   933  C  CB  . GLN A 1 120 ? 22.421  -10.163 15.360  1.00 42.58 ? 120 GLN A CB  1 
ATOM   934  C  CG  . GLN A 1 120 ? 22.621  -11.010 14.148  1.00 45.97 ? 120 GLN A CG  1 
ATOM   935  C  CD  . GLN A 1 120 ? 21.723  -12.230 14.165  1.00 48.28 ? 120 GLN A CD  1 
ATOM   936  O  OE1 . GLN A 1 120 ? 21.840  -13.090 15.054  1.00 48.87 ? 120 GLN A OE1 1 
ATOM   937  N  NE2 . GLN A 1 120 ? 20.808  -12.312 13.196  1.00 47.98 ? 120 GLN A NE2 1 
ATOM   938  O  OXT . GLN A 1 120 ? 20.112  -9.154  17.763  1.00 43.95 ? 120 GLN A OXT 1 
ATOM   939  N  N   . ARG B 2 1   ? -1.665  5.412   0.065   1.00 40.49 ? 1   ARG B N   1 
ATOM   940  C  CA  . ARG B 2 1   ? -1.172  6.041   -1.190  1.00 39.77 ? 1   ARG B CA  1 
ATOM   941  C  C   . ARG B 2 1   ? -1.924  7.345   -1.452  1.00 39.19 ? 1   ARG B C   1 
ATOM   942  O  O   . ARG B 2 1   ? -3.003  7.569   -0.909  1.00 38.46 ? 1   ARG B O   1 
ATOM   943  C  CB  . ARG B 2 1   ? -1.313  5.071   -2.380  1.00 39.18 ? 1   ARG B CB  1 
ATOM   944  C  CG  . ARG B 2 1   ? -2.648  4.375   -2.462  1.00 39.17 ? 1   ARG B CG  1 
ATOM   945  C  CD  . ARG B 2 1   ? -2.793  3.525   -3.699  1.00 39.40 ? 1   ARG B CD  1 
ATOM   946  N  NE  . ARG B 2 1   ? -3.990  3.931   -4.431  1.00 42.46 ? 1   ARG B NE  1 
ATOM   947  C  CZ  . ARG B 2 1   ? -4.998  3.132   -4.770  1.00 43.43 ? 1   ARG B CZ  1 
ATOM   948  N  NH1 . ARG B 2 1   ? -4.971  1.836   -4.459  1.00 43.91 ? 1   ARG B NH1 1 
ATOM   949  N  NH2 . ARG B 2 1   ? -6.052  3.653   -5.401  1.00 43.29 ? 1   ARG B NH2 1 
ATOM   950  N  N   . LYS B 2 2   ? -1.322  8.215   -2.255  1.00 38.68 ? 2   LYS B N   1 
ATOM   951  C  CA  . LYS B 2 2   ? -1.925  9.492   -2.598  1.00 38.67 ? 2   LYS B CA  1 
ATOM   952  C  C   . LYS B 2 2   ? -2.220  9.519   -4.088  1.00 37.45 ? 2   LYS B C   1 
ATOM   953  O  O   . LYS B 2 2   ? -1.718  8.678   -4.844  1.00 37.04 ? 2   LYS B O   1 
ATOM   954  C  CB  . LYS B 2 2   ? -0.987  10.638  -2.213  1.00 41.04 ? 2   LYS B CB  1 
ATOM   955  C  CG  . LYS B 2 2   ? -0.861  10.823  -0.709  1.00 45.43 ? 2   LYS B CG  1 
ATOM   956  C  CD  . LYS B 2 2   ? 0.226   11.813  -0.297  1.00 48.59 ? 2   LYS B CD  1 
ATOM   957  C  CE  . LYS B 2 2   ? 1.629   11.213  -0.296  1.00 47.88 ? 2   LYS B CE  1 
ATOM   958  N  NZ  . LYS B 2 2   ? 2.186   11.131  -1.669  1.00 49.66 ? 2   LYS B NZ  1 
ATOM   959  N  N   . ARG B 2 3   ? -3.062  10.466  -4.499  1.00 35.92 ? 3   ARG B N   1 
ATOM   960  C  CA  . ARG B 2 3   ? -3.433  10.613  -5.905  1.00 33.31 ? 3   ARG B CA  1 
ATOM   961  C  C   . ARG B 2 3   ? -2.283  11.200  -6.689  1.00 33.00 ? 3   ARG B C   1 
ATOM   962  O  O   . ARG B 2 3   ? -1.589  12.068  -6.181  1.00 34.15 ? 3   ARG B O   1 
ATOM   963  C  CB  . ARG B 2 3   ? -4.637  11.520  -6.041  1.00 29.64 ? 3   ARG B CB  1 
ATOM   964  C  CG  . ARG B 2 3   ? -5.362  11.264  -7.299  1.00 25.72 ? 3   ARG B CG  1 
ATOM   965  C  CD  . ARG B 2 3   ? -6.492  12.199  -7.446  1.00 25.05 ? 3   ARG B CD  1 
ATOM   966  N  NE  . ARG B 2 3   ? -7.213  11.950  -8.684  1.00 24.94 ? 3   ARG B NE  1 
ATOM   967  C  CZ  . ARG B 2 3   ? -7.380  12.848  -9.643  1.00 26.23 ? 3   ARG B CZ  1 
ATOM   968  N  NH1 . ARG B 2 3   ? -6.858  14.069  -9.527  1.00 26.70 ? 3   ARG B NH1 1 
ATOM   969  N  NH2 . ARG B 2 3   ? -8.166  12.556  -10.663 1.00 28.90 ? 3   ARG B NH2 1 
ATOM   970  N  N   . HIS B 2 4   ? -2.058  10.730  -7.914  1.00 32.74 ? 4   HIS B N   1 
ATOM   971  C  CA  . HIS B 2 4   ? -0.947  11.264  -8.695  1.00 30.35 ? 4   HIS B CA  1 
ATOM   972  C  C   . HIS B 2 4   ? -1.151  12.757  -8.930  1.00 30.27 ? 4   HIS B C   1 
ATOM   973  O  O   . HIS B 2 4   ? -2.219  13.195  -9.350  1.00 31.35 ? 4   HIS B O   1 
ATOM   974  C  CB  . HIS B 2 4   ? -0.795  10.537  -10.032 1.00 27.39 ? 4   HIS B CB  1 
ATOM   975  C  CG  . HIS B 2 4   ? 0.518   10.797  -10.703 1.00 25.88 ? 4   HIS B CG  1 
ATOM   976  N  ND1 . HIS B 2 4   ? 0.738   11.948  -11.414 1.00 25.49 ? 4   HIS B ND1 1 
ATOM   977  C  CD2 . HIS B 2 4   ? 1.693   10.128  -10.566 1.00 25.55 ? 4   HIS B CD2 1 
ATOM   978  C  CE1 . HIS B 2 4   ? 2.032   11.965  -11.681 1.00 24.92 ? 4   HIS B CE1 1 
ATOM   979  N  NE2 . HIS B 2 4   ? 2.650   10.889  -11.187 1.00 24.85 ? 4   HIS B NE2 1 
ATOM   980  N  N   . PRO B 2 5   ? -0.146  13.566  -8.614  1.00 29.87 ? 5   PRO B N   1 
ATOM   981  C  CA  . PRO B 2 5   ? -0.278  15.004  -8.813  1.00 30.34 ? 5   PRO B CA  1 
ATOM   982  C  C   . PRO B 2 5   ? -0.498  15.495  -10.243 1.00 31.05 ? 5   PRO B C   1 
ATOM   983  O  O   . PRO B 2 5   ? -0.898  16.643  -10.434 1.00 33.27 ? 5   PRO B O   1 
ATOM   984  C  CB  . PRO B 2 5   ? 1.029   15.543  -8.232  1.00 30.49 ? 5   PRO B CB  1 
ATOM   985  C  CG  . PRO B 2 5   ? 1.979   14.394  -8.386  1.00 30.45 ? 5   PRO B CG  1 
ATOM   986  C  CD  . PRO B 2 5   ? 1.122   13.251  -7.946  1.00 30.75 ? 5   PRO B CD  1 
ATOM   987  N  N   . ASP B 2 6   ? -0.293  14.651  -11.247 1.00 29.92 ? 6   ASP B N   1 
ATOM   988  C  CA  . ASP B 2 6   ? -0.462  15.118  -12.626 1.00 28.86 ? 6   ASP B CA  1 
ATOM   989  C  C   . ASP B 2 6   ? -1.713  14.631  -13.345 1.00 28.71 ? 6   ASP B C   1 
ATOM   990  O  O   . ASP B 2 6   ? -1.970  15.002  -14.487 1.00 29.45 ? 6   ASP B O   1 
ATOM   991  C  CB  . ASP B 2 6   ? 0.792   14.786  -13.436 1.00 28.23 ? 6   ASP B CB  1 
ATOM   992  C  CG  . ASP B 2 6   ? 2.042   15.465  -12.875 1.00 29.95 ? 6   ASP B CG  1 
ATOM   993  O  OD1 . ASP B 2 6   ? 1.948   16.670  -12.526 1.00 30.87 ? 6   ASP B OD1 1 
ATOM   994  O  OD2 . ASP B 2 6   ? 3.114   14.817  -12.777 1.00 28.58 ? 6   ASP B OD2 1 
ATOM   995  N  N   . CYS B 2 7   ? -2.542  13.882  -12.638 1.00 27.67 ? 7   CYS B N   1 
ATOM   996  C  CA  . CYS B 2 7   ? -3.757  13.304  -13.197 1.00 27.06 ? 7   CYS B CA  1 
ATOM   997  C  C   . CYS B 2 7   ? -4.707  14.205  -13.983 1.00 28.10 ? 7   CYS B C   1 
ATOM   998  O  O   . CYS B 2 7   ? -5.554  13.710  -14.735 1.00 28.22 ? 7   CYS B O   1 
ATOM   999  C  CB  . CYS B 2 7   ? -4.529  12.571  -12.094 1.00 23.77 ? 7   CYS B CB  1 
ATOM   1000 S  SG  . CYS B 2 7   ? -3.627  11.127  -11.471 1.00 21.15 ? 7   CYS B SG  1 
ATOM   1001 N  N   . ASP B 2 8   ? -4.590  15.514  -13.812 1.00 28.63 ? 8   ASP B N   1 
ATOM   1002 C  CA  . ASP B 2 8   ? -5.480  16.415  -14.524 1.00 30.32 ? 8   ASP B CA  1 
ATOM   1003 C  C   . ASP B 2 8   ? -4.775  17.342  -15.513 1.00 30.33 ? 8   ASP B C   1 
ATOM   1004 O  O   . ASP B 2 8   ? -5.346  18.335  -15.964 1.00 32.58 ? 8   ASP B O   1 
ATOM   1005 C  CB  . ASP B 2 8   ? -6.309  17.223  -13.519 1.00 31.87 ? 8   ASP B CB  1 
ATOM   1006 C  CG  . ASP B 2 8   ? -7.224  16.350  -12.687 1.00 31.04 ? 8   ASP B CG  1 
ATOM   1007 O  OD1 . ASP B 2 8   ? -8.098  15.679  -13.274 1.00 31.12 ? 8   ASP B OD1 1 
ATOM   1008 O  OD2 . ASP B 2 8   ? -7.051  16.314  -11.452 1.00 30.49 ? 8   ASP B OD2 1 
ATOM   1009 N  N   . LYS B 2 9   ? -3.529  17.042  -15.843 1.00 29.39 ? 9   LYS B N   1 
ATOM   1010 C  CA  . LYS B 2 9   ? -2.787  17.863  -16.788 1.00 28.61 ? 9   LYS B CA  1 
ATOM   1011 C  C   . LYS B 2 9   ? -2.991  17.230  -18.154 1.00 29.02 ? 9   LYS B C   1 
ATOM   1012 O  O   . LYS B 2 9   ? -3.391  16.059  -18.240 1.00 30.56 ? 9   LYS B O   1 
ATOM   1013 C  CB  . LYS B 2 9   ? -1.315  17.864  -16.414 1.00 28.77 ? 9   LYS B CB  1 
ATOM   1014 C  CG  . LYS B 2 9   ? -1.068  18.577  -15.112 1.00 31.01 ? 9   LYS B CG  1 
ATOM   1015 C  CD  . LYS B 2 9   ? 0.353   18.474  -14.697 1.00 35.56 ? 9   LYS B CD  1 
ATOM   1016 C  CE  . LYS B 2 9   ? 0.643   19.451  -13.582 1.00 38.99 ? 9   LYS B CE  1 
ATOM   1017 N  NZ  . LYS B 2 9   ? 2.050   19.292  -13.096 1.00 44.40 ? 9   LYS B NZ  1 
ATOM   1018 N  N   . PRO B 2 10  ? -2.764  17.983  -19.247 1.00 27.14 ? 10  PRO B N   1 
ATOM   1019 C  CA  . PRO B 2 10  ? -2.983  17.308  -20.522 1.00 24.51 ? 10  PRO B CA  1 
ATOM   1020 C  C   . PRO B 2 10  ? -1.831  16.333  -20.791 1.00 22.67 ? 10  PRO B C   1 
ATOM   1021 O  O   . PRO B 2 10  ? -0.715  16.555  -20.337 1.00 20.48 ? 10  PRO B O   1 
ATOM   1022 C  CB  . PRO B 2 10  ? -3.078  18.471  -21.507 1.00 24.53 ? 10  PRO B CB  1 
ATOM   1023 C  CG  . PRO B 2 10  ? -2.141  19.454  -20.942 1.00 25.45 ? 10  PRO B CG  1 
ATOM   1024 C  CD  . PRO B 2 10  ? -2.427  19.402  -19.456 1.00 26.73 ? 10  PRO B CD  1 
ATOM   1025 N  N   . PRO B 2 11  ? -2.134  15.182  -21.420 1.00 21.74 ? 11  PRO B N   1 
ATOM   1026 C  CA  . PRO B 2 11  ? -1.155  14.153  -21.744 1.00 21.27 ? 11  PRO B CA  1 
ATOM   1027 C  C   . PRO B 2 11  ? -0.107  14.703  -22.701 1.00 21.09 ? 11  PRO B C   1 
ATOM   1028 O  O   . PRO B 2 11  ? -0.453  15.359  -23.683 1.00 22.57 ? 11  PRO B O   1 
ATOM   1029 C  CB  . PRO B 2 11  ? -2.025  13.074  -22.406 1.00 20.59 ? 11  PRO B CB  1 
ATOM   1030 C  CG  . PRO B 2 11  ? -3.078  13.865  -23.087 1.00 19.30 ? 11  PRO B CG  1 
ATOM   1031 C  CD  . PRO B 2 11  ? -3.450  14.806  -21.972 1.00 20.88 ? 11  PRO B CD  1 
ATOM   1032 N  N   . ASP B 2 12  ? 1.159   14.397  -22.444 1.00 20.01 ? 12  ASP B N   1 
ATOM   1033 C  CA  . ASP B 2 12  ? 2.243   14.882  -23.281 1.00 20.68 ? 12  ASP B CA  1 
ATOM   1034 C  C   . ASP B 2 12  ? 2.409   14.024  -24.548 1.00 20.69 ? 12  ASP B C   1 
ATOM   1035 O  O   . ASP B 2 12  ? 3.020   12.946  -24.524 1.00 20.13 ? 12  ASP B O   1 
ATOM   1036 C  CB  . ASP B 2 12  ? 3.529   14.977  -22.429 1.00 22.24 ? 12  ASP B CB  1 
ATOM   1037 C  CG  . ASP B 2 12  ? 4.742   15.411  -23.214 1.00 24.01 ? 12  ASP B CG  1 
ATOM   1038 O  OD1 . ASP B 2 12  ? 4.668   15.518  -24.452 1.00 28.08 ? 12  ASP B OD1 1 
ATOM   1039 O  OD2 . ASP B 2 12  ? 5.798   15.640  -22.594 1.00 25.21 ? 12  ASP B OD2 1 
ATOM   1040 N  N   . THR B 2 13  ? 1.858   14.522  -25.655 1.00 19.60 ? 13  THR B N   1 
ATOM   1041 C  CA  . THR B 2 13  ? 1.931   13.835  -26.938 1.00 19.13 ? 13  THR B CA  1 
ATOM   1042 C  C   . THR B 2 13  ? 3.152   14.193  -27.808 1.00 20.26 ? 13  THR B C   1 
ATOM   1043 O  O   . THR B 2 13  ? 3.220   13.735  -28.953 1.00 20.44 ? 13  THR B O   1 
ATOM   1044 C  CB  . THR B 2 13  ? 0.693   14.121  -27.808 1.00 19.12 ? 13  THR B CB  1 
ATOM   1045 O  OG1 . THR B 2 13  ? 0.486   15.539  -27.897 1.00 20.42 ? 13  THR B OG1 1 
ATOM   1046 C  CG2 . THR B 2 13  ? -0.524  13.455  -27.269 1.00 16.27 ? 13  THR B CG2 1 
ATOM   1047 N  N   . LYS B 2 14  ? 4.088   15.013  -27.314 1.00 21.08 ? 14  LYS B N   1 
ATOM   1048 C  CA  . LYS B 2 14  ? 5.250   15.391  -28.133 1.00 22.76 ? 14  LYS B CA  1 
ATOM   1049 C  C   . LYS B 2 14  ? 6.072   14.166  -28.422 1.00 23.26 ? 14  LYS B C   1 
ATOM   1050 O  O   . LYS B 2 14  ? 5.868   13.139  -27.769 1.00 25.00 ? 14  LYS B O   1 
ATOM   1051 C  CB  . LYS B 2 14  ? 6.083   16.486  -27.467 1.00 23.98 ? 14  LYS B CB  1 
ATOM   1052 C  CG  . LYS B 2 14  ? 5.299   17.792  -27.353 1.00 26.69 ? 14  LYS B CG  1 
ATOM   1053 C  CD  . LYS B 2 14  ? 6.089   18.954  -26.837 1.00 27.47 ? 14  LYS B CD  1 
ATOM   1054 C  CE  . LYS B 2 14  ? 5.183   20.202  -26.842 1.00 32.91 ? 14  LYS B CE  1 
ATOM   1055 N  NZ  . LYS B 2 14  ? 4.653   20.602  -28.217 1.00 34.12 ? 14  LYS B NZ  1 
ATOM   1056 N  N   . ILE B 2 15  ? 6.933   14.230  -29.435 1.00 22.68 ? 15  ILE B N   1 
ATOM   1057 C  CA  . ILE B 2 15  ? 7.745   13.070  -29.809 1.00 21.29 ? 15  ILE B CA  1 
ATOM   1058 C  C   . ILE B 2 15  ? 9.199   13.124  -29.396 1.00 20.06 ? 15  ILE B C   1 
ATOM   1059 O  O   . ILE B 2 15  ? 9.930   14.020  -29.788 1.00 21.32 ? 15  ILE B O   1 
ATOM   1060 C  CB  . ILE B 2 15  ? 7.657   12.787  -31.337 1.00 21.48 ? 15  ILE B CB  1 
ATOM   1061 C  CG1 . ILE B 2 15  ? 6.175   12.758  -31.737 1.00 23.11 ? 15  ILE B CG1 1 
ATOM   1062 C  CG2 . ILE B 2 15  ? 8.336   11.430  -31.704 1.00 17.02 ? 15  ILE B CG2 1 
ATOM   1063 C  CD1 . ILE B 2 15  ? 5.900   12.366  -33.174 1.00 25.36 ? 15  ILE B CD1 1 
ATOM   1064 N  N   . CYS B 2 16  ? 9.615   12.174  -28.573 1.00 19.27 ? 16  CYS B N   1 
ATOM   1065 C  CA  . CYS B 2 16  ? 11.001  12.106  -28.150 1.00 19.38 ? 16  CYS B CA  1 
ATOM   1066 C  C   . CYS B 2 16  ? 11.459  10.680  -28.297 1.00 18.90 ? 16  CYS B C   1 
ATOM   1067 O  O   . CYS B 2 16  ? 12.541  10.347  -27.894 1.00 20.98 ? 16  CYS B O   1 
ATOM   1068 C  CB  . CYS B 2 16  ? 11.171  12.550  -26.700 1.00 20.08 ? 16  CYS B CB  1 
ATOM   1069 S  SG  . CYS B 2 16  ? 10.587  14.242  -26.366 1.00 24.98 ? 16  CYS B SG  1 
ATOM   1070 N  N   . GLN B 2 17  ? 10.651  9.835   -28.912 1.00 19.86 ? 17  GLN B N   1 
ATOM   1071 C  CA  . GLN B 2 17  ? 11.005  8.432   -29.088 1.00 19.98 ? 17  GLN B CA  1 
ATOM   1072 C  C   . GLN B 2 17  ? 9.952   7.829   -29.999 1.00 18.41 ? 17  GLN B C   1 
ATOM   1073 O  O   . GLN B 2 17  ? 9.069   8.542   -30.464 1.00 17.72 ? 17  GLN B O   1 
ATOM   1074 C  CB  . GLN B 2 17  ? 10.901  7.757   -27.743 1.00 23.86 ? 17  GLN B CB  1 
ATOM   1075 C  CG  . GLN B 2 17  ? 12.037  6.897   -27.359 1.00 31.44 ? 17  GLN B CG  1 
ATOM   1076 C  CD  . GLN B 2 17  ? 11.720  6.171   -26.080 1.00 36.44 ? 17  GLN B CD  1 
ATOM   1077 O  OE1 . GLN B 2 17  ? 11.900  4.953   -25.981 1.00 41.83 ? 17  GLN B OE1 1 
ATOM   1078 N  NE2 . GLN B 2 17  ? 11.195  6.900   -25.103 1.00 35.89 ? 17  GLN B NE2 1 
ATOM   1079 N  N   . THR B 2 18  ? 10.042  6.530   -30.267 1.00 18.26 ? 18  THR B N   1 
ATOM   1080 C  CA  . THR B 2 18  ? 9.035   5.885   -31.107 1.00 19.64 ? 18  THR B CA  1 
ATOM   1081 C  C   . THR B 2 18  ? 7.835   5.870   -30.187 1.00 20.44 ? 18  THR B C   1 
ATOM   1082 O  O   . THR B 2 18  ? 7.995   5.757   -28.969 1.00 21.09 ? 18  THR B O   1 
ATOM   1083 C  CB  . THR B 2 18  ? 9.394   4.439   -31.491 1.00 19.63 ? 18  THR B CB  1 
ATOM   1084 O  OG1 . THR B 2 18  ? 9.988   3.793   -30.373 1.00 21.07 ? 18  THR B OG1 1 
ATOM   1085 C  CG2 . THR B 2 18  ? 10.361  4.403   -32.662 1.00 21.39 ? 18  THR B CG2 1 
ATOM   1086 N  N   . VAL B 2 19  ? 6.654   6.039   -30.768 1.00 21.14 ? 19  VAL B N   1 
ATOM   1087 C  CA  . VAL B 2 19  ? 5.411   6.104   -30.035 1.00 21.80 ? 19  VAL B CA  1 
ATOM   1088 C  C   . VAL B 2 19  ? 4.976   4.785   -29.452 1.00 23.71 ? 19  VAL B C   1 
ATOM   1089 O  O   . VAL B 2 19  ? 5.202   3.729   -30.042 1.00 25.20 ? 19  VAL B O   1 
ATOM   1090 C  CB  . VAL B 2 19  ? 4.317   6.652   -30.933 1.00 22.24 ? 19  VAL B CB  1 
ATOM   1091 C  CG1 . VAL B 2 19  ? 2.944   6.525   -30.268 1.00 22.90 ? 19  VAL B CG1 1 
ATOM   1092 C  CG2 . VAL B 2 19  ? 4.633   8.106   -31.260 1.00 21.22 ? 19  VAL B CG2 1 
ATOM   1093 N  N   . VAL B 2 20  ? 4.345   4.861   -28.286 1.00 24.55 ? 20  VAL B N   1 
ATOM   1094 C  CA  . VAL B 2 20  ? 3.843   3.688   -27.591 1.00 24.03 ? 20  VAL B CA  1 
ATOM   1095 C  C   . VAL B 2 20  ? 2.423   4.005   -27.089 1.00 23.31 ? 20  VAL B C   1 
ATOM   1096 O  O   . VAL B 2 20  ? 2.022   5.172   -26.993 1.00 23.61 ? 20  VAL B O   1 
ATOM   1097 C  CB  . VAL B 2 20  ? 4.790   3.310   -26.416 1.00 24.26 ? 20  VAL B CB  1 
ATOM   1098 C  CG1 . VAL B 2 20  ? 4.647   4.304   -25.274 1.00 23.45 ? 20  VAL B CG1 1 
ATOM   1099 C  CG2 . VAL B 2 20  ? 4.526   1.891   -25.956 1.00 24.91 ? 20  VAL B CG2 1 
ATOM   1100 N  N   . ARG B 2 21  ? 1.629   2.975   -26.863 1.00 23.29 ? 21  ARG B N   1 
ATOM   1101 C  CA  . ARG B 2 21  ? 0.270   3.178   -26.374 1.00 24.52 ? 21  ARG B CA  1 
ATOM   1102 C  C   . ARG B 2 21  ? 0.233   3.228   -24.840 1.00 22.07 ? 21  ARG B C   1 
ATOM   1103 O  O   . ARG B 2 21  ? 0.719   2.318   -24.156 1.00 21.19 ? 21  ARG B O   1 
ATOM   1104 C  CB  . ARG B 2 21  ? -0.636  2.067   -26.877 1.00 29.17 ? 21  ARG B CB  1 
ATOM   1105 C  CG  . ARG B 2 21  ? -0.539  1.883   -28.389 1.00 38.72 ? 21  ARG B CG  1 
ATOM   1106 C  CD  . ARG B 2 21  ? -0.128  0.452   -28.727 1.00 44.19 ? 21  ARG B CD  1 
ATOM   1107 N  NE  . ARG B 2 21  ? 1.166   0.119   -28.140 1.00 48.72 ? 21  ARG B NE  1 
ATOM   1108 C  CZ  . ARG B 2 21  ? 2.285   0.001   -28.845 1.00 51.70 ? 21  ARG B CZ  1 
ATOM   1109 N  NH1 . ARG B 2 21  ? 2.263   0.188   -30.166 1.00 53.22 ? 21  ARG B NH1 1 
ATOM   1110 N  NH2 . ARG B 2 21  ? 3.419   -0.318  -28.231 1.00 52.62 ? 21  ARG B NH2 1 
ATOM   1111 N  N   . ALA B 2 22  ? -0.291  4.318   -24.306 1.00 17.78 ? 22  ALA B N   1 
ATOM   1112 C  CA  . ALA B 2 22  ? -0.379  4.452   -22.883 1.00 16.07 ? 22  ALA B CA  1 
ATOM   1113 C  C   . ALA B 2 22  ? -1.749  5.084   -22.559 1.00 16.02 ? 22  ALA B C   1 
ATOM   1114 O  O   . ALA B 2 22  ? -2.543  5.361   -23.460 1.00 15.67 ? 22  ALA B O   1 
ATOM   1115 C  CB  . ALA B 2 22  ? 0.800   5.288   -22.354 1.00 11.73 ? 22  ALA B CB  1 
ATOM   1116 N  N   . PHE B 2 23  ? -2.079  5.187   -21.278 1.00 16.03 ? 23  PHE B N   1 
ATOM   1117 C  CA  . PHE B 2 23  ? -3.349  5.774   -20.896 1.00 15.15 ? 23  PHE B CA  1 
ATOM   1118 C  C   . PHE B 2 23  ? -3.024  6.925   -20.026 1.00 15.83 ? 23  PHE B C   1 
ATOM   1119 O  O   . PHE B 2 23  ? -1.964  6.957   -19.391 1.00 16.48 ? 23  PHE B O   1 
ATOM   1120 C  CB  . PHE B 2 23  ? -4.225  4.806   -20.126 1.00 13.80 ? 23  PHE B CB  1 
ATOM   1121 C  CG  . PHE B 2 23  ? -4.381  3.476   -20.796 1.00 13.11 ? 23  PHE B CG  1 
ATOM   1122 C  CD1 . PHE B 2 23  ? -3.307  2.621   -20.922 1.00 10.79 ? 23  PHE B CD1 1 
ATOM   1123 C  CD2 . PHE B 2 23  ? -5.588  3.090   -21.302 1.00 12.18 ? 23  PHE B CD2 1 
ATOM   1124 C  CE1 . PHE B 2 23  ? -3.447  1.410   -21.546 1.00 11.81 ? 23  PHE B CE1 1 
ATOM   1125 C  CE2 . PHE B 2 23  ? -5.720  1.884   -21.920 1.00 11.63 ? 23  PHE B CE2 1 
ATOM   1126 C  CZ  . PHE B 2 23  ? -4.643  1.040   -22.043 1.00 11.28 ? 23  PHE B CZ  1 
ATOM   1127 N  N   . TYR B 2 24  ? -3.910  7.904   -20.073 1.00 16.36 ? 24  TYR B N   1 
ATOM   1128 C  CA  . TYR B 2 24  ? -3.779  9.105   -19.306 1.00 15.91 ? 24  TYR B CA  1 
ATOM   1129 C  C   . TYR B 2 24  ? -5.139  9.342   -18.705 1.00 16.96 ? 24  TYR B C   1 
ATOM   1130 O  O   . TYR B 2 24  ? -6.131  8.789   -19.188 1.00 17.37 ? 24  TYR B O   1 
ATOM   1131 C  CB  . TYR B 2 24  ? -3.429  10.241  -20.235 1.00 14.27 ? 24  TYR B CB  1 
ATOM   1132 C  CG  . TYR B 2 24  ? -4.534  10.670  -21.155 1.00 13.30 ? 24  TYR B CG  1 
ATOM   1133 C  CD1 . TYR B 2 24  ? -4.795  10.000  -22.343 1.00 14.47 ? 24  TYR B CD1 1 
ATOM   1134 C  CD2 . TYR B 2 24  ? -5.229  11.829  -20.901 1.00 15.20 ? 24  TYR B CD2 1 
ATOM   1135 C  CE1 . TYR B 2 24  ? -5.712  10.511  -23.250 1.00 14.08 ? 24  TYR B CE1 1 
ATOM   1136 C  CE2 . TYR B 2 24  ? -6.131  12.335  -21.779 1.00 15.25 ? 24  TYR B CE2 1 
ATOM   1137 C  CZ  . TYR B 2 24  ? -6.369  11.691  -22.952 1.00 14.40 ? 24  TYR B CZ  1 
ATOM   1138 O  OH  . TYR B 2 24  ? -7.215  12.321  -23.839 1.00 18.58 ? 24  TYR B OH  1 
ATOM   1139 N  N   . TYR B 2 25  ? -5.212  10.167  -17.673 1.00 17.81 ? 25  TYR B N   1 
ATOM   1140 C  CA  . TYR B 2 25  ? -6.496  10.423  -17.058 1.00 20.17 ? 25  TYR B CA  1 
ATOM   1141 C  C   . TYR B 2 25  ? -7.159  11.646  -17.661 1.00 21.60 ? 25  TYR B C   1 
ATOM   1142 O  O   . TYR B 2 25  ? -6.513  12.677  -17.866 1.00 21.45 ? 25  TYR B O   1 
ATOM   1143 C  CB  . TYR B 2 25  ? -6.349  10.589  -15.536 1.00 19.78 ? 25  TYR B CB  1 
ATOM   1144 C  CG  . TYR B 2 25  ? -7.664  10.783  -14.819 1.00 18.30 ? 25  TYR B CG  1 
ATOM   1145 C  CD1 . TYR B 2 25  ? -8.597  9.754   -14.740 1.00 17.03 ? 25  TYR B CD1 1 
ATOM   1146 C  CD2 . TYR B 2 25  ? -7.989  12.010  -14.257 1.00 17.62 ? 25  TYR B CD2 1 
ATOM   1147 C  CE1 . TYR B 2 25  ? -9.829  9.945   -14.119 1.00 16.72 ? 25  TYR B CE1 1 
ATOM   1148 C  CE2 . TYR B 2 25  ? -9.204  12.204  -13.643 1.00 16.84 ? 25  TYR B CE2 1 
ATOM   1149 C  CZ  . TYR B 2 25  ? -10.114 11.174  -13.576 1.00 17.56 ? 25  TYR B CZ  1 
ATOM   1150 O  OH  . TYR B 2 25  ? -11.304 11.388  -12.928 1.00 19.98 ? 25  TYR B OH  1 
ATOM   1151 N  N   . LYS B 2 26  ? -8.435  11.511  -18.000 1.00 23.48 ? 26  LYS B N   1 
ATOM   1152 C  CA  . LYS B 2 26  ? -9.170  12.631  -18.531 1.00 26.74 ? 26  LYS B CA  1 
ATOM   1153 C  C   . LYS B 2 26  ? -10.161 13.113  -17.453 1.00 29.64 ? 26  LYS B C   1 
ATOM   1154 O  O   . LYS B 2 26  ? -11.130 12.414  -17.120 1.00 30.94 ? 26  LYS B O   1 
ATOM   1155 C  CB  . LYS B 2 26  ? -9.911  12.259  -19.813 1.00 25.65 ? 26  LYS B CB  1 
ATOM   1156 C  CG  . LYS B 2 26  ? -10.183 13.487  -20.647 1.00 28.72 ? 26  LYS B CG  1 
ATOM   1157 C  CD  . LYS B 2 26  ? -11.159 13.295  -21.795 1.00 32.28 ? 26  LYS B CD  1 
ATOM   1158 C  CE  . LYS B 2 26  ? -10.983 14.425  -22.835 1.00 32.82 ? 26  LYS B CE  1 
ATOM   1159 N  NZ  . LYS B 2 26  ? -9.637  14.355  -23.545 1.00 35.47 ? 26  LYS B NZ  1 
ATOM   1160 N  N   . PRO B 2 27  ? -9.893  14.278  -16.841 1.00 31.60 ? 27  PRO B N   1 
ATOM   1161 C  CA  . PRO B 2 27  ? -10.793 14.801  -15.809 1.00 33.38 ? 27  PRO B CA  1 
ATOM   1162 C  C   . PRO B 2 27  ? -12.234 14.987  -16.270 1.00 34.81 ? 27  PRO B C   1 
ATOM   1163 O  O   . PRO B 2 27  ? -13.155 14.596  -15.573 1.00 36.01 ? 27  PRO B O   1 
ATOM   1164 C  CB  . PRO B 2 27  ? -10.137 16.120  -15.404 1.00 33.30 ? 27  PRO B CB  1 
ATOM   1165 C  CG  . PRO B 2 27  ? -9.195  16.445  -16.523 1.00 32.89 ? 27  PRO B CG  1 
ATOM   1166 C  CD  . PRO B 2 27  ? -8.683  15.111  -16.948 1.00 32.84 ? 27  PRO B CD  1 
ATOM   1167 N  N   . SER B 2 28  ? -12.432 15.479  -17.484 1.00 36.50 ? 28  SER B N   1 
ATOM   1168 C  CA  . SER B 2 28  ? -13.771 15.699  -18.025 1.00 38.46 ? 28  SER B CA  1 
ATOM   1169 C  C   . SER B 2 28  ? -14.465 14.417  -18.479 1.00 40.69 ? 28  SER B C   1 
ATOM   1170 O  O   . SER B 2 28  ? -15.323 14.453  -19.368 1.00 40.96 ? 28  SER B O   1 
ATOM   1171 C  CB  . SER B 2 28  ? -13.678 16.635  -19.218 1.00 38.98 ? 28  SER B CB  1 
ATOM   1172 O  OG  . SER B 2 28  ? -12.449 17.341  -19.181 1.00 42.03 ? 28  SER B OG  1 
ATOM   1173 N  N   . ALA B 2 29  ? -14.088 13.282  -17.901 1.00 42.83 ? 29  ALA B N   1 
ATOM   1174 C  CA  . ALA B 2 29  ? -14.684 12.005  -18.285 1.00 44.55 ? 29  ALA B CA  1 
ATOM   1175 C  C   . ALA B 2 29  ? -14.516 10.966  -17.200 1.00 45.87 ? 29  ALA B C   1 
ATOM   1176 O  O   . ALA B 2 29  ? -14.944 9.825   -17.361 1.00 45.69 ? 29  ALA B O   1 
ATOM   1177 C  CB  . ALA B 2 29  ? -14.063 11.499  -19.592 1.00 44.43 ? 29  ALA B CB  1 
ATOM   1178 N  N   . LYS B 2 30  ? -13.868 11.373  -16.111 1.00 47.75 ? 30  LYS B N   1 
ATOM   1179 C  CA  . LYS B 2 30  ? -13.608 10.512  -14.962 1.00 48.94 ? 30  LYS B CA  1 
ATOM   1180 C  C   . LYS B 2 30  ? -13.180 9.116   -15.413 1.00 47.81 ? 30  LYS B C   1 
ATOM   1181 O  O   . LYS B 2 30  ? -13.570 8.103   -14.821 1.00 49.49 ? 30  LYS B O   1 
ATOM   1182 C  CB  . LYS B 2 30  ? -14.848 10.442  -14.046 1.00 51.61 ? 30  LYS B CB  1 
ATOM   1183 C  CG  . LYS B 2 30  ? -15.422 11.810  -13.648 1.00 54.46 ? 30  LYS B CG  1 
ATOM   1184 C  CD  . LYS B 2 30  ? -14.487 12.632  -12.752 1.00 57.80 ? 30  LYS B CD  1 
ATOM   1185 C  CE  . LYS B 2 30  ? -14.726 12.385  -11.255 1.00 59.52 ? 30  LYS B CE  1 
ATOM   1186 N  NZ  . LYS B 2 30  ? -14.419 10.989  -10.796 1.00 60.00 ? 30  LYS B NZ  1 
ATOM   1187 N  N   . ARG B 2 31  ? -12.351 9.074   -16.445 1.00 44.86 ? 31  ARG B N   1 
ATOM   1188 C  CA  . ARG B 2 31  ? -11.865 7.821   -16.998 1.00 42.78 ? 31  ARG B CA  1 
ATOM   1189 C  C   . ARG B 2 31  ? -10.422 7.987   -17.460 1.00 40.78 ? 31  ARG B C   1 
ATOM   1190 O  O   . ARG B 2 31  ? -9.915  9.112   -17.631 1.00 41.55 ? 31  ARG B O   1 
ATOM   1191 C  CB  . ARG B 2 31  ? -12.654 7.465   -18.255 1.00 45.37 ? 31  ARG B CB  1 
ATOM   1192 C  CG  . ARG B 2 31  ? -13.910 6.686   -18.087 1.00 50.39 ? 31  ARG B CG  1 
ATOM   1193 C  CD  . ARG B 2 31  ? -14.506 6.399   -19.467 1.00 54.55 ? 31  ARG B CD  1 
ATOM   1194 N  NE  . ARG B 2 31  ? -14.959 7.620   -20.137 1.00 58.84 ? 31  ARG B NE  1 
ATOM   1195 C  CZ  . ARG B 2 31  ? -16.011 8.350   -19.755 1.00 61.07 ? 31  ARG B CZ  1 
ATOM   1196 N  NH1 . ARG B 2 31  ? -16.742 7.990   -18.707 1.00 61.91 ? 31  ARG B NH1 1 
ATOM   1197 N  NH2 . ARG B 2 31  ? -16.307 9.473   -20.395 1.00 62.27 ? 31  ARG B NH2 1 
ATOM   1198 N  N   . CYS B 2 32  ? -9.769  6.857   -17.682 1.00 37.07 ? 32  CYS B N   1 
ATOM   1199 C  CA  . CYS B 2 32  ? -8.431  6.852   -18.227 1.00 33.08 ? 32  CYS B CA  1 
ATOM   1200 C  C   . CYS B 2 32  ? -8.701  6.508   -19.678 1.00 32.92 ? 32  CYS B C   1 
ATOM   1201 O  O   . CYS B 2 32  ? -9.597  5.720   -19.964 1.00 33.49 ? 32  CYS B O   1 
ATOM   1202 C  CB  . CYS B 2 32  ? -7.635  5.738   -17.602 1.00 28.58 ? 32  CYS B CB  1 
ATOM   1203 S  SG  . CYS B 2 32  ? -7.226  6.153   -15.908 1.00 22.68 ? 32  CYS B SG  1 
ATOM   1204 N  N   . VAL B 2 33  ? -8.025  7.147   -20.612 1.00 32.73 ? 33  VAL B N   1 
ATOM   1205 C  CA  . VAL B 2 33  ? -8.273  6.779   -21.998 1.00 31.89 ? 33  VAL B CA  1 
ATOM   1206 C  C   . VAL B 2 33  ? -6.950  6.518   -22.680 1.00 31.72 ? 33  VAL B C   1 
ATOM   1207 O  O   . VAL B 2 33  ? -5.913  6.971   -22.180 1.00 32.60 ? 33  VAL B O   1 
ATOM   1208 C  CB  . VAL B 2 33  ? -9.122  7.836   -22.750 1.00 30.76 ? 33  VAL B CB  1 
ATOM   1209 C  CG1 . VAL B 2 33  ? -10.533 7.836   -22.223 1.00 28.72 ? 33  VAL B CG1 1 
ATOM   1210 C  CG2 . VAL B 2 33  ? -8.543  9.203   -22.584 1.00 30.78 ? 33  VAL B CG2 1 
ATOM   1211 N  N   . GLN B 2 34  ? -6.969  5.715   -23.746 1.00 31.60 ? 34  GLN B N   1 
ATOM   1212 C  CA  . GLN B 2 34  ? -5.752  5.403   -24.505 1.00 31.97 ? 34  GLN B CA  1 
ATOM   1213 C  C   . GLN B 2 34  ? -5.291  6.569   -25.402 1.00 29.27 ? 34  GLN B C   1 
ATOM   1214 O  O   . GLN B 2 34  ? -6.124  7.279   -25.980 1.00 29.11 ? 34  GLN B O   1 
ATOM   1215 C  CB  . GLN B 2 34  ? -5.970  4.161   -25.365 1.00 35.98 ? 34  GLN B CB  1 
ATOM   1216 C  CG  . GLN B 2 34  ? -4.693  3.630   -26.059 1.00 42.55 ? 34  GLN B CG  1 
ATOM   1217 C  CD  . GLN B 2 34  ? -4.908  2.272   -26.766 1.00 46.23 ? 34  GLN B CD  1 
ATOM   1218 O  OE1 . GLN B 2 34  ? -3.953  1.660   -27.280 1.00 44.57 ? 34  GLN B OE1 1 
ATOM   1219 N  NE2 . GLN B 2 34  ? -6.166  1.804   -26.798 1.00 49.13 ? 34  GLN B NE2 1 
ATOM   1220 N  N   . PHE B 2 35  ? -3.973  6.782   -25.483 1.00 26.23 ? 35  PHE B N   1 
ATOM   1221 C  CA  . PHE B 2 35  ? -3.402  7.842   -26.321 1.00 22.59 ? 35  PHE B CA  1 
ATOM   1222 C  C   . PHE B 2 35  ? -2.019  7.455   -26.851 1.00 23.08 ? 35  PHE B C   1 
ATOM   1223 O  O   . PHE B 2 35  ? -1.442  6.445   -26.424 1.00 22.74 ? 35  PHE B O   1 
ATOM   1224 C  CB  . PHE B 2 35  ? -3.362  9.196   -25.595 1.00 18.88 ? 35  PHE B CB  1 
ATOM   1225 C  CG  . PHE B 2 35  ? -2.199  9.377   -24.658 1.00 14.84 ? 35  PHE B CG  1 
ATOM   1226 C  CD1 . PHE B 2 35  ? -2.012  8.544   -23.576 1.00 15.10 ? 35  PHE B CD1 1 
ATOM   1227 C  CD2 . PHE B 2 35  ? -1.316  10.419  -24.835 1.00 13.92 ? 35  PHE B CD2 1 
ATOM   1228 C  CE1 . PHE B 2 35  ? -0.951  8.760   -22.677 1.00 14.16 ? 35  PHE B CE1 1 
ATOM   1229 C  CE2 . PHE B 2 35  ? -0.258  10.631  -23.935 1.00 11.47 ? 35  PHE B CE2 1 
ATOM   1230 C  CZ  . PHE B 2 35  ? -0.081  9.803   -22.863 1.00 10.02 ? 35  PHE B CZ  1 
ATOM   1231 N  N   . ARG B 2 36  ? -1.521  8.210   -27.834 1.00 22.24 ? 36  ARG B N   1 
ATOM   1232 C  CA  . ARG B 2 36  ? -0.214  7.932   -28.416 1.00 21.11 ? 36  ARG B CA  1 
ATOM   1233 C  C   . ARG B 2 36  ? 0.828   8.663   -27.579 1.00 20.50 ? 36  ARG B C   1 
ATOM   1234 O  O   . ARG B 2 36  ? 0.948   9.880   -27.671 1.00 21.07 ? 36  ARG B O   1 
ATOM   1235 C  CB  . ARG B 2 36  ? -0.167  8.412   -29.878 1.00 20.59 ? 36  ARG B CB  1 
ATOM   1236 C  CG  . ARG B 2 36  ? -1.091  7.665   -30.854 1.00 18.59 ? 36  ARG B CG  1 
ATOM   1237 C  CD  . ARG B 2 36  ? -0.890  8.124   -32.317 1.00 18.45 ? 36  ARG B CD  1 
ATOM   1238 N  NE  . ARG B 2 36  ? -0.056  7.178   -33.072 1.00 22.60 ? 36  ARG B NE  1 
ATOM   1239 C  CZ  . ARG B 2 36  ? 1.086   7.495   -33.689 1.00 24.45 ? 36  ARG B CZ  1 
ATOM   1240 N  NH1 . ARG B 2 36  ? 1.549   8.738   -33.675 1.00 27.70 ? 36  ARG B NH1 1 
ATOM   1241 N  NH2 . ARG B 2 36  ? 1.830   6.546   -34.232 1.00 26.99 ? 36  ARG B NH2 1 
ATOM   1242 N  N   . TYR B 2 37  ? 1.512   7.944   -26.698 1.00 20.37 ? 37  TYR B N   1 
ATOM   1243 C  CA  . TYR B 2 37  ? 2.545   8.547   -25.832 1.00 20.43 ? 37  TYR B CA  1 
ATOM   1244 C  C   . TYR B 2 37  ? 3.904   8.548   -26.558 1.00 20.92 ? 37  TYR B C   1 
ATOM   1245 O  O   . TYR B 2 37  ? 4.349   7.496   -27.046 1.00 21.78 ? 37  TYR B O   1 
ATOM   1246 C  CB  . TYR B 2 37  ? 2.670   7.768   -24.509 1.00 18.62 ? 37  TYR B CB  1 
ATOM   1247 C  CG  . TYR B 2 37  ? 3.709   8.340   -23.578 1.00 16.77 ? 37  TYR B CG  1 
ATOM   1248 C  CD1 . TYR B 2 37  ? 3.622   9.665   -23.147 1.00 16.55 ? 37  TYR B CD1 1 
ATOM   1249 C  CD2 . TYR B 2 37  ? 4.800   7.586   -23.160 1.00 16.91 ? 37  TYR B CD2 1 
ATOM   1250 C  CE1 . TYR B 2 37  ? 4.591   10.229  -22.341 1.00 14.92 ? 37  TYR B CE1 1 
ATOM   1251 C  CE2 . TYR B 2 37  ? 5.786   8.146   -22.336 1.00 13.98 ? 37  TYR B CE2 1 
ATOM   1252 C  CZ  . TYR B 2 37  ? 5.666   9.469   -21.944 1.00 15.04 ? 37  TYR B CZ  1 
ATOM   1253 O  OH  . TYR B 2 37  ? 6.640   10.071  -21.194 1.00 17.07 ? 37  TYR B OH  1 
ATOM   1254 N  N   . GLY B 2 38  ? 4.581   9.697   -26.577 1.00 20.73 ? 38  GLY B N   1 
ATOM   1255 C  CA  . GLY B 2 38  ? 5.851   9.807   -27.263 1.00 19.78 ? 38  GLY B CA  1 
ATOM   1256 C  C   . GLY B 2 38  ? 7.120   9.762   -26.441 1.00 21.60 ? 38  GLY B C   1 
ATOM   1257 O  O   . GLY B 2 38  ? 8.195   9.996   -26.981 1.00 23.14 ? 38  GLY B O   1 
ATOM   1258 N  N   . GLY B 2 39  ? 7.030   9.503   -25.143 1.00 21.88 ? 39  GLY B N   1 
ATOM   1259 C  CA  . GLY B 2 39  ? 8.240   9.427   -24.329 1.00 22.57 ? 39  GLY B CA  1 
ATOM   1260 C  C   . GLY B 2 39  ? 8.978   10.696  -23.893 1.00 22.86 ? 39  GLY B C   1 
ATOM   1261 O  O   . GLY B 2 39  ? 10.124  10.617  -23.435 1.00 21.63 ? 39  GLY B O   1 
ATOM   1262 N  N   . CYS B 2 40  ? 8.332   11.855  -23.991 1.00 23.01 ? 40  CYS B N   1 
ATOM   1263 C  CA  . CYS B 2 40  ? 8.951   13.124  -23.605 1.00 23.22 ? 40  CYS B CA  1 
ATOM   1264 C  C   . CYS B 2 40  ? 8.802   13.441  -22.127 1.00 24.46 ? 40  CYS B C   1 
ATOM   1265 O  O   . CYS B 2 40  ? 9.395   14.405  -21.627 1.00 24.42 ? 40  CYS B O   1 
ATOM   1266 C  CB  . CYS B 2 40  ? 8.342   14.254  -24.412 1.00 22.40 ? 40  CYS B CB  1 
ATOM   1267 S  SG  . CYS B 2 40  ? 8.586   14.009  -26.189 1.00 24.85 ? 40  CYS B SG  1 
ATOM   1268 N  N   . ASN B 2 41  ? 7.948   12.675  -21.456 1.00 24.28 ? 41  ASN B N   1 
ATOM   1269 C  CA  . ASN B 2 41  ? 7.694   12.820  -20.027 1.00 26.15 ? 41  ASN B CA  1 
ATOM   1270 C  C   . ASN B 2 41  ? 7.556   14.253  -19.485 1.00 26.15 ? 41  ASN B C   1 
ATOM   1271 O  O   . ASN B 2 41  ? 8.119   14.586  -18.434 1.00 27.21 ? 41  ASN B O   1 
ATOM   1272 C  CB  . ASN B 2 41  ? 8.771   12.080  -19.242 1.00 27.29 ? 41  ASN B CB  1 
ATOM   1273 C  CG  . ASN B 2 41  ? 8.354   11.808  -17.839 1.00 29.52 ? 41  ASN B CG  1 
ATOM   1274 O  OD1 . ASN B 2 41  ? 7.264   11.299  -17.610 1.00 32.22 ? 41  ASN B OD1 1 
ATOM   1275 N  ND2 . ASN B 2 41  ? 9.198   12.161  -16.879 1.00 30.05 ? 41  ASN B ND2 1 
ATOM   1276 N  N   . GLY B 2 42  ? 6.816   15.096  -20.198 1.00 24.84 ? 42  GLY B N   1 
ATOM   1277 C  CA  . GLY B 2 42  ? 6.622   16.470  -19.772 1.00 22.95 ? 42  GLY B CA  1 
ATOM   1278 C  C   . GLY B 2 42  ? 5.819   16.513  -18.495 1.00 23.00 ? 42  GLY B C   1 
ATOM   1279 O  O   . GLY B 2 42  ? 5.728   17.558  -17.850 1.00 23.47 ? 42  GLY B O   1 
ATOM   1280 N  N   . ASN B 2 43  ? 5.199   15.383  -18.153 1.00 21.72 ? 43  ASN B N   1 
ATOM   1281 C  CA  . ASN B 2 43  ? 4.401   15.242  -16.950 1.00 20.07 ? 43  ASN B CA  1 
ATOM   1282 C  C   . ASN B 2 43  ? 4.152   13.763  -16.841 1.00 20.73 ? 43  ASN B C   1 
ATOM   1283 O  O   . ASN B 2 43  ? 4.266   13.071  -17.851 1.00 22.85 ? 43  ASN B O   1 
ATOM   1284 C  CB  . ASN B 2 43  ? 3.087   16.046  -17.020 1.00 18.86 ? 43  ASN B CB  1 
ATOM   1285 C  CG  . ASN B 2 43  ? 2.037   15.449  -17.956 1.00 18.48 ? 43  ASN B CG  1 
ATOM   1286 O  OD1 . ASN B 2 43  ? 1.992   14.250  -18.206 1.00 16.89 ? 43  ASN B OD1 1 
ATOM   1287 N  ND2 . ASN B 2 43  ? 1.147   16.300  -18.438 1.00 17.00 ? 43  ASN B ND2 1 
ATOM   1288 N  N   . GLY B 2 44  ? 3.725   13.290  -15.671 1.00 18.93 ? 44  GLY B N   1 
ATOM   1289 C  CA  . GLY B 2 44  ? 3.505   11.871  -15.485 1.00 18.04 ? 44  GLY B CA  1 
ATOM   1290 C  C   . GLY B 2 44  ? 2.121   11.312  -15.720 1.00 18.36 ? 44  GLY B C   1 
ATOM   1291 O  O   . GLY B 2 44  ? 1.827   10.216  -15.237 1.00 19.41 ? 44  GLY B O   1 
ATOM   1292 N  N   . ASN B 2 45  ? 1.263   12.034  -16.436 1.00 17.21 ? 45  ASN B N   1 
ATOM   1293 C  CA  . ASN B 2 45  ? -0.090  11.556  -16.719 1.00 16.00 ? 45  ASN B CA  1 
ATOM   1294 C  C   . ASN B 2 45  ? 0.041   10.682  -17.954 1.00 16.63 ? 45  ASN B C   1 
ATOM   1295 O  O   . ASN B 2 45  ? -0.152  11.135  -19.096 1.00 17.30 ? 45  ASN B O   1 
ATOM   1296 C  CB  . ASN B 2 45  ? -1.057  12.728  -16.983 1.00 15.53 ? 45  ASN B CB  1 
ATOM   1297 C  CG  . ASN B 2 45  ? -2.515  12.290  -17.058 1.00 17.13 ? 45  ASN B CG  1 
ATOM   1298 O  OD1 . ASN B 2 45  ? -2.818  11.100  -16.979 1.00 20.69 ? 45  ASN B OD1 1 
ATOM   1299 N  ND2 . ASN B 2 45  ? -3.423  13.239  -17.215 1.00 14.78 ? 45  ASN B ND2 1 
ATOM   1300 N  N   . HIS B 2 46  ? 0.577   9.490   -17.724 1.00 17.19 ? 46  HIS B N   1 
ATOM   1301 C  CA  . HIS B 2 46  ? 0.777   8.477   -18.757 1.00 16.71 ? 46  HIS B CA  1 
ATOM   1302 C  C   . HIS B 2 46  ? 1.147   7.187   -18.036 1.00 17.35 ? 46  HIS B C   1 
ATOM   1303 O  O   . HIS B 2 46  ? 2.159   7.115   -17.331 1.00 18.42 ? 46  HIS B O   1 
ATOM   1304 C  CB  . HIS B 2 46  ? 1.856   8.894   -19.777 1.00 13.41 ? 46  HIS B CB  1 
ATOM   1305 C  CG  . HIS B 2 46  ? 3.217   9.117   -19.186 1.00 12.02 ? 46  HIS B CG  1 
ATOM   1306 N  ND1 . HIS B 2 46  ? 4.108   8.110   -18.886 1.00 11.11 ? 46  HIS B ND1 1 
ATOM   1307 C  CD2 . HIS B 2 46  ? 3.859   10.274  -18.878 1.00 10.74 ? 46  HIS B CD2 1 
ATOM   1308 C  CE1 . HIS B 2 46  ? 5.229   8.673   -18.422 1.00 9.97  ? 46  HIS B CE1 1 
ATOM   1309 N  NE2 . HIS B 2 46  ? 5.124   9.989   -18.400 1.00 10.56 ? 46  HIS B NE2 1 
ATOM   1310 N  N   . PHE B 2 47  ? 0.337   6.156   -18.195 1.00 17.02 ? 47  PHE B N   1 
ATOM   1311 C  CA  . PHE B 2 47  ? 0.631   4.917   -17.493 1.00 18.94 ? 47  PHE B CA  1 
ATOM   1312 C  C   . PHE B 2 47  ? 0.545   3.721   -18.442 1.00 18.79 ? 47  PHE B C   1 
ATOM   1313 O  O   . PHE B 2 47  ? -0.258  3.734   -19.367 1.00 19.24 ? 47  PHE B O   1 
ATOM   1314 C  CB  . PHE B 2 47  ? -0.339  4.767   -16.281 1.00 20.53 ? 47  PHE B CB  1 
ATOM   1315 C  CG  . PHE B 2 47  ? -0.580  6.059   -15.520 1.00 19.47 ? 47  PHE B CG  1 
ATOM   1316 C  CD1 . PHE B 2 47  ? -1.507  6.987   -15.975 1.00 20.18 ? 47  PHE B CD1 1 
ATOM   1317 C  CD2 . PHE B 2 47  ? 0.175   6.380   -14.414 1.00 20.65 ? 47  PHE B CD2 1 
ATOM   1318 C  CE1 . PHE B 2 47  ? -1.676  8.225   -15.344 1.00 20.04 ? 47  PHE B CE1 1 
ATOM   1319 C  CE2 . PHE B 2 47  ? 0.013   7.628   -13.771 1.00 22.24 ? 47  PHE B CE2 1 
ATOM   1320 C  CZ  . PHE B 2 47  ? -0.918  8.548   -14.246 1.00 20.12 ? 47  PHE B CZ  1 
ATOM   1321 N  N   . LYS B 2 48  ? 1.354   2.691   -18.200 1.00 19.38 ? 48  LYS B N   1 
ATOM   1322 C  CA  . LYS B 2 48  ? 1.363   1.492   -19.033 1.00 21.02 ? 48  LYS B CA  1 
ATOM   1323 C  C   . LYS B 2 48  ? -0.018  0.912   -19.243 1.00 21.03 ? 48  LYS B C   1 
ATOM   1324 O  O   . LYS B 2 48  ? -0.245  0.257   -20.243 1.00 21.87 ? 48  LYS B O   1 
ATOM   1325 C  CB  . LYS B 2 48  ? 2.179   0.357   -18.417 1.00 26.22 ? 48  LYS B CB  1 
ATOM   1326 C  CG  . LYS B 2 48  ? 3.441   0.703   -17.650 1.00 32.88 ? 48  LYS B CG  1 
ATOM   1327 C  CD  . LYS B 2 48  ? 3.906   -0.541  -16.854 1.00 36.00 ? 48  LYS B CD  1 
ATOM   1328 C  CE  . LYS B 2 48  ? 5.064   -0.221  -15.894 1.00 37.44 ? 48  LYS B CE  1 
ATOM   1329 N  NZ  . LYS B 2 48  ? 4.639   0.596   -14.723 1.00 35.90 ? 48  LYS B NZ  1 
ATOM   1330 N  N   . SER B 2 49  ? -0.924  1.070   -18.286 1.00 21.11 ? 49  SER B N   1 
ATOM   1331 C  CA  . SER B 2 49  ? -2.251  0.500   -18.455 1.00 22.22 ? 49  SER B CA  1 
ATOM   1332 C  C   . SER B 2 49  ? -3.388  1.181   -17.720 1.00 22.49 ? 49  SER B C   1 
ATOM   1333 O  O   . SER B 2 49  ? -3.165  2.013   -16.846 1.00 22.99 ? 49  SER B O   1 
ATOM   1334 C  CB  . SER B 2 49  ? -2.232  -0.989  -18.109 1.00 24.37 ? 49  SER B CB  1 
ATOM   1335 O  OG  . SER B 2 49  ? -1.921  -1.210  -16.744 1.00 25.29 ? 49  SER B OG  1 
ATOM   1336 N  N   . ASP B 2 50  ? -4.608  0.847   -18.131 1.00 23.67 ? 50  ASP B N   1 
ATOM   1337 C  CA  . ASP B 2 50  ? -5.849  1.370   -17.552 1.00 25.34 ? 50  ASP B CA  1 
ATOM   1338 C  C   . ASP B 2 50  ? -5.892  1.149   -16.035 1.00 25.90 ? 50  ASP B C   1 
ATOM   1339 O  O   . ASP B 2 50  ? -6.104  2.082   -15.269 1.00 26.08 ? 50  ASP B O   1 
ATOM   1340 C  CB  . ASP B 2 50  ? -7.054  0.658   -18.200 1.00 27.30 ? 50  ASP B CB  1 
ATOM   1341 C  CG  . ASP B 2 50  ? -8.372  1.403   -17.992 1.00 30.64 ? 50  ASP B CG  1 
ATOM   1342 O  OD1 . ASP B 2 50  ? -8.354  2.635   -17.826 1.00 32.91 ? 50  ASP B OD1 1 
ATOM   1343 O  OD2 . ASP B 2 50  ? -9.445  0.766   -18.001 1.00 33.30 ? 50  ASP B OD2 1 
ATOM   1344 N  N   . HIS B 2 51  ? -5.643  -0.085  -15.612 1.00 25.88 ? 51  HIS B N   1 
ATOM   1345 C  CA  . HIS B 2 51  ? -5.654  -0.458  -14.203 1.00 26.04 ? 51  HIS B CA  1 
ATOM   1346 C  C   . HIS B 2 51  ? -4.735  0.437   -13.387 1.00 24.26 ? 51  HIS B C   1 
ATOM   1347 O  O   . HIS B 2 51  ? -5.136  0.972   -12.359 1.00 24.30 ? 51  HIS B O   1 
ATOM   1348 C  CB  . HIS B 2 51  ? -5.234  -1.923  -14.038 1.00 30.91 ? 51  HIS B CB  1 
ATOM   1349 C  CG  . HIS B 2 51  ? -5.648  -2.520  -12.733 1.00 36.71 ? 51  HIS B CG  1 
ATOM   1350 N  ND1 . HIS B 2 51  ? -4.984  -2.307  -11.543 1.00 39.88 ? 51  HIS B ND1 1 
ATOM   1351 C  CD2 . HIS B 2 51  ? -6.721  -3.295  -12.424 1.00 39.16 ? 51  HIS B CD2 1 
ATOM   1352 C  CE1 . HIS B 2 51  ? -5.662  -2.936  -10.567 1.00 41.45 ? 51  HIS B CE1 1 
ATOM   1353 N  NE2 . HIS B 2 51  ? -6.728  -3.554  -11.046 1.00 41.70 ? 51  HIS B NE2 1 
ATOM   1354 N  N   . LEU B 2 52  ? -3.497  0.569   -13.841 1.00 23.47 ? 52  LEU B N   1 
ATOM   1355 C  CA  . LEU B 2 52  ? -2.492  1.414   -13.198 1.00 23.06 ? 52  LEU B CA  1 
ATOM   1356 C  C   . LEU B 2 52  ? -2.970  2.887   -13.156 1.00 23.78 ? 52  LEU B C   1 
ATOM   1357 O  O   . LEU B 2 52  ? -2.815  3.611   -12.148 1.00 23.72 ? 52  LEU B O   1 
ATOM   1358 C  CB  . LEU B 2 52  ? -1.184  1.312   -13.993 1.00 22.58 ? 52  LEU B CB  1 
ATOM   1359 C  CG  . LEU B 2 52  ? -0.037  2.134   -13.417 1.00 23.96 ? 52  LEU B CG  1 
ATOM   1360 C  CD1 . LEU B 2 52  ? 0.325   1.577   -12.047 1.00 24.06 ? 52  LEU B CD1 1 
ATOM   1361 C  CD2 . LEU B 2 52  ? 1.171   2.169   -14.353 1.00 23.36 ? 52  LEU B CD2 1 
ATOM   1362 N  N   . CYS B 2 53  ? -3.552  3.323   -14.267 1.00 23.54 ? 53  CYS B N   1 
ATOM   1363 C  CA  . CYS B 2 53  ? -4.059  4.673   -14.388 1.00 22.74 ? 53  CYS B CA  1 
ATOM   1364 C  C   . CYS B 2 53  ? -5.240  4.932   -13.447 1.00 23.25 ? 53  CYS B C   1 
ATOM   1365 O  O   . CYS B 2 53  ? -5.266  5.974   -12.791 1.00 23.96 ? 53  CYS B O   1 
ATOM   1366 C  CB  . CYS B 2 53  ? -4.463  4.964   -15.833 1.00 21.87 ? 53  CYS B CB  1 
ATOM   1367 S  SG  . CYS B 2 53  ? -5.256  6.576   -16.027 1.00 19.90 ? 53  CYS B SG  1 
ATOM   1368 N  N   . ARG B 2 54  ? -6.200  4.011   -13.349 1.00 21.62 ? 54  ARG B N   1 
ATOM   1369 C  CA  . ARG B 2 54  ? -7.337  4.243   -12.457 1.00 22.43 ? 54  ARG B CA  1 
ATOM   1370 C  C   . ARG B 2 54  ? -6.757  4.342   -11.068 1.00 23.93 ? 54  ARG B C   1 
ATOM   1371 O  O   . ARG B 2 54  ? -6.931  5.332   -10.357 1.00 24.19 ? 54  ARG B O   1 
ATOM   1372 C  CB  . ARG B 2 54  ? -8.321  3.087   -12.483 1.00 24.54 ? 54  ARG B CB  1 
ATOM   1373 C  CG  . ARG B 2 54  ? -8.576  2.502   -13.832 1.00 29.43 ? 54  ARG B CG  1 
ATOM   1374 C  CD  . ARG B 2 54  ? -9.863  1.763   -13.832 1.00 34.40 ? 54  ARG B CD  1 
ATOM   1375 N  NE  . ARG B 2 54  ? -10.988 2.689   -13.866 1.00 40.17 ? 54  ARG B NE  1 
ATOM   1376 C  CZ  . ARG B 2 54  ? -11.556 3.121   -14.996 1.00 43.76 ? 54  ARG B CZ  1 
ATOM   1377 N  NH1 . ARG B 2 54  ? -11.090 2.704   -16.186 1.00 44.40 ? 54  ARG B NH1 1 
ATOM   1378 N  NH2 . ARG B 2 54  ? -12.589 3.972   -14.934 1.00 44.44 ? 54  ARG B NH2 1 
ATOM   1379 N  N   . CYS B 2 55  ? -5.953  3.337   -10.747 1.00 26.33 ? 55  CYS B N   1 
ATOM   1380 C  CA  . CYS B 2 55  ? -5.278  3.230   -9.468  1.00 26.20 ? 55  CYS B CA  1 
ATOM   1381 C  C   . CYS B 2 55  ? -4.676  4.543   -9.012  1.00 25.52 ? 55  CYS B C   1 
ATOM   1382 O  O   . CYS B 2 55  ? -4.840  4.937   -7.859  1.00 26.35 ? 55  CYS B O   1 
ATOM   1383 C  CB  . CYS B 2 55  ? -4.158  2.210   -9.577  1.00 26.31 ? 55  CYS B CB  1 
ATOM   1384 S  SG  . CYS B 2 55  ? -3.471  1.742   -7.971  1.00 30.23 ? 55  CYS B SG  1 
ATOM   1385 N  N   . GLU B 2 56  ? -3.986  5.212   -9.932  1.00 25.35 ? 56  GLU B N   1 
ATOM   1386 C  CA  . GLU B 2 56  ? -3.297  6.457   -9.643  1.00 26.11 ? 56  GLU B CA  1 
ATOM   1387 C  C   . GLU B 2 56  ? -4.137  7.713   -9.707  1.00 27.22 ? 56  GLU B C   1 
ATOM   1388 O  O   . GLU B 2 56  ? -3.811  8.697   -9.033  1.00 26.80 ? 56  GLU B O   1 
ATOM   1389 C  CB  . GLU B 2 56  ? -2.120  6.646   -10.613 1.00 26.41 ? 56  GLU B CB  1 
ATOM   1390 C  CG  . GLU B 2 56  ? -0.962  5.710   -10.458 1.00 27.86 ? 56  GLU B CG  1 
ATOM   1391 C  CD  . GLU B 2 56  ? 0.103   6.255   -9.542  1.00 29.32 ? 56  GLU B CD  1 
ATOM   1392 O  OE1 . GLU B 2 56  ? -0.222  6.674   -8.414  1.00 32.43 ? 56  GLU B OE1 1 
ATOM   1393 O  OE2 . GLU B 2 56  ? 1.281   6.243   -9.935  1.00 30.12 ? 56  GLU B OE2 1 
ATOM   1394 N  N   . CYS B 2 57  ? -5.215  7.675   -10.488 1.00 28.85 ? 57  CYS B N   1 
ATOM   1395 C  CA  . CYS B 2 57  ? -6.029  8.865   -10.710 1.00 29.84 ? 57  CYS B CA  1 
ATOM   1396 C  C   . CYS B 2 57  ? -7.505  8.877   -10.421 1.00 32.14 ? 57  CYS B C   1 
ATOM   1397 O  O   . CYS B 2 57  ? -8.103  9.959   -10.393 1.00 31.67 ? 57  CYS B O   1 
ATOM   1398 C  CB  . CYS B 2 57  ? -5.885  9.324   -12.160 1.00 26.71 ? 57  CYS B CB  1 
ATOM   1399 S  SG  . CYS B 2 57  ? -4.194  9.626   -12.684 1.00 21.03 ? 57  CYS B SG  1 
ATOM   1400 N  N   . LEU B 2 58  ? -8.124  7.718   -10.302 1.00 35.30 ? 58  LEU B N   1 
ATOM   1401 C  CA  . LEU B 2 58  ? -9.554  7.715   -10.056 1.00 40.59 ? 58  LEU B CA  1 
ATOM   1402 C  C   . LEU B 2 58  ? -9.902  8.522   -8.805  1.00 43.86 ? 58  LEU B C   1 
ATOM   1403 O  O   . LEU B 2 58  ? -9.256  8.401   -7.767  1.00 43.25 ? 58  LEU B O   1 
ATOM   1404 C  CB  . LEU B 2 58  ? -10.114 6.289   -10.026 1.00 41.39 ? 58  LEU B CB  1 
ATOM   1405 C  CG  . LEU B 2 58  ? -11.266 6.012   -11.011 1.00 41.51 ? 58  LEU B CG  1 
ATOM   1406 C  CD1 . LEU B 2 58  ? -11.051 6.698   -12.329 1.00 43.07 ? 58  LEU B CD1 1 
ATOM   1407 C  CD2 . LEU B 2 58  ? -11.408 4.525   -11.229 1.00 42.92 ? 58  LEU B CD2 1 
ATOM   1408 N  N   . GLU B 2 59  ? -10.824 9.463   -8.984  1.00 49.37 ? 59  GLU B N   1 
ATOM   1409 C  CA  . GLU B 2 59  ? -11.284 10.345  -7.915  1.00 54.67 ? 59  GLU B CA  1 
ATOM   1410 C  C   . GLU B 2 59  ? -12.333 9.662   -7.048  1.00 57.35 ? 59  GLU B C   1 
ATOM   1411 O  O   . GLU B 2 59  ? -13.390 9.267   -7.539  1.00 57.38 ? 59  GLU B O   1 
ATOM   1412 C  CB  . GLU B 2 59  ? -11.877 11.615  -8.519  1.00 55.95 ? 59  GLU B CB  1 
ATOM   1413 C  CG  . GLU B 2 59  ? -10.940 12.346  -9.465  1.00 59.25 ? 59  GLU B CG  1 
ATOM   1414 C  CD  . GLU B 2 59  ? -11.610 13.527  -10.142 1.00 61.68 ? 59  GLU B CD  1 
ATOM   1415 O  OE1 . GLU B 2 59  ? -12.240 14.331  -9.419  1.00 62.71 ? 59  GLU B OE1 1 
ATOM   1416 O  OE2 . GLU B 2 59  ? -11.535 13.635  -11.391 1.00 61.09 ? 59  GLU B OE2 1 
ATOM   1417 N  N   . TYR B 2 60  ? -12.038 9.519   -5.764  1.00 61.41 ? 60  TYR B N   1 
ATOM   1418 C  CA  . TYR B 2 60  ? -12.966 8.881   -4.843  1.00 65.69 ? 60  TYR B CA  1 
ATOM   1419 C  C   . TYR B 2 60  ? -14.054 9.842   -4.368  1.00 68.27 ? 60  TYR B C   1 
ATOM   1420 O  O   . TYR B 2 60  ? -14.107 10.209  -3.190  1.00 68.86 ? 60  TYR B O   1 
ATOM   1421 C  CB  . TYR B 2 60  ? -12.208 8.266   -3.656  1.00 66.38 ? 60  TYR B CB  1 
ATOM   1422 C  CG  . TYR B 2 60  ? -11.467 6.983   -4.001  1.00 68.39 ? 60  TYR B CG  1 
ATOM   1423 C  CD1 . TYR B 2 60  ? -12.083 5.986   -4.744  1.00 69.70 ? 60  TYR B CD1 1 
ATOM   1424 C  CD2 . TYR B 2 60  ? -10.166 6.761   -3.565  1.00 69.61 ? 60  TYR B CD2 1 
ATOM   1425 C  CE1 . TYR B 2 60  ? -11.431 4.803   -5.041  1.00 70.38 ? 60  TYR B CE1 1 
ATOM   1426 C  CE2 . TYR B 2 60  ? -9.507  5.577   -3.860  1.00 70.71 ? 60  TYR B CE2 1 
ATOM   1427 C  CZ  . TYR B 2 60  ? -10.150 4.602   -4.599  1.00 70.78 ? 60  TYR B CZ  1 
ATOM   1428 O  OH  . TYR B 2 60  ? -9.520  3.414   -4.894  1.00 71.63 ? 60  TYR B OH  1 
ATOM   1429 N  N   . ARG B 2 61  ? -14.921 10.231  -5.300  1.00 70.97 ? 61  ARG B N   1 
ATOM   1430 C  CA  . ARG B 2 61  ? -16.035 11.137  -5.034  1.00 73.57 ? 61  ARG B CA  1 
ATOM   1431 C  C   . ARG B 2 61  ? -15.586 12.575  -4.810  1.00 74.26 ? 61  ARG B C   1 
ATOM   1432 O  O   . ARG B 2 61  ? -14.372 12.794  -4.619  1.00 74.40 ? 61  ARG B O   1 
ATOM   1433 C  CB  . ARG B 2 61  ? -16.850 10.637  -3.835  1.00 75.79 ? 61  ARG B CB  1 
ATOM   1434 C  CG  . ARG B 2 61  ? -18.343 10.511  -4.106  1.00 79.33 ? 61  ARG B CG  1 
ATOM   1435 C  CD  . ARG B 2 61  ? -19.115 11.729  -3.614  1.00 82.52 ? 61  ARG B CD  1 
ATOM   1436 N  NE  . ARG B 2 61  ? -19.660 11.545  -2.264  1.00 85.43 ? 61  ARG B NE  1 
ATOM   1437 C  CZ  . ARG B 2 61  ? -19.002 11.801  -1.135  1.00 86.56 ? 61  ARG B CZ  1 
ATOM   1438 N  NH1 . ARG B 2 61  ? -17.751 12.252  -1.174  1.00 86.82 ? 61  ARG B NH1 1 
ATOM   1439 N  NH2 . ARG B 2 61  ? -19.609 11.627  0.034   1.00 87.56 ? 61  ARG B NH2 1 
ATOM   1440 O  OXT . ARG B 2 61  ? -16.462 13.472  -4.839  1.00 74.97 ? 61  ARG B OXT 1 
HETATM 1441 NA NA  . NA  C 3 .   ? 6.636   -10.390 11.447  1.00 48.66 ? 121 NA  A NA  1 
HETATM 1442 NA NA  . NA  D 3 .   ? 11.839  2.472   5.118   1.00 16.83 ? 122 NA  A NA  1 
HETATM 1443 O  O   . HOH E 4 .   ? -0.310  -2.013  14.373  1.00 22.43 ? 123 HOH A O   1 
HETATM 1444 O  O   . HOH E 4 .   ? 20.315  -6.439  21.115  1.00 43.23 ? 124 HOH A O   1 
HETATM 1445 O  O   . HOH E 4 .   ? 10.231  -13.264 6.441   1.00 79.65 ? 125 HOH A O   1 
HETATM 1446 O  O   . HOH E 4 .   ? 18.425  -5.048  12.919  1.00 18.62 ? 126 HOH A O   1 
HETATM 1447 O  O   . HOH E 4 .   ? -3.633  6.264   -5.721  1.00 26.98 ? 127 HOH A O   1 
HETATM 1448 O  O   . HOH E 4 .   ? 30.422  -9.301  8.563   1.00 36.70 ? 128 HOH A O   1 
HETATM 1449 O  O   . HOH E 4 .   ? 11.855  0.403   20.504  0.50 41.87 ? 129 HOH A O   1 
HETATM 1450 O  O   . HOH E 4 .   ? 2.477   0.096   12.612  1.00 28.05 ? 130 HOH A O   1 
HETATM 1451 O  O   . HOH E 4 .   ? 4.117   -7.523  10.464  1.00 21.53 ? 131 HOH A O   1 
HETATM 1452 O  O   . HOH E 4 .   ? 8.672   -0.127  20.576  1.00 31.85 ? 132 HOH A O   1 
HETATM 1453 O  O   . HOH E 4 .   ? -15.530 -4.808  13.746  1.00 46.27 ? 133 HOH A O   1 
HETATM 1454 O  O   . HOH E 4 .   ? -2.267  -16.243 16.194  1.00 26.04 ? 134 HOH A O   1 
HETATM 1455 O  O   . HOH E 4 .   ? 1.012   4.841   -6.460  1.00 46.97 ? 135 HOH A O   1 
HETATM 1456 O  O   . HOH E 4 .   ? -0.755  -3.075  -5.272  1.00 26.43 ? 136 HOH A O   1 
HETATM 1457 O  O   . HOH E 4 .   ? 22.836  -5.258  11.897  1.00 35.45 ? 137 HOH A O   1 
HETATM 1458 O  O   . HOH E 4 .   ? 4.256   -8.787  7.239   1.00 37.63 ? 138 HOH A O   1 
HETATM 1459 O  O   . HOH E 4 .   ? 5.814   3.347   13.525  1.00 33.71 ? 139 HOH A O   1 
HETATM 1460 O  O   . HOH E 4 .   ? 22.929  -7.814  13.563  1.00 36.98 ? 140 HOH A O   1 
HETATM 1461 O  O   . HOH E 4 .   ? 27.000  -5.665  5.068   1.00 36.89 ? 141 HOH A O   1 
HETATM 1462 O  O   . HOH E 4 .   ? 3.291   2.645   12.936  1.00 49.70 ? 142 HOH A O   1 
HETATM 1463 O  O   . HOH E 4 .   ? -8.707  10.511  -2.960  1.00 69.38 ? 143 HOH A O   1 
HETATM 1464 O  O   . HOH E 4 .   ? -5.283  -1.912  17.912  1.00 44.90 ? 144 HOH A O   1 
HETATM 1465 O  O   . HOH E 4 .   ? 15.105  0.070   15.274  1.00 40.63 ? 145 HOH A O   1 
HETATM 1466 O  O   . HOH E 4 .   ? 8.534   1.310   18.440  1.00 31.93 ? 146 HOH A O   1 
HETATM 1467 O  O   . HOH E 4 .   ? 17.311  -9.756  8.053   1.00 80.35 ? 147 HOH A O   1 
HETATM 1468 O  O   . HOH E 4 .   ? 8.265   -2.628  -8.481  1.00 71.84 ? 148 HOH A O   1 
HETATM 1469 O  O   . HOH E 4 .   ? -4.220  -18.646 14.824  1.00 44.25 ? 149 HOH A O   1 
HETATM 1470 O  O   . HOH E 4 .   ? 10.814  6.812   5.488   1.00 38.26 ? 150 HOH A O   1 
HETATM 1471 O  O   . HOH E 4 .   ? 8.537   0.915   -7.636  1.00 50.52 ? 151 HOH A O   1 
HETATM 1472 O  O   . HOH E 4 .   ? 14.405  4.861   7.538   1.00 42.92 ? 152 HOH A O   1 
HETATM 1473 O  O   . HOH E 4 .   ? 1.564   -1.840  19.270  1.00 71.96 ? 153 HOH A O   1 
HETATM 1474 O  O   . HOH E 4 .   ? 5.454   5.178   -0.184  1.00 43.97 ? 154 HOH A O   1 
HETATM 1475 O  O   . HOH E 4 .   ? 3.049   -2.967  22.025  1.00 59.20 ? 155 HOH A O   1 
HETATM 1476 O  O   . HOH E 4 .   ? 7.719   3.364   11.137  1.00 17.33 ? 156 HOH A O   1 
HETATM 1477 O  O   . HOH E 4 .   ? 8.167   6.182   15.289  1.00 44.41 ? 157 HOH A O   1 
HETATM 1478 O  O   . HOH E 4 .   ? -6.132  -0.920  20.232  1.00 39.68 ? 158 HOH A O   1 
HETATM 1479 O  O   . HOH E 4 .   ? -12.147 -7.466  24.265  1.00 50.53 ? 159 HOH A O   1 
HETATM 1480 O  O   . HOH E 4 .   ? 6.664   9.666   3.184   1.00 56.99 ? 160 HOH A O   1 
HETATM 1481 O  O   . HOH E 4 .   ? 2.820   -8.948  23.425  1.00 60.68 ? 161 HOH A O   1 
HETATM 1482 O  O   . HOH E 4 .   ? 9.797   -9.372  -0.606  1.00 51.70 ? 162 HOH A O   1 
HETATM 1483 O  O   . HOH E 4 .   ? -17.889 -9.157  9.615   1.00 63.23 ? 163 HOH A O   1 
HETATM 1484 O  O   . HOH E 4 .   ? 13.941  -9.011  4.394   1.00 35.70 ? 164 HOH A O   1 
HETATM 1485 O  O   . HOH E 4 .   ? 26.650  -9.609  12.234  1.00 65.67 ? 165 HOH A O   1 
HETATM 1486 O  O   . HOH E 4 .   ? -11.013 -9.427  3.114   1.00 47.50 ? 166 HOH A O   1 
HETATM 1487 O  O   . HOH E 4 .   ? 12.923  0.294   17.582  1.00 34.57 ? 167 HOH A O   1 
HETATM 1488 O  O   . HOH E 4 .   ? 9.967   2.220   -10.341 1.00 61.12 ? 168 HOH A O   1 
HETATM 1489 O  O   . HOH E 4 .   ? 4.790   -0.529  19.602  1.00 48.90 ? 169 HOH A O   1 
HETATM 1490 O  O   . HOH E 4 .   ? 13.463  -11.002 6.263   1.00 50.95 ? 170 HOH A O   1 
HETATM 1491 O  O   . HOH E 4 .   ? 23.192  -5.106  15.107  1.00 43.99 ? 171 HOH A O   1 
HETATM 1492 O  O   . HOH E 4 .   ? 14.581  -12.651 4.324   1.00 61.78 ? 172 HOH A O   1 
HETATM 1493 O  O   . HOH E 4 .   ? 11.090  -1.790  21.695  1.00 33.45 ? 173 HOH A O   1 
HETATM 1494 O  O   . HOH F 4 .   ? 1.805   12.783  -20.141 1.00 14.80 ? 62  HOH B O   1 
HETATM 1495 O  O   . HOH F 4 .   ? 2.319   11.087  -29.988 1.00 14.76 ? 63  HOH B O   1 
HETATM 1496 O  O   . HOH F 4 .   ? -8.954  -0.511  -15.308 1.00 51.66 ? 64  HOH B O   1 
HETATM 1497 O  O   . HOH F 4 .   ? -5.960  15.310  -19.034 1.00 21.40 ? 65  HOH B O   1 
HETATM 1498 O  O   . HOH F 4 .   ? -10.588 11.590  -5.109  1.00 35.28 ? 66  HOH B O   1 
HETATM 1499 O  O   . HOH F 4 .   ? -9.980  17.111  -19.480 1.00 8.76  ? 67  HOH B O   1 
HETATM 1500 O  O   . HOH F 4 .   ? 5.422   12.573  -25.070 1.00 18.61 ? 68  HOH B O   1 
HETATM 1501 O  O   . HOH F 4 .   ? 3.386   3.241   -16.353 1.00 20.04 ? 69  HOH B O   1 
HETATM 1502 O  O   . HOH F 4 .   ? 0.496   -0.101  -22.767 1.00 27.11 ? 70  HOH B O   1 
HETATM 1503 O  O   . HOH F 4 .   ? 7.208   16.857  -31.074 0.50 17.14 ? 71  HOH B O   1 
HETATM 1504 O  O   . HOH F 4 .   ? 3.745   5.420   -19.008 1.00 19.66 ? 72  HOH B O   1 
HETATM 1505 O  O   . HOH F 4 .   ? 4.143   2.155   -22.045 1.00 53.53 ? 73  HOH B O   1 
HETATM 1506 O  O   . HOH F 4 .   ? 7.099   17.685  -24.165 1.00 53.18 ? 74  HOH B O   1 
HETATM 1507 O  O   . HOH F 4 .   ? -0.474  -2.929  -15.448 1.00 34.02 ? 75  HOH B O   1 
HETATM 1508 O  O   . HOH F 4 .   ? 1.258   -1.301  -25.671 1.00 53.29 ? 76  HOH B O   1 
HETATM 1509 O  O   . HOH F 4 .   ? -1.575  4.537   -32.617 1.00 26.76 ? 77  HOH B O   1 
HETATM 1510 O  O   . HOH F 4 .   ? -13.277 6.691   -23.843 1.00 51.52 ? 78  HOH B O   1 
HETATM 1511 O  O   . HOH F 4 .   ? -12.617 9.207   -11.300 1.00 35.00 ? 79  HOH B O   1 
HETATM 1512 O  O   . HOH F 4 .   ? 11.821  12.974  -17.608 1.00 30.78 ? 80  HOH B O   1 
HETATM 1513 O  O   . HOH F 4 .   ? 4.113   5.547   -15.555 1.00 53.30 ? 81  HOH B O   1 
HETATM 1514 O  O   . HOH F 4 .   ? 8.869   17.613  -22.326 1.00 31.85 ? 82  HOH B O   1 
HETATM 1515 O  O   . HOH F 4 .   ? 7.657   5.877   -25.971 1.00 54.76 ? 83  HOH B O   1 
HETATM 1516 O  O   . HOH F 4 .   ? -7.504  -3.627  -15.182 1.00 48.43 ? 84  HOH B O   1 
HETATM 1517 O  O   . HOH F 4 .   ? 8.376   8.376   -19.981 1.00 49.02 ? 85  HOH B O   1 
HETATM 1518 O  O   . HOH F 4 .   ? -2.554  -0.978  -24.456 1.00 44.17 ? 86  HOH B O   1 
HETATM 1519 O  O   . HOH F 4 .   ? -10.654 3.902   -24.634 1.00 44.34 ? 87  HOH B O   1 
HETATM 1520 O  O   . HOH F 4 .   ? 12.000  14.649  -21.455 1.00 39.20 ? 88  HOH B O   1 
HETATM 1521 O  O   . HOH F 4 .   ? 5.062   4.587   -21.340 1.00 60.50 ? 89  HOH B O   1 
HETATM 1522 O  O   . HOH F 4 .   ? 3.151   4.798   -12.044 1.00 37.15 ? 90  HOH B O   1 
HETATM 1523 O  O   . HOH F 4 .   ? 6.830   19.660  -22.232 1.00 36.82 ? 91  HOH B O   1 
# 
